data_3TO5
# 
_entry.id   3TO5 
# 
_audit_conform.dict_name       mmcif_pdbx.dic 
_audit_conform.dict_version    5.380 
_audit_conform.dict_location   http://mmcif.pdb.org/dictionaries/ascii/mmcif_pdbx.dic 
# 
loop_
_database_2.database_id 
_database_2.database_code 
_database_2.pdbx_database_accession 
_database_2.pdbx_DOI 
PDB   3TO5         pdb_00003to5 10.2210/pdb3to5/pdb 
RCSB  RCSB067712   ?            ?                   
WWPDB D_1000067712 ?            ?                   
# 
loop_
_pdbx_database_related.db_name 
_pdbx_database_related.db_id 
_pdbx_database_related.details 
_pdbx_database_related.content_type 
PDB 4LX8 . unspecified 
PDB 4H60 . unspecified 
PDB 4HNQ . unspecified 
PDB 4HNR . unspecified 
PDB 4HNS . unspecified 
# 
_pdbx_database_status.status_code                     REL 
_pdbx_database_status.entry_id                        3TO5 
_pdbx_database_status.recvd_initial_deposition_date   2011-09-04 
_pdbx_database_status.deposit_site                    RCSB 
_pdbx_database_status.process_site                    PDBJ 
_pdbx_database_status.status_code_sf                  REL 
_pdbx_database_status.status_code_mr                  ? 
_pdbx_database_status.SG_entry                        ? 
_pdbx_database_status.status_code_cs                  ? 
_pdbx_database_status.methods_development_category    ? 
_pdbx_database_status.pdb_format_compatible           Y 
_pdbx_database_status.status_code_nmr_data            ? 
# 
loop_
_audit_author.name 
_audit_author.pdbx_ordinal 
'Dasgupta, J.' 1 
'Sen, U.'      2 
'Biswas, M.'   3 
# 
_citation.id                        primary 
_citation.title                     
'Conformational Barrier of CheY3 and Inability of CheY4 to Bind FliM Control the Flagellar Motor Action in Vibrio cholerae' 
_citation.journal_abbrev            'Plos One' 
_citation.journal_volume            8 
_citation.page_first                e73923 
_citation.page_last                 e73923 
_citation.year                      2013 
_citation.journal_id_ASTM           ? 
_citation.country                   US 
_citation.journal_id_ISSN           1932-6203 
_citation.journal_id_CSD            ? 
_citation.book_publisher            ? 
_citation.pdbx_database_id_PubMed   24066084 
_citation.pdbx_database_id_DOI      10.1371/journal.pone.0073923 
# 
loop_
_citation_author.citation_id 
_citation_author.name 
_citation_author.ordinal 
_citation_author.identifier_ORCID 
primary 'Biswas, M.'   1 ? 
primary 'Dey, S.'      2 ? 
primary 'Khamrui, S.'  3 ? 
primary 'Sen, U.'      4 ? 
primary 'Dasgupta, J.' 5 ? 
# 
_cell.entry_id           3TO5 
_cell.length_a           68.057 
_cell.length_b           68.057 
_cell.length_c           75.750 
_cell.angle_alpha        90.00 
_cell.angle_beta         90.00 
_cell.angle_gamma        120.00 
_cell.Z_PDB              9 
_cell.pdbx_unique_axis   ? 
_cell.length_a_esd       ? 
_cell.length_b_esd       ? 
_cell.length_c_esd       ? 
_cell.angle_alpha_esd    ? 
_cell.angle_beta_esd     ? 
_cell.angle_gamma_esd    ? 
# 
_symmetry.entry_id                         3TO5 
_symmetry.space_group_name_H-M             'H 3' 
_symmetry.pdbx_full_space_group_name_H-M   ? 
_symmetry.cell_setting                     ? 
_symmetry.Int_Tables_number                146 
_symmetry.space_group_name_Hall            ? 
# 
loop_
_entity.id 
_entity.type 
_entity.src_method 
_entity.pdbx_description 
_entity.formula_weight 
_entity.pdbx_number_of_molecules 
_entity.pdbx_ec 
_entity.pdbx_mutation 
_entity.pdbx_fragment 
_entity.details 
1 polymer     man 'CheY homolog' 15180.738 1   ? ? ? ? 
2 non-polymer syn 'CALCIUM ION'  40.078    1   ? ? ? ? 
3 water       nat water          18.015    175 ? ? ? ? 
# 
_entity_name_com.entity_id   1 
_entity_name_com.name        'Chemotaxis protein CheY' 
# 
_entity_poly.entity_id                      1 
_entity_poly.type                           'polypeptide(L)' 
_entity_poly.nstd_linkage                   no 
_entity_poly.nstd_monomer                   no 
_entity_poly.pdbx_seq_one_letter_code       
;GSHMMEAILNKNMKILIVDDFSTMRRIVKNLLRDLGFNNTQEADDGLTALPMLKKGDFDFVVTDWNMPGMQGIDLLKNIR
ADEELKHLPVLMITAEAKREQIIEAAQAGVNGYIVKPFTAATLKEKLDKIFERL
;
_entity_poly.pdbx_seq_one_letter_code_can   
;GSHMMEAILNKNMKILIVDDFSTMRRIVKNLLRDLGFNNTQEADDGLTALPMLKKGDFDFVVTDWNMPGMQGIDLLKNIR
ADEELKHLPVLMITAEAKREQIIEAAQAGVNGYIVKPFTAATLKEKLDKIFERL
;
_entity_poly.pdbx_strand_id                 A 
_entity_poly.pdbx_target_identifier         ? 
# 
loop_
_entity_poly_seq.entity_id 
_entity_poly_seq.num 
_entity_poly_seq.mon_id 
_entity_poly_seq.hetero 
1 1   GLY n 
1 2   SER n 
1 3   HIS n 
1 4   MET n 
1 5   MET n 
1 6   GLU n 
1 7   ALA n 
1 8   ILE n 
1 9   LEU n 
1 10  ASN n 
1 11  LYS n 
1 12  ASN n 
1 13  MET n 
1 14  LYS n 
1 15  ILE n 
1 16  LEU n 
1 17  ILE n 
1 18  VAL n 
1 19  ASP n 
1 20  ASP n 
1 21  PHE n 
1 22  SER n 
1 23  THR n 
1 24  MET n 
1 25  ARG n 
1 26  ARG n 
1 27  ILE n 
1 28  VAL n 
1 29  LYS n 
1 30  ASN n 
1 31  LEU n 
1 32  LEU n 
1 33  ARG n 
1 34  ASP n 
1 35  LEU n 
1 36  GLY n 
1 37  PHE n 
1 38  ASN n 
1 39  ASN n 
1 40  THR n 
1 41  GLN n 
1 42  GLU n 
1 43  ALA n 
1 44  ASP n 
1 45  ASP n 
1 46  GLY n 
1 47  LEU n 
1 48  THR n 
1 49  ALA n 
1 50  LEU n 
1 51  PRO n 
1 52  MET n 
1 53  LEU n 
1 54  LYS n 
1 55  LYS n 
1 56  GLY n 
1 57  ASP n 
1 58  PHE n 
1 59  ASP n 
1 60  PHE n 
1 61  VAL n 
1 62  VAL n 
1 63  THR n 
1 64  ASP n 
1 65  TRP n 
1 66  ASN n 
1 67  MET n 
1 68  PRO n 
1 69  GLY n 
1 70  MET n 
1 71  GLN n 
1 72  GLY n 
1 73  ILE n 
1 74  ASP n 
1 75  LEU n 
1 76  LEU n 
1 77  LYS n 
1 78  ASN n 
1 79  ILE n 
1 80  ARG n 
1 81  ALA n 
1 82  ASP n 
1 83  GLU n 
1 84  GLU n 
1 85  LEU n 
1 86  LYS n 
1 87  HIS n 
1 88  LEU n 
1 89  PRO n 
1 90  VAL n 
1 91  LEU n 
1 92  MET n 
1 93  ILE n 
1 94  THR n 
1 95  ALA n 
1 96  GLU n 
1 97  ALA n 
1 98  LYS n 
1 99  ARG n 
1 100 GLU n 
1 101 GLN n 
1 102 ILE n 
1 103 ILE n 
1 104 GLU n 
1 105 ALA n 
1 106 ALA n 
1 107 GLN n 
1 108 ALA n 
1 109 GLY n 
1 110 VAL n 
1 111 ASN n 
1 112 GLY n 
1 113 TYR n 
1 114 ILE n 
1 115 VAL n 
1 116 LYS n 
1 117 PRO n 
1 118 PHE n 
1 119 THR n 
1 120 ALA n 
1 121 ALA n 
1 122 THR n 
1 123 LEU n 
1 124 LYS n 
1 125 GLU n 
1 126 LYS n 
1 127 LEU n 
1 128 ASP n 
1 129 LYS n 
1 130 ILE n 
1 131 PHE n 
1 132 GLU n 
1 133 ARG n 
1 134 LEU n 
# 
_entity_src_gen.entity_id                          1 
_entity_src_gen.pdbx_src_id                        1 
_entity_src_gen.pdbx_alt_source_flag               sample 
_entity_src_gen.pdbx_seq_type                      ? 
_entity_src_gen.pdbx_beg_seq_num                   ? 
_entity_src_gen.pdbx_end_seq_num                   ? 
_entity_src_gen.gene_src_common_name               ? 
_entity_src_gen.gene_src_genus                     ? 
_entity_src_gen.pdbx_gene_src_gene                 'cheY3, VC_2065' 
_entity_src_gen.gene_src_species                   ? 
_entity_src_gen.gene_src_strain                    ? 
_entity_src_gen.gene_src_tissue                    ? 
_entity_src_gen.gene_src_tissue_fraction           ? 
_entity_src_gen.gene_src_details                   ? 
_entity_src_gen.pdbx_gene_src_fragment             ? 
_entity_src_gen.pdbx_gene_src_scientific_name      'Vibrio cholerae' 
_entity_src_gen.pdbx_gene_src_ncbi_taxonomy_id     666 
_entity_src_gen.pdbx_gene_src_variant              ? 
_entity_src_gen.pdbx_gene_src_cell_line            ? 
_entity_src_gen.pdbx_gene_src_atcc                 ? 
_entity_src_gen.pdbx_gene_src_organ                ? 
_entity_src_gen.pdbx_gene_src_organelle            ? 
_entity_src_gen.pdbx_gene_src_cell                 ? 
_entity_src_gen.pdbx_gene_src_cellular_location    ? 
_entity_src_gen.host_org_common_name               ? 
_entity_src_gen.pdbx_host_org_scientific_name      'Escherichia coli' 
_entity_src_gen.pdbx_host_org_ncbi_taxonomy_id     562 
_entity_src_gen.host_org_genus                     ? 
_entity_src_gen.pdbx_host_org_gene                 ? 
_entity_src_gen.pdbx_host_org_organ                ? 
_entity_src_gen.host_org_species                   ? 
_entity_src_gen.pdbx_host_org_tissue               ? 
_entity_src_gen.pdbx_host_org_tissue_fraction      ? 
_entity_src_gen.pdbx_host_org_strain               Bl21 
_entity_src_gen.pdbx_host_org_variant              ? 
_entity_src_gen.pdbx_host_org_cell_line            ? 
_entity_src_gen.pdbx_host_org_atcc                 ? 
_entity_src_gen.pdbx_host_org_culture_collection   ? 
_entity_src_gen.pdbx_host_org_cell                 ? 
_entity_src_gen.pdbx_host_org_organelle            ? 
_entity_src_gen.pdbx_host_org_cellular_location    ? 
_entity_src_gen.pdbx_host_org_vector_type          plasmid 
_entity_src_gen.pdbx_host_org_vector               ? 
_entity_src_gen.host_org_details                   ? 
_entity_src_gen.expression_system_id               ? 
_entity_src_gen.plasmid_name                       pET28a+ 
_entity_src_gen.plasmid_details                    ? 
_entity_src_gen.pdbx_description                   ? 
# 
_struct_ref.id                         1 
_struct_ref.db_name                    UNP 
_struct_ref.db_code                    Q9KQD5_VIBCH 
_struct_ref.pdbx_db_accession          Q9KQD5 
_struct_ref.entity_id                  1 
_struct_ref.pdbx_seq_one_letter_code   
;MEAILNKNMKILIVDDFSTMRRIVKNLLRDLGFNNTQEADDGLTALPMLKKGDFDFVVTDWNMPGMQGIDLLKNIRADEE
LKHLPVLMITAEAKREQIIEAAQAGVNGYIVKPFTAATLKEKLDKIFERL
;
_struct_ref.pdbx_align_begin           1 
_struct_ref.pdbx_db_isoform            ? 
# 
_struct_ref_seq.align_id                      1 
_struct_ref_seq.ref_id                        1 
_struct_ref_seq.pdbx_PDB_id_code              3TO5 
_struct_ref_seq.pdbx_strand_id                A 
_struct_ref_seq.seq_align_beg                 5 
_struct_ref_seq.pdbx_seq_align_beg_ins_code   ? 
_struct_ref_seq.seq_align_end                 134 
_struct_ref_seq.pdbx_seq_align_end_ins_code   ? 
_struct_ref_seq.pdbx_db_accession             Q9KQD5 
_struct_ref_seq.db_align_beg                  1 
_struct_ref_seq.pdbx_db_align_beg_ins_code    ? 
_struct_ref_seq.db_align_end                  130 
_struct_ref_seq.pdbx_db_align_end_ins_code    ? 
_struct_ref_seq.pdbx_auth_seq_align_beg       1 
_struct_ref_seq.pdbx_auth_seq_align_end       130 
# 
loop_
_struct_ref_seq_dif.align_id 
_struct_ref_seq_dif.pdbx_pdb_id_code 
_struct_ref_seq_dif.mon_id 
_struct_ref_seq_dif.pdbx_pdb_strand_id 
_struct_ref_seq_dif.seq_num 
_struct_ref_seq_dif.pdbx_pdb_ins_code 
_struct_ref_seq_dif.pdbx_seq_db_name 
_struct_ref_seq_dif.pdbx_seq_db_accession_code 
_struct_ref_seq_dif.db_mon_id 
_struct_ref_seq_dif.pdbx_seq_db_seq_num 
_struct_ref_seq_dif.details 
_struct_ref_seq_dif.pdbx_auth_seq_num 
_struct_ref_seq_dif.pdbx_ordinal 
1 3TO5 GLY A 1 ? UNP Q9KQD5 ? ? 'expression tag' -3 1 
1 3TO5 SER A 2 ? UNP Q9KQD5 ? ? 'expression tag' -2 2 
1 3TO5 HIS A 3 ? UNP Q9KQD5 ? ? 'expression tag' -1 3 
1 3TO5 MET A 4 ? UNP Q9KQD5 ? ? 'expression tag' 0  4 
# 
loop_
_chem_comp.id 
_chem_comp.type 
_chem_comp.mon_nstd_flag 
_chem_comp.name 
_chem_comp.pdbx_synonyms 
_chem_comp.formula 
_chem_comp.formula_weight 
ALA 'L-peptide linking' y ALANINE         ? 'C3 H7 N O2'     89.093  
ARG 'L-peptide linking' y ARGININE        ? 'C6 H15 N4 O2 1' 175.209 
ASN 'L-peptide linking' y ASPARAGINE      ? 'C4 H8 N2 O3'    132.118 
ASP 'L-peptide linking' y 'ASPARTIC ACID' ? 'C4 H7 N O4'     133.103 
CA  non-polymer         . 'CALCIUM ION'   ? 'Ca 2'           40.078  
GLN 'L-peptide linking' y GLUTAMINE       ? 'C5 H10 N2 O3'   146.144 
GLU 'L-peptide linking' y 'GLUTAMIC ACID' ? 'C5 H9 N O4'     147.129 
GLY 'peptide linking'   y GLYCINE         ? 'C2 H5 N O2'     75.067  
HIS 'L-peptide linking' y HISTIDINE       ? 'C6 H10 N3 O2 1' 156.162 
HOH non-polymer         . WATER           ? 'H2 O'           18.015  
ILE 'L-peptide linking' y ISOLEUCINE      ? 'C6 H13 N O2'    131.173 
LEU 'L-peptide linking' y LEUCINE         ? 'C6 H13 N O2'    131.173 
LYS 'L-peptide linking' y LYSINE          ? 'C6 H15 N2 O2 1' 147.195 
MET 'L-peptide linking' y METHIONINE      ? 'C5 H11 N O2 S'  149.211 
PHE 'L-peptide linking' y PHENYLALANINE   ? 'C9 H11 N O2'    165.189 
PRO 'L-peptide linking' y PROLINE         ? 'C5 H9 N O2'     115.130 
SER 'L-peptide linking' y SERINE          ? 'C3 H7 N O3'     105.093 
THR 'L-peptide linking' y THREONINE       ? 'C4 H9 N O3'     119.119 
TRP 'L-peptide linking' y TRYPTOPHAN      ? 'C11 H12 N2 O2'  204.225 
TYR 'L-peptide linking' y TYROSINE        ? 'C9 H11 N O3'    181.189 
VAL 'L-peptide linking' y VALINE          ? 'C5 H11 N O2'    117.146 
# 
_exptl.entry_id          3TO5 
_exptl.method            'X-RAY DIFFRACTION' 
_exptl.crystals_number   1 
# 
_exptl_crystal.id                    1 
_exptl_crystal.density_meas          ? 
_exptl_crystal.density_Matthews      2.22 
_exptl_crystal.density_percent_sol   44.69 
_exptl_crystal.description           ? 
_exptl_crystal.F_000                 ? 
_exptl_crystal.preparation           ? 
# 
_exptl_crystal_grow.crystal_id      1 
_exptl_crystal_grow.method          'VAPOR DIFFUSION, HANGING DROP' 
_exptl_crystal_grow.temp            293 
_exptl_crystal_grow.temp_details    ? 
_exptl_crystal_grow.pH              7.0 
_exptl_crystal_grow.pdbx_details    '20% PEG 6000, 0.1M Tris, pH 7.0, VAPOR DIFFUSION, HANGING DROP, temperature 293K' 
_exptl_crystal_grow.pdbx_pH_range   ? 
# 
_diffrn.id                     1 
_diffrn.ambient_temp           100 
_diffrn.ambient_temp_details   ? 
_diffrn.crystal_id             1 
# 
_diffrn_detector.diffrn_id              1 
_diffrn_detector.detector               'IMAGE PLATE' 
_diffrn_detector.type                   'MAR scanner 345 mm plate' 
_diffrn_detector.pdbx_collection_date   2010-08-10 
_diffrn_detector.details                ? 
# 
_diffrn_radiation.diffrn_id                        1 
_diffrn_radiation.wavelength_id                    1 
_diffrn_radiation.pdbx_monochromatic_or_laue_m_l   M 
_diffrn_radiation.monochromator                    Graphite 
_diffrn_radiation.pdbx_diffrn_protocol             LAUE 
_diffrn_radiation.pdbx_scattering_type             neutron 
# 
_diffrn_radiation_wavelength.id           1 
_diffrn_radiation_wavelength.wavelength   1.54 
_diffrn_radiation_wavelength.wt           1.0 
# 
_diffrn_source.diffrn_id                   1 
_diffrn_source.source                      'ROTATING ANODE' 
_diffrn_source.type                        'RIGAKU RU200' 
_diffrn_source.pdbx_synchrotron_site       ? 
_diffrn_source.pdbx_synchrotron_beamline   ? 
_diffrn_source.pdbx_wavelength             ? 
_diffrn_source.pdbx_wavelength_list        1.54 
# 
_reflns.entry_id                     3TO5 
_reflns.observed_criterion_sigma_I   0.0 
_reflns.observed_criterion_sigma_F   0.0 
_reflns.d_resolution_low             30 
_reflns.d_resolution_high            1.65 
_reflns.number_obs                   14876 
_reflns.number_all                   15742 
_reflns.percent_possible_obs         94.3 
_reflns.pdbx_Rmerge_I_obs            ? 
_reflns.pdbx_Rsym_value              ? 
_reflns.pdbx_netI_over_sigmaI        ? 
_reflns.B_iso_Wilson_estimate        21.6 
_reflns.pdbx_redundancy              ? 
_reflns.R_free_details               ? 
_reflns.limit_h_max                  ? 
_reflns.limit_h_min                  ? 
_reflns.limit_k_max                  ? 
_reflns.limit_k_min                  ? 
_reflns.limit_l_max                  ? 
_reflns.limit_l_min                  ? 
_reflns.observed_criterion_F_max     ? 
_reflns.observed_criterion_F_min     ? 
_reflns.pdbx_chi_squared             ? 
_reflns.pdbx_scaling_rejects         ? 
_reflns.pdbx_ordinal                 1 
_reflns.pdbx_diffrn_id               1 
# 
_reflns_shell.d_res_high                  1.65 
_reflns_shell.d_res_low                   1.75 
_reflns_shell.percent_possible_all        91.4 
_reflns_shell.Rmerge_I_obs                ? 
_reflns_shell.pdbx_Rsym_value             ? 
_reflns_shell.meanI_over_sigI_obs         ? 
_reflns_shell.pdbx_redundancy             ? 
_reflns_shell.percent_possible_obs        ? 
_reflns_shell.number_unique_all           ? 
_reflns_shell.number_measured_all         ? 
_reflns_shell.number_measured_obs         ? 
_reflns_shell.number_unique_obs           ? 
_reflns_shell.pdbx_chi_squared            ? 
_reflns_shell.pdbx_rejects                ? 
_reflns_shell.pdbx_netI_over_sigmaI_obs   ? 
_reflns_shell.number_possible             ? 
_reflns_shell.Rmerge_F_all                ? 
_reflns_shell.Rmerge_F_obs                ? 
_reflns_shell.Rmerge_I_all                ? 
_reflns_shell.meanI_over_sigI_all         ? 
_reflns_shell.pdbx_Rrim_I_all             ? 
_reflns_shell.pdbx_Rpim_I_all             ? 
_reflns_shell.pdbx_ordinal                1 
_reflns_shell.pdbx_diffrn_id              1 
# 
_refine.entry_id                                 3TO5 
_refine.ls_number_reflns_obs                     14876 
_refine.ls_number_reflns_all                     15742 
_refine.pdbx_ls_sigma_I                          ? 
_refine.pdbx_ls_sigma_F                          0.0 
_refine.pdbx_data_cutoff_high_absF               1223213.73 
_refine.pdbx_data_cutoff_low_absF                0.000000 
_refine.pdbx_data_cutoff_high_rms_absF           ? 
_refine.ls_d_res_low                             23.26 
_refine.ls_d_res_high                            1.65 
_refine.ls_percent_reflns_obs                    94.3 
_refine.ls_R_factor_obs                          0.202 
_refine.ls_R_factor_all                          0.204 
_refine.ls_R_factor_R_work                       0.202 
_refine.ls_R_factor_R_free                       0.229 
_refine.ls_R_factor_R_free_error                 0.008 
_refine.ls_R_factor_R_free_error_details         ? 
_refine.ls_percent_reflns_R_free                 5.1 
_refine.ls_number_reflns_R_free                  764 
_refine.ls_number_parameters                     ? 
_refine.ls_number_restraints                     ? 
_refine.occupancy_min                            ? 
_refine.occupancy_max                            ? 
_refine.correlation_coeff_Fo_to_Fc               ? 
_refine.correlation_coeff_Fo_to_Fc_free          ? 
_refine.B_iso_mean                               21.0 
_refine.aniso_B[1][1]                            0.62 
_refine.aniso_B[2][2]                            0.62 
_refine.aniso_B[3][3]                            -1.23 
_refine.aniso_B[1][2]                            0.00 
_refine.aniso_B[1][3]                            0.00 
_refine.aniso_B[2][3]                            0.00 
_refine.solvent_model_details                    'FLAT MODEL' 
_refine.solvent_model_param_ksol                 0.4 
_refine.solvent_model_param_bsol                 62.4456 
_refine.pdbx_solvent_vdw_probe_radii             ? 
_refine.pdbx_solvent_ion_probe_radii             ? 
_refine.pdbx_solvent_shrinkage_radii             ? 
_refine.pdbx_ls_cross_valid_method               THROUGHOUT 
_refine.details                                  'BULK SOLVENT MODEL USED' 
_refine.pdbx_starting_model                      'PDB ENTRY 2CHE' 
_refine.pdbx_method_to_determine_struct          'MOLECULAR REPLACEMENT' 
_refine.pdbx_isotropic_thermal_model             RESTRAINED 
_refine.pdbx_stereochemistry_target_values       'Engh & Huber' 
_refine.pdbx_stereochem_target_val_spec_case     ? 
_refine.pdbx_R_Free_selection_details            RANDOM 
_refine.pdbx_overall_ESU_R_Free                  ? 
_refine.overall_SU_ML                            ? 
_refine.pdbx_overall_phase_error                 ? 
_refine.overall_SU_B                             ? 
_refine.overall_SU_R_Cruickshank_DPI             ? 
_refine.ls_redundancy_reflns_obs                 ? 
_refine.B_iso_min                                ? 
_refine.B_iso_max                                ? 
_refine.overall_SU_R_free                        ? 
_refine.ls_wR_factor_R_free                      ? 
_refine.ls_wR_factor_R_work                      ? 
_refine.overall_FOM_free_R_set                   ? 
_refine.overall_FOM_work_R_set                   ? 
_refine.pdbx_diffrn_id                           1 
_refine.pdbx_refine_id                           'X-RAY DIFFRACTION' 
_refine.pdbx_overall_ESU_R                       ? 
_refine.pdbx_TLS_residual_ADP_flag               ? 
_refine.pdbx_overall_SU_R_free_Cruickshank_DPI   ? 
_refine.pdbx_overall_SU_R_Blow_DPI               ? 
_refine.pdbx_overall_SU_R_free_Blow_DPI          ? 
# 
_refine_analyze.entry_id                        3TO5 
_refine_analyze.Luzzati_coordinate_error_obs    0.19 
_refine_analyze.Luzzati_sigma_a_obs             0.16 
_refine_analyze.Luzzati_d_res_low_obs           5.00 
_refine_analyze.Luzzati_coordinate_error_free   0.24 
_refine_analyze.Luzzati_sigma_a_free            0.17 
_refine_analyze.Luzzati_d_res_low_free          ? 
_refine_analyze.number_disordered_residues      ? 
_refine_analyze.occupancy_sum_hydrogen          ? 
_refine_analyze.occupancy_sum_non_hydrogen      ? 
_refine_analyze.pdbx_Luzzati_d_res_high_obs     ? 
_refine_analyze.pdbx_refine_id                  'X-RAY DIFFRACTION' 
# 
_refine_hist.pdbx_refine_id                   'X-RAY DIFFRACTION' 
_refine_hist.cycle_id                         LAST 
_refine_hist.pdbx_number_atoms_protein        980 
_refine_hist.pdbx_number_atoms_nucleic_acid   0 
_refine_hist.pdbx_number_atoms_ligand         1 
_refine_hist.number_atoms_solvent             175 
_refine_hist.number_atoms_total               1156 
_refine_hist.d_res_high                       1.65 
_refine_hist.d_res_low                        23.26 
# 
loop_
_refine_ls_restr.type 
_refine_ls_restr.dev_ideal 
_refine_ls_restr.dev_ideal_target 
_refine_ls_restr.weight 
_refine_ls_restr.number 
_refine_ls_restr.pdbx_restraint_function 
_refine_ls_restr.pdbx_refine_id 
c_bond_d           0.005 ?    ? ? ? 'X-RAY DIFFRACTION' 
c_angle_deg        1.3   ?    ? ? ? 'X-RAY DIFFRACTION' 
c_dihedral_angle_d 22.4  ?    ? ? ? 'X-RAY DIFFRACTION' 
c_improper_angle_d 0.87  ?    ? ? ? 'X-RAY DIFFRACTION' 
c_mcbond_it        2.20  1.50 ? ? ? 'X-RAY DIFFRACTION' 
c_mcangle_it       3.43  2.00 ? ? ? 'X-RAY DIFFRACTION' 
c_scbond_it        3.56  2.00 ? ? ? 'X-RAY DIFFRACTION' 
c_scangle_it       5.57  2.50 ? ? ? 'X-RAY DIFFRACTION' 
# 
_refine_ls_shell.pdbx_refine_id                   'X-RAY DIFFRACTION' 
_refine_ls_shell.pdbx_total_number_of_bins_used   6 
_refine_ls_shell.d_res_high                       1.65 
_refine_ls_shell.d_res_low                        1.75 
_refine_ls_shell.number_reflns_R_work             2264 
_refine_ls_shell.R_factor_R_work                  0.309 
_refine_ls_shell.percent_reflns_obs               91.4 
_refine_ls_shell.R_factor_R_free                  0.324 
_refine_ls_shell.R_factor_R_free_error            0.028 
_refine_ls_shell.percent_reflns_R_free            5.6 
_refine_ls_shell.number_reflns_R_free             134 
_refine_ls_shell.number_reflns_all                ? 
_refine_ls_shell.R_factor_all                     ? 
_refine_ls_shell.number_reflns_obs                ? 
_refine_ls_shell.redundancy_reflns_obs            ? 
# 
loop_
_pdbx_xplor_file.pdbx_refine_id 
_pdbx_xplor_file.serial_no 
_pdbx_xplor_file.param_file 
_pdbx_xplor_file.topol_file 
'X-RAY DIFFRACTION' 1 protein_rep.param protein.top   
'X-RAY DIFFRACTION' 2 cis_peptide.param water_rep.top 
'X-RAY DIFFRACTION' 3 water_rep.param   ion.top       
'X-RAY DIFFRACTION' 4 ion.param         ?             
# 
_struct.entry_id                  3TO5 
_struct.title                     'High resolution structure of CheY3 from Vibrio cholerae' 
_struct.pdbx_model_details        ? 
_struct.pdbx_CASP_flag            ? 
_struct.pdbx_model_type_details   ? 
# 
_struct_keywords.entry_id        3TO5 
_struct_keywords.pdbx_keywords   'SIGNALING PROTEIN' 
_struct_keywords.text            'alpha(5)beta(5), Chemotaxis, FliM, Phosphorylation, Motor action, SIGNALING PROTEIN' 
# 
loop_
_struct_asym.id 
_struct_asym.pdbx_blank_PDB_chainid_flag 
_struct_asym.pdbx_modified 
_struct_asym.entity_id 
_struct_asym.details 
A N N 1 ? 
B N N 2 ? 
C N N 3 ? 
# 
_struct_biol.id        1 
_struct_biol.details   ? 
# 
loop_
_struct_conf.conf_type_id 
_struct_conf.id 
_struct_conf.pdbx_PDB_helix_id 
_struct_conf.beg_label_comp_id 
_struct_conf.beg_label_asym_id 
_struct_conf.beg_label_seq_id 
_struct_conf.pdbx_beg_PDB_ins_code 
_struct_conf.end_label_comp_id 
_struct_conf.end_label_asym_id 
_struct_conf.end_label_seq_id 
_struct_conf.pdbx_end_PDB_ins_code 
_struct_conf.beg_auth_comp_id 
_struct_conf.beg_auth_asym_id 
_struct_conf.beg_auth_seq_id 
_struct_conf.end_auth_comp_id 
_struct_conf.end_auth_asym_id 
_struct_conf.end_auth_seq_id 
_struct_conf.pdbx_PDB_helix_class 
_struct_conf.details 
_struct_conf.pdbx_PDB_helix_length 
HELX_P HELX_P1 1 PHE A 21  ? LEU A 35  ? PHE A 17  LEU A 31  1 ? 15 
HELX_P HELX_P2 2 ASP A 45  ? ASP A 57  ? ASP A 41  ASP A 53  1 ? 13 
HELX_P HELX_P3 3 GLN A 71  ? ASP A 82  ? GLN A 67  ASP A 78  1 ? 12 
HELX_P HELX_P4 4 LYS A 98  ? ALA A 108 ? LYS A 94  ALA A 104 1 ? 11 
HELX_P HELX_P5 5 THR A 119 ? PHE A 131 ? THR A 115 PHE A 127 1 ? 13 
# 
_struct_conf_type.id          HELX_P 
_struct_conf_type.criteria    ? 
_struct_conf_type.reference   ? 
# 
loop_
_struct_conn.id 
_struct_conn.conn_type_id 
_struct_conn.pdbx_leaving_atom_flag 
_struct_conn.pdbx_PDB_id 
_struct_conn.ptnr1_label_asym_id 
_struct_conn.ptnr1_label_comp_id 
_struct_conn.ptnr1_label_seq_id 
_struct_conn.ptnr1_label_atom_id 
_struct_conn.pdbx_ptnr1_label_alt_id 
_struct_conn.pdbx_ptnr1_PDB_ins_code 
_struct_conn.pdbx_ptnr1_standard_comp_id 
_struct_conn.ptnr1_symmetry 
_struct_conn.ptnr2_label_asym_id 
_struct_conn.ptnr2_label_comp_id 
_struct_conn.ptnr2_label_seq_id 
_struct_conn.ptnr2_label_atom_id 
_struct_conn.pdbx_ptnr2_label_alt_id 
_struct_conn.pdbx_ptnr2_PDB_ins_code 
_struct_conn.ptnr1_auth_asym_id 
_struct_conn.ptnr1_auth_comp_id 
_struct_conn.ptnr1_auth_seq_id 
_struct_conn.ptnr2_auth_asym_id 
_struct_conn.ptnr2_auth_comp_id 
_struct_conn.ptnr2_auth_seq_id 
_struct_conn.ptnr2_symmetry 
_struct_conn.pdbx_ptnr3_label_atom_id 
_struct_conn.pdbx_ptnr3_label_seq_id 
_struct_conn.pdbx_ptnr3_label_comp_id 
_struct_conn.pdbx_ptnr3_label_asym_id 
_struct_conn.pdbx_ptnr3_label_alt_id 
_struct_conn.pdbx_ptnr3_PDB_ins_code 
_struct_conn.details 
_struct_conn.pdbx_dist_value 
_struct_conn.pdbx_value_order 
_struct_conn.pdbx_role 
metalc1 metalc ? ? A ASP 19 OD2 ? ? ? 1_555 B CA  . CA ? ? A ASP 15  A CA  131 1_555 ? ? ? ? ? ? ? 2.515 ? ? 
metalc2 metalc ? ? A ASP 20 OD1 ? ? ? 1_555 B CA  . CA ? ? A ASP 16  A CA  131 1_555 ? ? ? ? ? ? ? 2.385 ? ? 
metalc3 metalc ? ? A ASP 64 OD2 ? ? ? 1_555 B CA  . CA ? ? A ASP 60  A CA  131 1_555 ? ? ? ? ? ? ? 2.389 ? ? 
metalc4 metalc ? ? A ASN 66 O   ? ? ? 1_555 B CA  . CA ? ? A ASN 62  A CA  131 1_555 ? ? ? ? ? ? ? 2.377 ? ? 
metalc5 metalc ? ? B CA  .  CA  ? ? ? 1_555 C HOH . O  ? ? A CA  131 A HOH 142 1_555 ? ? ? ? ? ? ? 2.355 ? ? 
metalc6 metalc ? ? B CA  .  CA  ? ? ? 1_555 C HOH . O  ? ? A CA  131 A HOH 160 1_555 ? ? ? ? ? ? ? 2.446 ? ? 
metalc7 metalc ? ? B CA  .  CA  ? ? ? 1_555 C HOH . O  ? ? A CA  131 A HOH 191 1_555 ? ? ? ? ? ? ? 2.424 ? ? 
# 
_struct_conn_type.id          metalc 
_struct_conn_type.criteria    ? 
_struct_conn_type.reference   ? 
# 
_struct_mon_prot_cis.pdbx_id                1 
_struct_mon_prot_cis.label_comp_id          LYS 
_struct_mon_prot_cis.label_seq_id           116 
_struct_mon_prot_cis.label_asym_id          A 
_struct_mon_prot_cis.label_alt_id           . 
_struct_mon_prot_cis.pdbx_PDB_ins_code      ? 
_struct_mon_prot_cis.auth_comp_id           LYS 
_struct_mon_prot_cis.auth_seq_id            112 
_struct_mon_prot_cis.auth_asym_id           A 
_struct_mon_prot_cis.pdbx_label_comp_id_2   PRO 
_struct_mon_prot_cis.pdbx_label_seq_id_2    117 
_struct_mon_prot_cis.pdbx_label_asym_id_2   A 
_struct_mon_prot_cis.pdbx_PDB_ins_code_2    ? 
_struct_mon_prot_cis.pdbx_auth_comp_id_2    PRO 
_struct_mon_prot_cis.pdbx_auth_seq_id_2     113 
_struct_mon_prot_cis.pdbx_auth_asym_id_2    A 
_struct_mon_prot_cis.pdbx_PDB_model_num     1 
_struct_mon_prot_cis.pdbx_omega_angle       -0.07 
# 
_struct_sheet.id               A 
_struct_sheet.type             ? 
_struct_sheet.number_strands   5 
_struct_sheet.details          ? 
# 
loop_
_struct_sheet_order.sheet_id 
_struct_sheet_order.range_id_1 
_struct_sheet_order.range_id_2 
_struct_sheet_order.offset 
_struct_sheet_order.sense 
A 1 2 ? parallel 
A 2 3 ? parallel 
A 3 4 ? parallel 
A 4 5 ? parallel 
# 
loop_
_struct_sheet_range.sheet_id 
_struct_sheet_range.id 
_struct_sheet_range.beg_label_comp_id 
_struct_sheet_range.beg_label_asym_id 
_struct_sheet_range.beg_label_seq_id 
_struct_sheet_range.pdbx_beg_PDB_ins_code 
_struct_sheet_range.end_label_comp_id 
_struct_sheet_range.end_label_asym_id 
_struct_sheet_range.end_label_seq_id 
_struct_sheet_range.pdbx_end_PDB_ins_code 
_struct_sheet_range.beg_auth_comp_id 
_struct_sheet_range.beg_auth_asym_id 
_struct_sheet_range.beg_auth_seq_id 
_struct_sheet_range.end_auth_comp_id 
_struct_sheet_range.end_auth_asym_id 
_struct_sheet_range.end_auth_seq_id 
A 1 THR A 40  ? ALA A 43  ? THR A 36  ALA A 39  
A 2 ILE A 15  ? VAL A 18  ? ILE A 11  VAL A 14  
A 3 PHE A 60  ? ASP A 64  ? PHE A 56  ASP A 60  
A 4 VAL A 90  ? THR A 94  ? VAL A 86  THR A 90  
A 5 GLY A 112 ? VAL A 115 ? GLY A 108 VAL A 111 
# 
loop_
_pdbx_struct_sheet_hbond.sheet_id 
_pdbx_struct_sheet_hbond.range_id_1 
_pdbx_struct_sheet_hbond.range_id_2 
_pdbx_struct_sheet_hbond.range_1_label_atom_id 
_pdbx_struct_sheet_hbond.range_1_label_comp_id 
_pdbx_struct_sheet_hbond.range_1_label_asym_id 
_pdbx_struct_sheet_hbond.range_1_label_seq_id 
_pdbx_struct_sheet_hbond.range_1_PDB_ins_code 
_pdbx_struct_sheet_hbond.range_1_auth_atom_id 
_pdbx_struct_sheet_hbond.range_1_auth_comp_id 
_pdbx_struct_sheet_hbond.range_1_auth_asym_id 
_pdbx_struct_sheet_hbond.range_1_auth_seq_id 
_pdbx_struct_sheet_hbond.range_2_label_atom_id 
_pdbx_struct_sheet_hbond.range_2_label_comp_id 
_pdbx_struct_sheet_hbond.range_2_label_asym_id 
_pdbx_struct_sheet_hbond.range_2_label_seq_id 
_pdbx_struct_sheet_hbond.range_2_PDB_ins_code 
_pdbx_struct_sheet_hbond.range_2_auth_atom_id 
_pdbx_struct_sheet_hbond.range_2_auth_comp_id 
_pdbx_struct_sheet_hbond.range_2_auth_asym_id 
_pdbx_struct_sheet_hbond.range_2_auth_seq_id 
A 1 2 O GLN A 41 ? O GLN A 37 N ILE A 17  ? N ILE A 13  
A 2 3 N VAL A 18 ? N VAL A 14 O VAL A 62  ? O VAL A 58  
A 3 4 N VAL A 61 ? N VAL A 57 O LEU A 91  ? O LEU A 87  
A 4 5 N MET A 92 ? N MET A 88 O GLY A 112 ? O GLY A 108 
# 
_struct_site.id                   AC1 
_struct_site.pdbx_evidence_code   Software 
_struct_site.pdbx_auth_asym_id    A 
_struct_site.pdbx_auth_comp_id    CA 
_struct_site.pdbx_auth_seq_id     131 
_struct_site.pdbx_auth_ins_code   ? 
_struct_site.pdbx_num_residues    7 
_struct_site.details              'BINDING SITE FOR RESIDUE CA A 131' 
# 
loop_
_struct_site_gen.id 
_struct_site_gen.site_id 
_struct_site_gen.pdbx_num_res 
_struct_site_gen.label_comp_id 
_struct_site_gen.label_asym_id 
_struct_site_gen.label_seq_id 
_struct_site_gen.pdbx_auth_ins_code 
_struct_site_gen.auth_comp_id 
_struct_site_gen.auth_asym_id 
_struct_site_gen.auth_seq_id 
_struct_site_gen.label_atom_id 
_struct_site_gen.label_alt_id 
_struct_site_gen.symmetry 
_struct_site_gen.details 
1 AC1 7 ASP A 19 ? ASP A 15  . ? 1_555 ? 
2 AC1 7 ASP A 20 ? ASP A 16  . ? 1_555 ? 
3 AC1 7 ASP A 64 ? ASP A 60  . ? 1_555 ? 
4 AC1 7 ASN A 66 ? ASN A 62  . ? 1_555 ? 
5 AC1 7 HOH C .  ? HOH A 142 . ? 1_555 ? 
6 AC1 7 HOH C .  ? HOH A 160 . ? 1_555 ? 
7 AC1 7 HOH C .  ? HOH A 191 . ? 1_555 ? 
# 
_atom_sites.entry_id                    3TO5 
_atom_sites.fract_transf_matrix[1][1]   -0.00715957 
_atom_sites.fract_transf_matrix[1][2]   -0.01175979 
_atom_sites.fract_transf_matrix[1][3]   -0.00991579 
_atom_sites.fract_transf_matrix[2][1]   -0.01522769 
_atom_sites.fract_transf_matrix[2][2]   -0.00633150 
_atom_sites.fract_transf_matrix[2][3]   0.00398856 
_atom_sites.fract_transf_matrix[3][1]   -0.00580784 
_atom_sites.fract_transf_matrix[3][2]   0.00950713 
_atom_sites.fract_transf_matrix[3][3]   -0.00708166 
_atom_sites.fract_transf_vector[1]      0.181180 
_atom_sites.fract_transf_vector[2]      0.306028 
_atom_sites.fract_transf_vector[3]      -0.001368 
# 
loop_
_atom_type.symbol 
C  
CA 
N  
O  
S  
# 
loop_
_atom_site.group_PDB 
_atom_site.id 
_atom_site.type_symbol 
_atom_site.label_atom_id 
_atom_site.label_alt_id 
_atom_site.label_comp_id 
_atom_site.label_asym_id 
_atom_site.label_entity_id 
_atom_site.label_seq_id 
_atom_site.pdbx_PDB_ins_code 
_atom_site.Cartn_x 
_atom_site.Cartn_y 
_atom_site.Cartn_z 
_atom_site.occupancy 
_atom_site.B_iso_or_equiv 
_atom_site.pdbx_formal_charge 
_atom_site.auth_seq_id 
_atom_site.auth_comp_id 
_atom_site.auth_asym_id 
_atom_site.auth_atom_id 
_atom_site.pdbx_PDB_model_num 
ATOM   1    N  N   . LEU A 1 9   ? -9.136  2.031   14.661  1.00 47.40 ? 5   LEU A N   1 
ATOM   2    C  CA  . LEU A 1 9   ? -8.044  2.569   13.801  1.00 48.58 ? 5   LEU A CA  1 
ATOM   3    C  C   . LEU A 1 9   ? -7.504  3.869   14.377  1.00 47.27 ? 5   LEU A C   1 
ATOM   4    O  O   . LEU A 1 9   ? -8.250  4.661   14.953  1.00 45.55 ? 5   LEU A O   1 
ATOM   5    C  CB  . LEU A 1 9   ? -8.566  2.807   12.381  1.00 31.19 ? 5   LEU A CB  1 
ATOM   6    N  N   . ASN A 1 10  ? -6.199  4.083   14.231  1.00 21.86 ? 6   ASN A N   1 
ATOM   7    C  CA  . ASN A 1 10  ? -5.590  5.311   14.718  1.00 22.88 ? 6   ASN A CA  1 
ATOM   8    C  C   . ASN A 1 10  ? -5.392  6.238   13.528  1.00 21.82 ? 6   ASN A C   1 
ATOM   9    O  O   . ASN A 1 10  ? -4.649  5.919   12.602  1.00 20.86 ? 6   ASN A O   1 
ATOM   10   C  CB  . ASN A 1 10  ? -4.244  5.029   15.385  1.00 37.85 ? 6   ASN A CB  1 
ATOM   11   C  CG  . ASN A 1 10  ? -3.496  6.302   15.738  1.00 39.62 ? 6   ASN A CG  1 
ATOM   12   O  OD1 . ASN A 1 10  ? -4.065  7.230   16.309  1.00 42.70 ? 6   ASN A OD1 1 
ATOM   13   N  ND2 . ASN A 1 10  ? -2.209  6.345   15.411  1.00 42.52 ? 6   ASN A ND2 1 
ATOM   14   N  N   . LYS A 1 11  ? -6.071  7.379   13.549  1.00 25.42 ? 7   LYS A N   1 
ATOM   15   C  CA  . LYS A 1 11  ? -5.975  8.345   12.458  1.00 25.34 ? 7   LYS A CA  1 
ATOM   16   C  C   . LYS A 1 11  ? -4.566  8.886   12.274  1.00 23.99 ? 7   LYS A C   1 
ATOM   17   O  O   . LYS A 1 11  ? -4.260  9.499   11.251  1.00 23.21 ? 7   LYS A O   1 
ATOM   18   C  CB  . LYS A 1 11  ? -6.947  9.506   12.690  1.00 29.54 ? 7   LYS A CB  1 
ATOM   19   C  CG  . LYS A 1 11  ? -8.407  9.103   12.617  1.00 31.77 ? 7   LYS A CG  1 
ATOM   20   C  CD  . LYS A 1 11  ? -8.751  8.534   11.251  1.00 33.26 ? 7   LYS A CD  1 
ATOM   21   C  CE  . LYS A 1 11  ? -10.187 8.043   11.199  1.00 33.97 ? 7   LYS A CE  1 
ATOM   22   N  NZ  . LYS A 1 11  ? -11.159 9.133   11.478  1.00 35.59 ? 7   LYS A NZ  1 
ATOM   23   N  N   . ASN A 1 12  ? -3.708  8.656   13.261  1.00 19.84 ? 8   ASN A N   1 
ATOM   24   C  CA  . ASN A 1 12  ? -2.334  9.128   13.178  1.00 19.62 ? 8   ASN A CA  1 
ATOM   25   C  C   . ASN A 1 12  ? -1.363  8.057   12.690  1.00 16.65 ? 8   ASN A C   1 
ATOM   26   O  O   . ASN A 1 12  ? -0.151  8.265   12.725  1.00 16.15 ? 8   ASN A O   1 
ATOM   27   C  CB  . ASN A 1 12  ? -1.861  9.647   14.541  1.00 36.62 ? 8   ASN A CB  1 
ATOM   28   C  CG  . ASN A 1 12  ? -2.593  10.902  14.974  1.00 40.79 ? 8   ASN A CG  1 
ATOM   29   O  OD1 . ASN A 1 12  ? -2.734  11.851  14.200  1.00 43.46 ? 8   ASN A OD1 1 
ATOM   30   N  ND2 . ASN A 1 12  ? -3.053  10.919  16.220  1.00 43.29 ? 8   ASN A ND2 1 
ATOM   31   N  N   . MET A 1 13  ? -1.876  6.918   12.239  1.00 15.57 ? 9   MET A N   1 
ATOM   32   C  CA  . MET A 1 13  ? -0.977  5.868   11.772  1.00 14.75 ? 9   MET A CA  1 
ATOM   33   C  C   . MET A 1 13  ? -0.150  6.401   10.602  1.00 13.82 ? 9   MET A C   1 
ATOM   34   O  O   . MET A 1 13  ? -0.651  7.154   9.765   1.00 12.62 ? 9   MET A O   1 
ATOM   35   C  CB  . MET A 1 13  ? -1.750  4.599   11.379  1.00 19.16 ? 9   MET A CB  1 
ATOM   36   C  CG  . MET A 1 13  ? -2.492  4.640   10.063  1.00 21.74 ? 9   MET A CG  1 
ATOM   37   S  SD  . MET A 1 13  ? -3.168  2.996   9.683   1.00 24.38 ? 9   MET A SD  1 
ATOM   38   C  CE  . MET A 1 13  ? -4.390  3.429   8.478   1.00 22.92 ? 9   MET A CE  1 
ATOM   39   N  N   . LYS A 1 14  ? 1.123   6.019   10.584  1.00 11.84 ? 10  LYS A N   1 
ATOM   40   C  CA  . LYS A 1 14  ? 2.091   6.454   9.581   1.00 11.87 ? 10  LYS A CA  1 
ATOM   41   C  C   . LYS A 1 14  ? 1.967   5.586   8.339   1.00 9.27  ? 10  LYS A C   1 
ATOM   42   O  O   . LYS A 1 14  ? 2.286   4.401   8.368   1.00 12.79 ? 10  LYS A O   1 
ATOM   43   C  CB  . LYS A 1 14  ? 3.499   6.359   10.177  1.00 14.47 ? 10  LYS A CB  1 
ATOM   44   C  CG  . LYS A 1 14  ? 4.559   7.157   9.432   1.00 13.68 ? 10  LYS A CG  1 
ATOM   45   C  CD  . LYS A 1 14  ? 5.901   7.042   10.139  1.00 14.77 ? 10  LYS A CD  1 
ATOM   46   C  CE  . LYS A 1 14  ? 6.988   7.808   9.404   1.00 15.46 ? 10  LYS A CE  1 
ATOM   47   N  NZ  . LYS A 1 14  ? 6.686   9.266   9.333   1.00 14.91 ? 10  LYS A NZ  1 
ATOM   48   N  N   . ILE A 1 15  ? 1.514   6.193   7.251   1.00 9.69  ? 11  ILE A N   1 
ATOM   49   C  CA  . ILE A 1 15  ? 1.273   5.481   6.004   1.00 10.53 ? 11  ILE A CA  1 
ATOM   50   C  C   . ILE A 1 15  ? 2.203   5.869   4.860   1.00 10.79 ? 11  ILE A C   1 
ATOM   51   O  O   . ILE A 1 15  ? 2.436   7.054   4.614   1.00 10.96 ? 11  ILE A O   1 
ATOM   52   C  CB  . ILE A 1 15  ? -0.179  5.731   5.530   1.00 11.79 ? 11  ILE A CB  1 
ATOM   53   C  CG1 . ILE A 1 15  ? -1.162  5.414   6.661   1.00 13.42 ? 11  ILE A CG1 1 
ATOM   54   C  CG2 . ILE A 1 15  ? -0.492  4.879   4.309   1.00 14.16 ? 11  ILE A CG2 1 
ATOM   55   C  CD1 . ILE A 1 15  ? -2.573  5.898   6.392   1.00 18.29 ? 11  ILE A CD1 1 
ATOM   56   N  N   . LEU A 1 16  ? 2.727   4.867   4.158   1.00 11.65 ? 12  LEU A N   1 
ATOM   57   C  CA  . LEU A 1 16  ? 3.577   5.131   3.005   1.00 10.77 ? 12  LEU A CA  1 
ATOM   58   C  C   . LEU A 1 16  ? 2.760   4.785   1.762   1.00 10.88 ? 12  LEU A C   1 
ATOM   59   O  O   . LEU A 1 16  ? 2.243   3.674   1.649   1.00 11.06 ? 12  LEU A O   1 
ATOM   60   C  CB  . LEU A 1 16  ? 4.846   4.272   3.038   1.00 11.75 ? 12  LEU A CB  1 
ATOM   61   C  CG  . LEU A 1 16  ? 5.771   4.486   1.834   1.00 11.63 ? 12  LEU A CG  1 
ATOM   62   C  CD1 . LEU A 1 16  ? 6.294   5.917   1.868   1.00 11.22 ? 12  LEU A CD1 1 
ATOM   63   C  CD2 . LEU A 1 16  ? 6.925   3.484   1.851   1.00 11.23 ? 12  LEU A CD2 1 
ATOM   64   N  N   . ILE A 1 17  ? 2.632   5.752   0.856   1.00 10.97 ? 13  ILE A N   1 
ATOM   65   C  CA  . ILE A 1 17  ? 1.894   5.589   -0.399  1.00 10.37 ? 13  ILE A CA  1 
ATOM   66   C  C   . ILE A 1 17  ? 2.942   5.370   -1.482  1.00 10.13 ? 13  ILE A C   1 
ATOM   67   O  O   . ILE A 1 17  ? 3.810   6.222   -1.682  1.00 10.83 ? 13  ILE A O   1 
ATOM   68   C  CB  . ILE A 1 17  ? 1.099   6.862   -0.737  1.00 12.53 ? 13  ILE A CB  1 
ATOM   69   C  CG1 . ILE A 1 17  ? 0.094   7.165   0.371   1.00 12.57 ? 13  ILE A CG1 1 
ATOM   70   C  CG2 . ILE A 1 17  ? 0.416   6.702   -2.086  1.00 13.84 ? 13  ILE A CG2 1 
ATOM   71   C  CD1 . ILE A 1 17  ? -0.611  8.492   0.190   1.00 13.82 ? 13  ILE A CD1 1 
ATOM   72   N  N   . VAL A 1 18  ? 2.845   4.245   -2.192  1.00 10.08 ? 14  VAL A N   1 
ATOM   73   C  CA  . VAL A 1 18  ? 3.830   3.897   -3.212  1.00 10.09 ? 14  VAL A CA  1 
ATOM   74   C  C   . VAL A 1 18  ? 3.285   3.708   -4.628  1.00 10.01 ? 14  VAL A C   1 
ATOM   75   O  O   . VAL A 1 18  ? 2.430   2.862   -4.866  1.00 10.93 ? 14  VAL A O   1 
ATOM   76   C  CB  . VAL A 1 18  ? 4.559   2.584   -2.828  1.00 11.04 ? 14  VAL A CB  1 
ATOM   77   C  CG1 . VAL A 1 18  ? 5.748   2.344   -3.746  1.00 8.24  ? 14  VAL A CG1 1 
ATOM   78   C  CG2 . VAL A 1 18  ? 5.009   2.641   -1.370  1.00 9.73  ? 14  VAL A CG2 1 
ATOM   79   N  N   . ASP A 1 19  ? 3.795   4.503   -5.560  1.00 9.15  ? 15  ASP A N   1 
ATOM   80   C  CA  . ASP A 1 19  ? 3.426   4.384   -6.967  1.00 11.03 ? 15  ASP A CA  1 
ATOM   81   C  C   . ASP A 1 19  ? 4.342   5.276   -7.791  1.00 11.49 ? 15  ASP A C   1 
ATOM   82   O  O   . ASP A 1 19  ? 4.851   6.289   -7.297  1.00 10.18 ? 15  ASP A O   1 
ATOM   83   C  CB  . ASP A 1 19  ? 1.967   4.780   -7.230  1.00 11.45 ? 15  ASP A CB  1 
ATOM   84   C  CG  . ASP A 1 19  ? 1.535   4.454   -8.657  1.00 12.95 ? 15  ASP A CG  1 
ATOM   85   O  OD1 . ASP A 1 19  ? 0.764   5.235   -9.251  1.00 14.99 ? 15  ASP A OD1 1 
ATOM   86   O  OD2 . ASP A 1 19  ? 1.969   3.406   -9.185  1.00 13.03 ? 15  ASP A OD2 1 
ATOM   87   N  N   . ASP A 1 20  ? 4.537   4.902   -9.050  1.00 11.93 ? 16  ASP A N   1 
ATOM   88   C  CA  . ASP A 1 20  ? 5.400   5.663   -9.947  1.00 13.70 ? 16  ASP A CA  1 
ATOM   89   C  C   . ASP A 1 20  ? 4.727   6.898   -10.537 1.00 13.22 ? 16  ASP A C   1 
ATOM   90   O  O   . ASP A 1 20  ? 5.405   7.775   -11.075 1.00 16.04 ? 16  ASP A O   1 
ATOM   91   C  CB  . ASP A 1 20  ? 5.904   4.764   -11.085 1.00 13.44 ? 16  ASP A CB  1 
ATOM   92   C  CG  . ASP A 1 20  ? 4.772   4.111   -11.873 1.00 15.76 ? 16  ASP A CG  1 
ATOM   93   O  OD1 . ASP A 1 20  ? 3.974   3.354   -11.279 1.00 14.01 ? 16  ASP A OD1 1 
ATOM   94   O  OD2 . ASP A 1 20  ? 4.682   4.348   -13.095 1.00 18.09 ? 16  ASP A OD2 1 
ATOM   95   N  N   . PHE A 1 21  ? 3.405   6.975   -10.431 1.00 11.26 ? 17  PHE A N   1 
ATOM   96   C  CA  . PHE A 1 21  ? 2.666   8.109   -10.975 1.00 11.19 ? 17  PHE A CA  1 
ATOM   97   C  C   . PHE A 1 21  ? 2.354   9.117   -9.872  1.00 12.56 ? 17  PHE A C   1 
ATOM   98   O  O   . PHE A 1 21  ? 1.492   8.882   -9.027  1.00 10.67 ? 17  PHE A O   1 
ATOM   99   C  CB  . PHE A 1 21  ? 1.382   7.597   -11.639 1.00 14.00 ? 17  PHE A CB  1 
ATOM   100  C  CG  . PHE A 1 21  ? 0.636   8.633   -12.438 1.00 16.61 ? 17  PHE A CG  1 
ATOM   101  C  CD1 . PHE A 1 21  ? 1.299   9.713   -13.014 1.00 17.35 ? 17  PHE A CD1 1 
ATOM   102  C  CD2 . PHE A 1 21  ? -0.734  8.500   -12.649 1.00 17.13 ? 17  PHE A CD2 1 
ATOM   103  C  CE1 . PHE A 1 21  ? 0.609   10.644  -13.787 1.00 18.74 ? 17  PHE A CE1 1 
ATOM   104  C  CE2 . PHE A 1 21  ? -1.433  9.422   -13.420 1.00 18.01 ? 17  PHE A CE2 1 
ATOM   105  C  CZ  . PHE A 1 21  ? -0.762  10.495  -13.992 1.00 19.63 ? 17  PHE A CZ  1 
ATOM   106  N  N   . SER A 1 22  ? 3.069   10.239  -9.882  1.00 13.80 ? 18  SER A N   1 
ATOM   107  C  CA  . SER A 1 22  ? 2.885   11.273  -8.873  1.00 14.31 ? 18  SER A CA  1 
ATOM   108  C  C   . SER A 1 22  ? 1.422   11.681  -8.714  1.00 13.57 ? 18  SER A C   1 
ATOM   109  O  O   . SER A 1 22  ? 0.926   11.833  -7.598  1.00 11.90 ? 18  SER A O   1 
ATOM   110  C  CB  . SER A 1 22  ? 3.734   12.502  -9.219  1.00 16.43 ? 18  SER A CB  1 
ATOM   111  O  OG  . SER A 1 22  ? 3.269   13.124  -10.402 1.00 19.13 ? 18  SER A OG  1 
ATOM   112  N  N   . THR A 1 23  ? 0.727   11.849  -9.833  1.00 14.47 ? 19  THR A N   1 
ATOM   113  C  CA  . THR A 1 23  ? -0.675  12.243  -9.796  1.00 14.60 ? 19  THR A CA  1 
ATOM   114  C  C   . THR A 1 23  ? -1.520  11.235  -9.006  1.00 12.65 ? 19  THR A C   1 
ATOM   115  O  O   . THR A 1 23  ? -2.396  11.625  -8.229  1.00 12.83 ? 19  THR A O   1 
ATOM   116  C  CB  . THR A 1 23  ? -1.227  12.398  -11.232 1.00 15.53 ? 19  THR A CB  1 
ATOM   117  O  OG1 . THR A 1 23  ? -0.462  13.394  -11.925 1.00 16.46 ? 19  THR A OG1 1 
ATOM   118  C  CG2 . THR A 1 23  ? -2.689  12.816  -11.209 1.00 16.22 ? 19  THR A CG2 1 
ATOM   119  N  N   . MET A 1 24  ? -1.246  9.945   -9.184  1.00 12.28 ? 20  MET A N   1 
ATOM   120  C  CA  . MET A 1 24  ? -1.998  8.923   -8.467  1.00 12.83 ? 20  MET A CA  1 
ATOM   121  C  C   . MET A 1 24  ? -1.659  8.963   -6.981  1.00 12.65 ? 20  MET A C   1 
ATOM   122  O  O   . MET A 1 24  ? -2.545  8.846   -6.134  1.00 13.09 ? 20  MET A O   1 
ATOM   123  C  CB  . MET A 1 24  ? -1.698  7.532   -9.028  1.00 12.17 ? 20  MET A CB  1 
ATOM   124  C  CG  . MET A 1 24  ? -2.520  6.424   -8.380  1.00 11.03 ? 20  MET A CG  1 
ATOM   125  S  SD  . MET A 1 24  ? -4.304  6.628   -8.632  1.00 13.56 ? 20  MET A SD  1 
ATOM   126  C  CE  . MET A 1 24  ? -4.934  5.373   -7.523  1.00 16.31 ? 20  MET A CE  1 
ATOM   127  N  N   . ARG A 1 25  ? -0.378  9.133   -6.661  1.00 10.84 ? 21  ARG A N   1 
ATOM   128  C  CA  . ARG A 1 25  ? 0.026   9.198   -5.260  1.00 12.53 ? 21  ARG A CA  1 
ATOM   129  C  C   . ARG A 1 25  ? -0.731  10.320  -4.565  1.00 13.30 ? 21  ARG A C   1 
ATOM   130  O  O   . ARG A 1 25  ? -1.186  10.164  -3.434  1.00 12.54 ? 21  ARG A O   1 
ATOM   131  C  CB  . ARG A 1 25  ? 1.531   9.462   -5.126  1.00 12.59 ? 21  ARG A CB  1 
ATOM   132  C  CG  . ARG A 1 25  ? 2.414   8.334   -5.616  1.00 11.11 ? 21  ARG A CG  1 
ATOM   133  C  CD  . ARG A 1 25  ? 3.789   8.407   -4.968  1.00 12.50 ? 21  ARG A CD  1 
ATOM   134  N  NE  . ARG A 1 25  ? 4.431   9.705   -5.189  1.00 13.69 ? 21  ARG A NE  1 
ATOM   135  C  CZ  . ARG A 1 25  ? 5.161   10.020  -6.256  1.00 14.37 ? 21  ARG A CZ  1 
ATOM   136  N  NH1 . ARG A 1 25  ? 5.366   9.134   -7.225  1.00 13.38 ? 21  ARG A NH1 1 
ATOM   137  N  NH2 . ARG A 1 25  ? 5.680   11.239  -6.361  1.00 14.79 ? 21  ARG A NH2 1 
ATOM   138  N  N   . ARG A 1 26  ? -0.858  11.451  -5.253  1.00 12.13 ? 22  ARG A N   1 
ATOM   139  C  CA  . ARG A 1 26  ? -1.558  12.607  -4.706  1.00 15.60 ? 22  ARG A CA  1 
ATOM   140  C  C   . ARG A 1 26  ? -3.039  12.323  -4.486  1.00 14.77 ? 22  ARG A C   1 
ATOM   141  O  O   . ARG A 1 26  ? -3.610  12.717  -3.469  1.00 13.79 ? 22  ARG A O   1 
ATOM   142  C  CB  . ARG A 1 26  ? -1.401  13.805  -5.642  1.00 32.80 ? 22  ARG A CB  1 
ATOM   143  C  CG  . ARG A 1 26  ? -0.722  15.009  -5.012  1.00 45.31 ? 22  ARG A CG  1 
ATOM   144  C  CD  . ARG A 1 26  ? 0.663   14.658  -4.485  1.00 51.06 ? 22  ARG A CD  1 
ATOM   145  N  NE  . ARG A 1 26  ? 1.412   13.830  -5.426  1.00 57.65 ? 22  ARG A NE  1 
ATOM   146  C  CZ  . ARG A 1 26  ? 2.718   13.595  -5.343  1.00 60.48 ? 22  ARG A CZ  1 
ATOM   147  N  NH1 . ARG A 1 26  ? 3.312   12.825  -6.242  1.00 62.67 ? 22  ARG A NH1 1 
ATOM   148  N  NH2 . ARG A 1 26  ? 3.435   14.145  -4.372  1.00 63.89 ? 22  ARG A NH2 1 
ATOM   149  N  N   . ILE A 1 27  ? -3.661  11.638  -5.437  1.00 14.65 ? 23  ILE A N   1 
ATOM   150  C  CA  . ILE A 1 27  ? -5.077  11.307  -5.320  1.00 14.62 ? 23  ILE A CA  1 
ATOM   151  C  C   . ILE A 1 27  ? -5.310  10.420  -4.096  1.00 14.06 ? 23  ILE A C   1 
ATOM   152  O  O   . ILE A 1 27  ? -6.242  10.647  -3.322  1.00 13.45 ? 23  ILE A O   1 
ATOM   153  C  CB  . ILE A 1 27  ? -5.578  10.608  -6.611  1.00 17.52 ? 23  ILE A CB  1 
ATOM   154  C  CG1 . ILE A 1 27  ? -5.599  11.624  -7.759  1.00 16.28 ? 23  ILE A CG1 1 
ATOM   155  C  CG2 . ILE A 1 27  ? -6.958  10.011  -6.395  1.00 18.46 ? 23  ILE A CG2 1 
ATOM   156  C  CD1 . ILE A 1 27  ? -5.901  11.029  -9.128  1.00 17.61 ? 23  ILE A CD1 1 
ATOM   157  N  N   . VAL A 1 28  ? -4.449  9.423   -3.914  1.00 13.86 ? 24  VAL A N   1 
ATOM   158  C  CA  . VAL A 1 28  ? -4.557  8.520   -2.771  1.00 14.00 ? 24  VAL A CA  1 
ATOM   159  C  C   . VAL A 1 28  ? -4.349  9.297   -1.471  1.00 12.45 ? 24  VAL A C   1 
ATOM   160  O  O   . VAL A 1 28  ? -5.093  9.116   -0.505  1.00 14.09 ? 24  VAL A O   1 
ATOM   161  C  CB  . VAL A 1 28  ? -3.515  7.381   -2.854  1.00 12.53 ? 24  VAL A CB  1 
ATOM   162  C  CG1 . VAL A 1 28  ? -3.598  6.491   -1.622  1.00 15.36 ? 24  VAL A CG1 1 
ATOM   163  C  CG2 . VAL A 1 28  ? -3.763  6.558   -4.107  1.00 13.91 ? 24  VAL A CG2 1 
ATOM   164  N  N   . LYS A 1 29  ? -3.333  10.154  -1.450  1.00 11.47 ? 25  LYS A N   1 
ATOM   165  C  CA  . LYS A 1 29  ? -3.036  10.962  -0.269  1.00 12.17 ? 25  LYS A CA  1 
ATOM   166  C  C   . LYS A 1 29  ? -4.240  11.827  0.097   1.00 12.77 ? 25  LYS A C   1 
ATOM   167  O  O   . LYS A 1 29  ? -4.571  11.978  1.274   1.00 13.07 ? 25  LYS A O   1 
ATOM   168  C  CB  . LYS A 1 29  ? -1.825  11.861  -0.529  1.00 14.35 ? 25  LYS A CB  1 
ATOM   169  C  CG  . LYS A 1 29  ? -1.373  12.688  0.673   1.00 15.60 ? 25  LYS A CG  1 
ATOM   170  C  CD  . LYS A 1 29  ? -0.236  13.626  0.287   1.00 16.28 ? 25  LYS A CD  1 
ATOM   171  C  CE  . LYS A 1 29  ? 0.266   14.443  1.471   1.00 18.27 ? 25  LYS A CE  1 
ATOM   172  N  NZ  . LYS A 1 29  ? 1.019   13.623  2.462   1.00 18.28 ? 25  LYS A NZ  1 
ATOM   173  N  N   . ASN A 1 30  ? -4.894  12.390  -0.914  1.00 15.13 ? 26  ASN A N   1 
ATOM   174  C  CA  . ASN A 1 30  ? -6.058  13.233  -0.668  1.00 16.82 ? 26  ASN A CA  1 
ATOM   175  C  C   . ASN A 1 30  ? -7.268  12.436  -0.184  1.00 17.31 ? 26  ASN A C   1 
ATOM   176  O  O   . ASN A 1 30  ? -8.023  12.910  0.664   1.00 17.87 ? 26  ASN A O   1 
ATOM   177  C  CB  . ASN A 1 30  ? -6.414  14.038  -1.922  1.00 17.71 ? 26  ASN A CB  1 
ATOM   178  C  CG  . ASN A 1 30  ? -5.421  15.154  -2.195  1.00 20.52 ? 26  ASN A CG  1 
ATOM   179  O  OD1 . ASN A 1 30  ? -4.699  15.589  -1.295  1.00 21.21 ? 26  ASN A OD1 1 
ATOM   180  N  ND2 . ASN A 1 30  ? -5.391  15.635  -3.433  1.00 21.94 ? 26  ASN A ND2 1 
ATOM   181  N  N   . LEU A 1 31  ? -7.460  11.232  -0.715  1.00 17.32 ? 27  LEU A N   1 
ATOM   182  C  CA  . LEU A 1 31  ? -8.583  10.409  -0.272  1.00 16.73 ? 27  LEU A CA  1 
ATOM   183  C  C   . LEU A 1 31  ? -8.344  10.008  1.184   1.00 17.28 ? 27  LEU A C   1 
ATOM   184  O  O   . LEU A 1 31  ? -9.273  9.962   1.990   1.00 17.03 ? 27  LEU A O   1 
ATOM   185  C  CB  . LEU A 1 31  ? -8.726  9.162   -1.152  1.00 17.45 ? 27  LEU A CB  1 
ATOM   186  C  CG  . LEU A 1 31  ? -9.200  9.385   -2.591  1.00 18.93 ? 27  LEU A CG  1 
ATOM   187  C  CD1 . LEU A 1 31  ? -9.278  8.049   -3.316  1.00 20.26 ? 27  LEU A CD1 1 
ATOM   188  C  CD2 . LEU A 1 31  ? -10.566 10.073  -2.590  1.00 19.77 ? 27  LEU A CD2 1 
ATOM   189  N  N   . LEU A 1 32  ? -7.093  9.716   1.525   1.00 19.88 ? 28  LEU A N   1 
ATOM   190  C  CA  . LEU A 1 32  ? -6.771  9.350   2.895   1.00 20.10 ? 28  LEU A CA  1 
ATOM   191  C  C   . LEU A 1 32  ? -7.016  10.566  3.780   1.00 19.94 ? 28  LEU A C   1 
ATOM   192  O  O   . LEU A 1 32  ? -7.446  10.440  4.923   1.00 18.65 ? 28  LEU A O   1 
ATOM   193  C  CB  . LEU A 1 32  ? -5.313  8.889   3.004   1.00 14.28 ? 28  LEU A CB  1 
ATOM   194  C  CG  . LEU A 1 32  ? -5.101  7.451   2.523   1.00 14.58 ? 28  LEU A CG  1 
ATOM   195  C  CD1 . LEU A 1 32  ? -3.616  7.170   2.325   1.00 13.63 ? 28  LEU A CD1 1 
ATOM   196  C  CD2 . LEU A 1 32  ? -5.698  6.490   3.542   1.00 13.01 ? 28  LEU A CD2 1 
ATOM   197  N  N   . ARG A 1 33  ? -6.748  11.750  3.237   1.00 16.39 ? 29  ARG A N   1 
ATOM   198  C  CA  . ARG A 1 33  ? -6.963  12.987  3.977   1.00 18.04 ? 29  ARG A CA  1 
ATOM   199  C  C   . ARG A 1 33  ? -8.455  13.145  4.281   1.00 19.37 ? 29  ARG A C   1 
ATOM   200  O  O   . ARG A 1 33  ? -8.831  13.590  5.366   1.00 19.99 ? 29  ARG A O   1 
ATOM   201  C  CB  . ARG A 1 33  ? -6.469  14.182  3.162   1.00 23.84 ? 29  ARG A CB  1 
ATOM   202  C  CG  . ARG A 1 33  ? -6.751  15.530  3.805   1.00 29.83 ? 29  ARG A CG  1 
ATOM   203  C  CD  . ARG A 1 33  ? -6.417  16.670  2.853   1.00 33.97 ? 29  ARG A CD  1 
ATOM   204  N  NE  . ARG A 1 33  ? -7.069  16.501  1.556   1.00 37.95 ? 29  ARG A NE  1 
ATOM   205  C  CZ  . ARG A 1 33  ? -8.382  16.380  1.381   1.00 39.57 ? 29  ARG A CZ  1 
ATOM   206  N  NH1 . ARG A 1 33  ? -9.203  16.410  2.424   1.00 42.10 ? 29  ARG A NH1 1 
ATOM   207  N  NH2 . ARG A 1 33  ? -8.876  16.223  0.161   1.00 41.58 ? 29  ARG A NH2 1 
ATOM   208  N  N   . ASP A 1 34  ? -9.302  12.775  3.323   1.00 22.09 ? 30  ASP A N   1 
ATOM   209  C  CA  . ASP A 1 34  ? -10.747 12.878  3.513   1.00 23.07 ? 30  ASP A CA  1 
ATOM   210  C  C   . ASP A 1 34  ? -11.213 11.965  4.641   1.00 23.77 ? 30  ASP A C   1 
ATOM   211  O  O   . ASP A 1 34  ? -12.192 12.264  5.329   1.00 25.17 ? 30  ASP A O   1 
ATOM   212  C  CB  . ASP A 1 34  ? -11.501 12.514  2.229   1.00 21.27 ? 30  ASP A CB  1 
ATOM   213  C  CG  . ASP A 1 34  ? -11.194 13.455  1.082   1.00 22.99 ? 30  ASP A CG  1 
ATOM   214  O  OD1 . ASP A 1 34  ? -10.929 14.650  1.341   1.00 24.85 ? 30  ASP A OD1 1 
ATOM   215  O  OD2 . ASP A 1 34  ? -11.233 13.005  -0.081  1.00 23.87 ? 30  ASP A OD2 1 
ATOM   216  N  N   . LEU A 1 35  ? -10.510 10.852  4.826   1.00 19.98 ? 31  LEU A N   1 
ATOM   217  C  CA  . LEU A 1 35  ? -10.849 9.895   5.871   1.00 21.25 ? 31  LEU A CA  1 
ATOM   218  C  C   . LEU A 1 35  ? -10.232 10.270  7.217   1.00 20.25 ? 31  LEU A C   1 
ATOM   219  O  O   . LEU A 1 35  ? -10.460 9.593   8.220   1.00 21.29 ? 31  LEU A O   1 
ATOM   220  C  CB  . LEU A 1 35  ? -10.398 8.490   5.465   1.00 25.09 ? 31  LEU A CB  1 
ATOM   221  C  CG  . LEU A 1 35  ? -11.062 7.928   4.203   1.00 26.52 ? 31  LEU A CG  1 
ATOM   222  C  CD1 . LEU A 1 35  ? -10.458 6.577   3.862   1.00 25.52 ? 31  LEU A CD1 1 
ATOM   223  C  CD2 . LEU A 1 35  ? -12.565 7.803   4.426   1.00 25.15 ? 31  LEU A CD2 1 
ATOM   224  N  N   . GLY A 1 36  ? -9.449  11.344  7.236   1.00 19.11 ? 32  GLY A N   1 
ATOM   225  C  CA  . GLY A 1 36  ? -8.831  11.785  8.474   1.00 18.79 ? 32  GLY A CA  1 
ATOM   226  C  C   . GLY A 1 36  ? -7.420  11.280  8.710   1.00 18.97 ? 32  GLY A C   1 
ATOM   227  O  O   . GLY A 1 36  ? -6.857  11.486  9.787   1.00 17.50 ? 32  GLY A O   1 
ATOM   228  N  N   . PHE A 1 37  ? -6.846  10.620  7.708   1.00 18.80 ? 33  PHE A N   1 
ATOM   229  C  CA  . PHE A 1 37  ? -5.488  10.093  7.810   1.00 17.75 ? 33  PHE A CA  1 
ATOM   230  C  C   . PHE A 1 37  ? -4.532  11.052  7.108   1.00 18.25 ? 33  PHE A C   1 
ATOM   231  O  O   . PHE A 1 37  ? -4.436  11.057  5.881   1.00 17.78 ? 33  PHE A O   1 
ATOM   232  C  CB  . PHE A 1 37  ? -5.419  8.706   7.165   1.00 19.10 ? 33  PHE A CB  1 
ATOM   233  C  CG  . PHE A 1 37  ? -6.240  7.668   7.877   1.00 20.99 ? 33  PHE A CG  1 
ATOM   234  C  CD1 . PHE A 1 37  ? -5.789  7.102   9.067   1.00 20.53 ? 33  PHE A CD1 1 
ATOM   235  C  CD2 . PHE A 1 37  ? -7.471  7.268   7.369   1.00 21.32 ? 33  PHE A CD2 1 
ATOM   236  C  CE1 . PHE A 1 37  ? -6.554  6.150   9.742   1.00 21.36 ? 33  PHE A CE1 1 
ATOM   237  C  CE2 . PHE A 1 37  ? -8.245  6.317   8.034   1.00 22.80 ? 33  PHE A CE2 1 
ATOM   238  C  CZ  . PHE A 1 37  ? -7.785  5.758   9.223   1.00 22.15 ? 33  PHE A CZ  1 
ATOM   239  N  N   . ASN A 1 38  ? -3.821  11.856  7.896   1.00 15.46 ? 34  ASN A N   1 
ATOM   240  C  CA  . ASN A 1 38  ? -2.899  12.842  7.344   1.00 15.57 ? 34  ASN A CA  1 
ATOM   241  C  C   . ASN A 1 38  ? -1.409  12.550  7.511   1.00 13.72 ? 34  ASN A C   1 
ATOM   242  O  O   . ASN A 1 38  ? -0.582  13.298  7.000   1.00 13.65 ? 34  ASN A O   1 
ATOM   243  C  CB  . ASN A 1 38  ? -3.213  14.214  7.941   1.00 21.02 ? 34  ASN A CB  1 
ATOM   244  C  CG  . ASN A 1 38  ? -4.656  14.622  7.718   1.00 23.97 ? 34  ASN A CG  1 
ATOM   245  O  OD1 . ASN A 1 38  ? -5.093  14.804  6.581   1.00 27.44 ? 34  ASN A OD1 1 
ATOM   246  N  ND2 . ASN A 1 38  ? -5.405  14.760  8.803   1.00 25.42 ? 34  ASN A ND2 1 
ATOM   247  N  N   . ASN A 1 39  ? -1.064  11.481  8.222   1.00 12.89 ? 35  ASN A N   1 
ATOM   248  C  CA  . ASN A 1 39  ? 0.343   11.133  8.424   1.00 13.25 ? 35  ASN A CA  1 
ATOM   249  C  C   . ASN A 1 39  ? 0.764   10.224  7.278   1.00 11.35 ? 35  ASN A C   1 
ATOM   250  O  O   . ASN A 1 39  ? 1.036   9.041   7.466   1.00 13.46 ? 35  ASN A O   1 
ATOM   251  C  CB  . ASN A 1 39  ? 0.531   10.406  9.757   1.00 15.30 ? 35  ASN A CB  1 
ATOM   252  C  CG  . ASN A 1 39  ? 1.988   10.312  10.167  1.00 15.04 ? 35  ASN A CG  1 
ATOM   253  O  OD1 . ASN A 1 39  ? 2.878   10.780  9.454   1.00 16.50 ? 35  ASN A OD1 1 
ATOM   254  N  ND2 . ASN A 1 39  ? 2.241   9.711   11.325  1.00 15.05 ? 35  ASN A ND2 1 
ATOM   255  N  N   . THR A 1 40  ? 0.811   10.803  6.088   1.00 11.69 ? 36  THR A N   1 
ATOM   256  C  CA  . THR A 1 40  ? 1.155   10.077  4.879   1.00 12.40 ? 36  THR A CA  1 
ATOM   257  C  C   . THR A 1 40  ? 2.401   10.611  4.187   1.00 11.94 ? 36  THR A C   1 
ATOM   258  O  O   . THR A 1 40  ? 2.590   11.823  4.084   1.00 11.18 ? 36  THR A O   1 
ATOM   259  C  CB  . THR A 1 40  ? -0.015  10.147  3.880   1.00 16.01 ? 36  THR A CB  1 
ATOM   260  O  OG1 . THR A 1 40  ? -0.433  11.512  3.739   1.00 15.08 ? 36  THR A OG1 1 
ATOM   261  C  CG2 . THR A 1 40  ? -1.192  9.317   4.377   1.00 16.66 ? 36  THR A CG2 1 
ATOM   262  N  N   . GLN A 1 41  ? 3.249   9.693   3.726   1.00 11.98 ? 37  GLN A N   1 
ATOM   263  C  CA  . GLN A 1 41  ? 4.454   10.049  2.990   1.00 12.75 ? 37  GLN A CA  1 
ATOM   264  C  C   . GLN A 1 41  ? 4.435   9.260   1.686   1.00 11.24 ? 37  GLN A C   1 
ATOM   265  O  O   . GLN A 1 41  ? 3.608   8.365   1.518   1.00 11.43 ? 37  GLN A O   1 
ATOM   266  C  CB  . GLN A 1 41  ? 5.716   9.755   3.804   1.00 12.26 ? 37  GLN A CB  1 
ATOM   267  C  CG  . GLN A 1 41  ? 5.924   10.751  4.949   1.00 12.60 ? 37  GLN A CG  1 
ATOM   268  C  CD  . GLN A 1 41  ? 5.265   10.322  6.250   1.00 14.15 ? 37  GLN A CD  1 
ATOM   269  O  OE1 . GLN A 1 41  ? 5.612   9.286   6.812   1.00 15.17 ? 37  GLN A OE1 1 
ATOM   270  N  NE2 . GLN A 1 41  ? 4.316   11.119  6.737   1.00 14.80 ? 37  GLN A NE2 1 
ATOM   271  N  N   . GLU A 1 42  ? 5.347   9.579   0.775   1.00 11.56 ? 38  GLU A N   1 
ATOM   272  C  CA  . GLU A 1 42  ? 5.361   8.943   -0.542  1.00 11.56 ? 38  GLU A CA  1 
ATOM   273  C  C   . GLU A 1 42  ? 6.691   8.370   -1.019  1.00 9.87  ? 38  GLU A C   1 
ATOM   274  O  O   . GLU A 1 42  ? 7.762   8.808   -0.602  1.00 11.60 ? 38  GLU A O   1 
ATOM   275  C  CB  . GLU A 1 42  ? 4.908   9.963   -1.591  1.00 11.03 ? 38  GLU A CB  1 
ATOM   276  C  CG  . GLU A 1 42  ? 3.540   10.579  -1.356  1.00 13.86 ? 38  GLU A CG  1 
ATOM   277  C  CD  . GLU A 1 42  ? 3.312   11.821  -2.203  1.00 18.42 ? 38  GLU A CD  1 
ATOM   278  O  OE1 . GLU A 1 42  ? 3.550   11.768  -3.430  1.00 14.84 ? 38  GLU A OE1 1 
ATOM   279  O  OE2 . GLU A 1 42  ? 2.890   12.853  -1.643  1.00 19.37 ? 38  GLU A OE2 1 
ATOM   280  N  N   . ALA A 1 43  ? 6.597   7.397   -1.926  1.00 10.67 ? 39  ALA A N   1 
ATOM   281  C  CA  . ALA A 1 43  ? 7.755   6.758   -2.564  1.00 9.45  ? 39  ALA A CA  1 
ATOM   282  C  C   . ALA A 1 43  ? 7.327   6.505   -4.009  1.00 9.66  ? 39  ALA A C   1 
ATOM   283  O  O   . ALA A 1 43  ? 6.177   6.134   -4.258  1.00 9.25  ? 39  ALA A O   1 
ATOM   284  C  CB  . ALA A 1 43  ? 8.103   5.444   -1.881  1.00 11.08 ? 39  ALA A CB  1 
ATOM   285  N  N   . ASP A 1 44  ? 8.236   6.694   -4.963  1.00 10.27 ? 40  ASP A N   1 
ATOM   286  C  CA  . ASP A 1 44  ? 7.873   6.515   -6.367  1.00 12.12 ? 40  ASP A CA  1 
ATOM   287  C  C   . ASP A 1 44  ? 8.101   5.130   -6.958  1.00 11.94 ? 40  ASP A C   1 
ATOM   288  O  O   . ASP A 1 44  ? 7.826   4.914   -8.140  1.00 11.04 ? 40  ASP A O   1 
ATOM   289  C  CB  . ASP A 1 44  ? 8.589   7.560   -7.246  1.00 13.79 ? 40  ASP A CB  1 
ATOM   290  C  CG  . ASP A 1 44  ? 10.095  7.334   -7.351  1.00 14.73 ? 40  ASP A CG  1 
ATOM   291  O  OD1 . ASP A 1 44  ? 10.602  6.279   -6.916  1.00 14.10 ? 40  ASP A OD1 1 
ATOM   292  O  OD2 . ASP A 1 44  ? 10.778  8.230   -7.896  1.00 18.42 ? 40  ASP A OD2 1 
ATOM   293  N  N   . ASP A 1 45  ? 8.576   4.193   -6.142  1.00 10.58 ? 41  ASP A N   1 
ATOM   294  C  CA  . ASP A 1 45  ? 8.865   2.848   -6.621  1.00 10.85 ? 41  ASP A CA  1 
ATOM   295  C  C   . ASP A 1 45  ? 9.160   1.926   -5.440  1.00 9.80  ? 41  ASP A C   1 
ATOM   296  O  O   . ASP A 1 45  ? 9.381   2.384   -4.313  1.00 8.37  ? 41  ASP A O   1 
ATOM   297  C  CB  . ASP A 1 45  ? 10.094  2.909   -7.542  1.00 9.95  ? 41  ASP A CB  1 
ATOM   298  C  CG  . ASP A 1 45  ? 10.333  1.616   -8.299  1.00 10.84 ? 41  ASP A CG  1 
ATOM   299  O  OD1 . ASP A 1 45  ? 9.849   1.502   -9.446  1.00 14.56 ? 41  ASP A OD1 1 
ATOM   300  O  OD2 . ASP A 1 45  ? 10.995  0.713   -7.749  1.00 11.86 ? 41  ASP A OD2 1 
ATOM   301  N  N   . GLY A 1 46  ? 9.161   0.623   -5.686  1.00 10.90 ? 42  GLY A N   1 
ATOM   302  C  CA  . GLY A 1 46  ? 9.488   -0.290  -4.608  1.00 10.07 ? 42  GLY A CA  1 
ATOM   303  C  C   . GLY A 1 46  ? 10.916  -0.039  -4.147  1.00 11.23 ? 42  GLY A C   1 
ATOM   304  O  O   . GLY A 1 46  ? 11.222  -0.166  -2.961  1.00 11.09 ? 42  GLY A O   1 
ATOM   305  N  N   . LEU A 1 47  ? 11.790  0.340   -5.082  1.00 9.44  ? 43  LEU A N   1 
ATOM   306  C  CA  . LEU A 1 47  ? 13.197  0.584   -4.754  1.00 9.59  ? 43  LEU A CA  1 
ATOM   307  C  C   . LEU A 1 47  ? 13.438  1.775   -3.834  1.00 11.22 ? 43  LEU A C   1 
ATOM   308  O  O   . LEU A 1 47  ? 14.435  1.818   -3.114  1.00 12.26 ? 43  LEU A O   1 
ATOM   309  C  CB  . LEU A 1 47  ? 14.017  0.748   -6.039  1.00 11.27 ? 43  LEU A CB  1 
ATOM   310  C  CG  . LEU A 1 47  ? 14.115  -0.521  -6.886  1.00 12.72 ? 43  LEU A CG  1 
ATOM   311  C  CD1 . LEU A 1 47  ? 14.755  -0.211  -8.224  1.00 12.14 ? 43  LEU A CD1 1 
ATOM   312  C  CD2 . LEU A 1 47  ? 14.915  -1.573  -6.136  1.00 12.15 ? 43  LEU A CD2 1 
ATOM   313  N  N   . THR A 1 48  ? 12.541  2.752   -3.864  1.00 11.28 ? 44  THR A N   1 
ATOM   314  C  CA  . THR A 1 48  ? 12.691  3.903   -2.991  1.00 11.65 ? 44  THR A CA  1 
ATOM   315  C  C   . THR A 1 48  ? 11.812  3.727   -1.755  1.00 11.90 ? 44  THR A C   1 
ATOM   316  O  O   . THR A 1 48  ? 12.022  4.376   -0.726  1.00 12.48 ? 44  THR A O   1 
ATOM   317  C  CB  . THR A 1 48  ? 12.322  5.209   -3.719  1.00 14.68 ? 44  THR A CB  1 
ATOM   318  O  OG1 . THR A 1 48  ? 12.259  6.279   -2.772  1.00 23.00 ? 44  THR A OG1 1 
ATOM   319  C  CG2 . THR A 1 48  ? 11.000  5.073   -4.422  1.00 7.63  ? 44  THR A CG2 1 
ATOM   320  N  N   . ALA A 1 49  ? 10.832  2.834   -1.849  1.00 9.43  ? 45  ALA A N   1 
ATOM   321  C  CA  . ALA A 1 49  ? 9.946   2.591   -0.713  1.00 10.86 ? 45  ALA A CA  1 
ATOM   322  C  C   . ALA A 1 49  ? 10.645  1.787   0.378   1.00 10.09 ? 45  ALA A C   1 
ATOM   323  O  O   . ALA A 1 49  ? 10.543  2.103   1.562   1.00 10.20 ? 45  ALA A O   1 
ATOM   324  C  CB  . ALA A 1 49  ? 8.687   1.849   -1.165  1.00 10.40 ? 45  ALA A CB  1 
ATOM   325  N  N   . LEU A 1 50  ? 11.356  0.738   -0.024  1.00 10.96 ? 46  LEU A N   1 
ATOM   326  C  CA  . LEU A 1 50  ? 12.036  -0.119  0.936   1.00 12.22 ? 46  LEU A CA  1 
ATOM   327  C  C   . LEU A 1 50  ? 12.900  0.600   1.965   1.00 10.99 ? 46  LEU A C   1 
ATOM   328  O  O   . LEU A 1 50  ? 12.753  0.365   3.170   1.00 12.02 ? 46  LEU A O   1 
ATOM   329  C  CB  . LEU A 1 50  ? 12.873  -1.177  0.214   1.00 18.53 ? 46  LEU A CB  1 
ATOM   330  C  CG  . LEU A 1 50  ? 12.219  -2.539  -0.005  1.00 24.39 ? 46  LEU A CG  1 
ATOM   331  C  CD1 . LEU A 1 50  ? 13.238  -3.472  -0.647  1.00 25.01 ? 46  LEU A CD1 1 
ATOM   332  C  CD2 . LEU A 1 50  ? 11.739  -3.114  1.329   1.00 21.53 ? 46  LEU A CD2 1 
ATOM   333  N  N   . PRO A 1 51  ? 13.820  1.477   1.518   1.00 11.85 ? 47  PRO A N   1 
ATOM   334  C  CA  . PRO A 1 51  ? 14.657  2.177   2.497   1.00 12.54 ? 47  PRO A CA  1 
ATOM   335  C  C   . PRO A 1 51  ? 13.866  3.097   3.425   1.00 12.61 ? 47  PRO A C   1 
ATOM   336  O  O   . PRO A 1 51  ? 14.283  3.350   4.556   1.00 13.96 ? 47  PRO A O   1 
ATOM   337  C  CB  . PRO A 1 51  ? 15.675  2.921   1.625   1.00 13.67 ? 47  PRO A CB  1 
ATOM   338  C  CG  . PRO A 1 51  ? 14.957  3.094   0.314   1.00 12.74 ? 47  PRO A CG  1 
ATOM   339  C  CD  . PRO A 1 51  ? 14.269  1.761   0.143   1.00 14.02 ? 47  PRO A CD  1 
ATOM   340  N  N   . MET A 1 52  ? 12.735  3.609   2.949   1.00 10.53 ? 48  MET A N   1 
ATOM   341  C  CA  . MET A 1 52  ? 11.896  4.458   3.788   1.00 10.99 ? 48  MET A CA  1 
ATOM   342  C  C   . MET A 1 52  ? 11.260  3.602   4.889   1.00 10.64 ? 48  MET A C   1 
ATOM   343  O  O   . MET A 1 52  ? 11.156  4.026   6.045   1.00 10.31 ? 48  MET A O   1 
ATOM   344  C  CB  . MET A 1 52  ? 10.810  5.144   2.951   1.00 8.71  ? 48  MET A CB  1 
ATOM   345  C  CG  . MET A 1 52  ? 11.362  6.187   1.979   1.00 9.94  ? 48  MET A CG  1 
ATOM   346  S  SD  . MET A 1 52  ? 10.107  7.051   1.008   1.00 12.49 ? 48  MET A SD  1 
ATOM   347  C  CE  . MET A 1 52  ? 9.427   8.171   2.229   1.00 9.48  ? 48  MET A CE  1 
ATOM   348  N  N   . LEU A 1 53  ? 10.834  2.394   4.534   1.00 11.70 ? 49  LEU A N   1 
ATOM   349  C  CA  . LEU A 1 53  ? 10.236  1.498   5.514   1.00 12.24 ? 49  LEU A CA  1 
ATOM   350  C  C   . LEU A 1 53  ? 11.299  0.962   6.469   1.00 13.00 ? 49  LEU A C   1 
ATOM   351  O  O   . LEU A 1 53  ? 11.067  0.846   7.670   1.00 14.48 ? 49  LEU A O   1 
ATOM   352  C  CB  . LEU A 1 53  ? 9.540   0.321   4.814   1.00 10.75 ? 49  LEU A CB  1 
ATOM   353  C  CG  . LEU A 1 53  ? 8.369   0.696   3.903   1.00 10.39 ? 49  LEU A CG  1 
ATOM   354  C  CD1 . LEU A 1 53  ? 7.870   -0.539  3.183   1.00 13.00 ? 49  LEU A CD1 1 
ATOM   355  C  CD2 . LEU A 1 53  ? 7.252   1.330   4.728   1.00 10.62 ? 49  LEU A CD2 1 
ATOM   356  N  N   . LYS A 1 54  ? 12.468  0.644   5.922   1.00 14.03 ? 50  LYS A N   1 
ATOM   357  C  CA  . LYS A 1 54  ? 13.572  0.099   6.707   1.00 15.12 ? 50  LYS A CA  1 
ATOM   358  C  C   . LYS A 1 54  ? 14.031  1.025   7.838   1.00 14.95 ? 50  LYS A C   1 
ATOM   359  O  O   . LYS A 1 54  ? 14.355  0.564   8.933   1.00 15.01 ? 50  LYS A O   1 
ATOM   360  C  CB  . LYS A 1 54  ? 14.751  -0.209  5.775   1.00 14.73 ? 50  LYS A CB  1 
ATOM   361  C  CG  . LYS A 1 54  ? 15.884  -1.004  6.413   1.00 19.77 ? 50  LYS A CG  1 
ATOM   362  C  CD  . LYS A 1 54  ? 15.418  -2.389  6.847   1.00 20.32 ? 50  LYS A CD  1 
ATOM   363  C  CE  . LYS A 1 54  ? 16.588  -3.224  7.347   1.00 20.98 ? 50  LYS A CE  1 
ATOM   364  N  NZ  . LYS A 1 54  ? 16.172  -4.568  7.847   1.00 19.37 ? 50  LYS A NZ  1 
ATOM   365  N  N   . LYS A 1 55  ? 14.042  2.329   7.575   1.00 14.03 ? 51  LYS A N   1 
ATOM   366  C  CA  . LYS A 1 55  ? 14.488  3.313   8.559   1.00 15.09 ? 51  LYS A CA  1 
ATOM   367  C  C   . LYS A 1 55  ? 13.399  4.221   9.142   1.00 15.84 ? 51  LYS A C   1 
ATOM   368  O  O   . LYS A 1 55  ? 13.677  5.000   10.059  1.00 18.55 ? 51  LYS A O   1 
ATOM   369  C  CB  . LYS A 1 55  ? 15.562  4.214   7.933   1.00 14.32 ? 51  LYS A CB  1 
ATOM   370  C  CG  . LYS A 1 55  ? 16.799  3.499   7.413   1.00 17.01 ? 51  LYS A CG  1 
ATOM   371  C  CD  . LYS A 1 55  ? 17.671  2.983   8.542   1.00 19.86 ? 51  LYS A CD  1 
ATOM   372  C  CE  . LYS A 1 55  ? 18.994  2.452   8.003   1.00 22.06 ? 51  LYS A CE  1 
ATOM   373  N  NZ  . LYS A 1 55  ? 19.884  1.984   9.101   1.00 25.30 ? 51  LYS A NZ  1 
ATOM   374  N  N   . GLY A 1 56  ? 12.169  4.114   8.643   1.00 14.29 ? 52  GLY A N   1 
ATOM   375  C  CA  . GLY A 1 56  ? 11.117  5.008   9.106   1.00 15.43 ? 52  GLY A CA  1 
ATOM   376  C  C   . GLY A 1 56  ? 10.036  4.586   10.082  1.00 14.70 ? 52  GLY A C   1 
ATOM   377  O  O   . GLY A 1 56  ? 9.219   5.424   10.468  1.00 14.74 ? 52  GLY A O   1 
ATOM   378  N  N   . ASP A 1 57  ? 10.002  3.318   10.477  1.00 16.90 ? 53  ASP A N   1 
ATOM   379  C  CA  . ASP A 1 57  ? 8.981   2.857   11.425  1.00 17.28 ? 53  ASP A CA  1 
ATOM   380  C  C   . ASP A 1 57  ? 7.555   3.225   11.010  1.00 16.51 ? 53  ASP A C   1 
ATOM   381  O  O   . ASP A 1 57  ? 6.838   3.915   11.741  1.00 16.75 ? 53  ASP A O   1 
ATOM   382  C  CB  . ASP A 1 57  ? 9.255   3.430   12.819  1.00 28.59 ? 53  ASP A CB  1 
ATOM   383  C  CG  . ASP A 1 57  ? 10.502  2.851   13.452  1.00 32.77 ? 53  ASP A CG  1 
ATOM   384  O  OD1 . ASP A 1 57  ? 10.599  1.609   13.539  1.00 35.19 ? 53  ASP A OD1 1 
ATOM   385  O  OD2 . ASP A 1 57  ? 11.385  3.636   13.867  1.00 37.08 ? 53  ASP A OD2 1 
ATOM   386  N  N   . PHE A 1 58  ? 7.151   2.761   9.834   1.00 15.26 ? 54  PHE A N   1 
ATOM   387  C  CA  . PHE A 1 58  ? 5.812   3.017   9.324   1.00 12.97 ? 54  PHE A CA  1 
ATOM   388  C  C   . PHE A 1 58  ? 4.811   2.042   9.939   1.00 12.16 ? 54  PHE A C   1 
ATOM   389  O  O   . PHE A 1 58  ? 5.199   1.064   10.587  1.00 13.45 ? 54  PHE A O   1 
ATOM   390  C  CB  . PHE A 1 58  ? 5.808   2.883   7.798   1.00 12.06 ? 54  PHE A CB  1 
ATOM   391  C  CG  . PHE A 1 58  ? 6.325   4.104   7.090   1.00 12.01 ? 54  PHE A CG  1 
ATOM   392  C  CD1 . PHE A 1 58  ? 5.449   5.102   6.670   1.00 11.77 ? 54  PHE A CD1 1 
ATOM   393  C  CD2 . PHE A 1 58  ? 7.692   4.282   6.888   1.00 10.84 ? 54  PHE A CD2 1 
ATOM   394  C  CE1 . PHE A 1 58  ? 5.923   6.262   6.066   1.00 10.87 ? 54  PHE A CE1 1 
ATOM   395  C  CE2 . PHE A 1 58  ? 8.176   5.437   6.284   1.00 10.65 ? 54  PHE A CE2 1 
ATOM   396  C  CZ  . PHE A 1 58  ? 7.292   6.432   5.873   1.00 10.59 ? 54  PHE A CZ  1 
ATOM   397  N  N   . ASP A 1 59  ? 3.525   2.314   9.735   1.00 11.53 ? 55  ASP A N   1 
ATOM   398  C  CA  . ASP A 1 59  ? 2.468   1.459   10.272  1.00 12.49 ? 55  ASP A CA  1 
ATOM   399  C  C   . ASP A 1 59  ? 1.628   0.807   9.181   1.00 12.96 ? 55  ASP A C   1 
ATOM   400  O  O   . ASP A 1 59  ? 0.966   -0.198  9.430   1.00 13.46 ? 55  ASP A O   1 
ATOM   401  C  CB  . ASP A 1 59  ? 1.508   2.266   11.154  1.00 13.95 ? 55  ASP A CB  1 
ATOM   402  C  CG  . ASP A 1 59  ? 2.184   2.888   12.354  1.00 15.02 ? 55  ASP A CG  1 
ATOM   403  O  OD1 . ASP A 1 59  ? 2.865   2.154   13.103  1.00 15.21 ? 55  ASP A OD1 1 
ATOM   404  O  OD2 . ASP A 1 59  ? 2.019   4.113   12.553  1.00 15.18 ? 55  ASP A OD2 1 
ATOM   405  N  N   . PHE A 1 60  ? 1.663   1.364   7.975   1.00 12.22 ? 56  PHE A N   1 
ATOM   406  C  CA  . PHE A 1 60  ? 0.814   0.854   6.902   1.00 11.71 ? 56  PHE A CA  1 
ATOM   407  C  C   . PHE A 1 60  ? 1.392   1.216   5.535   1.00 10.64 ? 56  PHE A C   1 
ATOM   408  O  O   . PHE A 1 60  ? 1.984   2.278   5.371   1.00 11.05 ? 56  PHE A O   1 
ATOM   409  C  CB  . PHE A 1 60  ? -0.574  1.487   7.088   1.00 12.61 ? 56  PHE A CB  1 
ATOM   410  C  CG  . PHE A 1 60  ? -1.606  1.068   6.078   1.00 13.23 ? 56  PHE A CG  1 
ATOM   411  C  CD1 . PHE A 1 60  ? -2.527  1.995   5.606   1.00 16.19 ? 56  PHE A CD1 1 
ATOM   412  C  CD2 . PHE A 1 60  ? -1.707  -0.250  5.651   1.00 15.56 ? 56  PHE A CD2 1 
ATOM   413  C  CE1 . PHE A 1 60  ? -3.539  1.620   4.724   1.00 17.40 ? 56  PHE A CE1 1 
ATOM   414  C  CE2 . PHE A 1 60  ? -2.717  -0.638  4.768   1.00 14.63 ? 56  PHE A CE2 1 
ATOM   415  C  CZ  . PHE A 1 60  ? -3.632  0.296   4.306   1.00 14.89 ? 56  PHE A CZ  1 
ATOM   416  N  N   . VAL A 1 61  ? 1.221   0.324   4.570   1.00 10.43 ? 57  VAL A N   1 
ATOM   417  C  CA  . VAL A 1 61  ? 1.716   0.547   3.223   1.00 10.99 ? 57  VAL A CA  1 
ATOM   418  C  C   . VAL A 1 61  ? 0.605   0.373   2.199   1.00 11.00 ? 57  VAL A C   1 
ATOM   419  O  O   . VAL A 1 61  ? -0.106  -0.634  2.202   1.00 10.07 ? 57  VAL A O   1 
ATOM   420  C  CB  . VAL A 1 61  ? 2.854   -0.441  2.868   1.00 11.38 ? 57  VAL A CB  1 
ATOM   421  C  CG1 . VAL A 1 61  ? 3.324   -0.216  1.430   1.00 12.75 ? 57  VAL A CG1 1 
ATOM   422  C  CG2 . VAL A 1 61  ? 4.010   -0.275  3.844   1.00 14.06 ? 57  VAL A CG2 1 
ATOM   423  N  N   . VAL A 1 62  ? 0.447   1.379   1.343   1.00 10.29 ? 58  VAL A N   1 
ATOM   424  C  CA  . VAL A 1 62  ? -0.530  1.338   0.261   1.00 11.55 ? 58  VAL A CA  1 
ATOM   425  C  C   . VAL A 1 62  ? 0.348   1.420   -0.976  1.00 11.46 ? 58  VAL A C   1 
ATOM   426  O  O   . VAL A 1 62  ? 0.922   2.466   -1.270  1.00 13.67 ? 58  VAL A O   1 
ATOM   427  C  CB  . VAL A 1 62  ? -1.491  2.551   0.286   1.00 12.31 ? 58  VAL A CB  1 
ATOM   428  C  CG1 . VAL A 1 62  ? -2.477  2.460   -0.878  1.00 13.99 ? 58  VAL A CG1 1 
ATOM   429  C  CG2 . VAL A 1 62  ? -2.246  2.587   1.608   1.00 13.71 ? 58  VAL A CG2 1 
ATOM   430  N  N   . THR A 1 63  ? 0.465   0.307   -1.691  1.00 10.84 ? 59  THR A N   1 
ATOM   431  C  CA  . THR A 1 63  ? 1.317   0.264   -2.868  1.00 10.46 ? 59  THR A CA  1 
ATOM   432  C  C   . THR A 1 63  ? 0.612   -0.157  -4.143  1.00 9.47  ? 59  THR A C   1 
ATOM   433  O  O   . THR A 1 63  ? -0.249  -1.035  -4.136  1.00 10.59 ? 59  THR A O   1 
ATOM   434  C  CB  . THR A 1 63  ? 2.492   -0.705  -2.645  1.00 8.49  ? 59  THR A CB  1 
ATOM   435  O  OG1 . THR A 1 63  ? 3.379   -0.669  -3.771  1.00 9.57  ? 59  THR A OG1 1 
ATOM   436  C  CG2 . THR A 1 63  ? 1.971   -2.134  -2.455  1.00 9.17  ? 59  THR A CG2 1 
ATOM   437  N  N   . ASP A 1 64  ? 0.987   0.482   -5.242  1.00 9.66  ? 60  ASP A N   1 
ATOM   438  C  CA  . ASP A 1 64  ? 0.435   0.117   -6.533  1.00 10.32 ? 60  ASP A CA  1 
ATOM   439  C  C   . ASP A 1 64  ? 1.092   -1.215  -6.881  1.00 10.85 ? 60  ASP A C   1 
ATOM   440  O  O   . ASP A 1 64  ? 2.165   -1.540  -6.365  1.00 11.77 ? 60  ASP A O   1 
ATOM   441  C  CB  . ASP A 1 64  ? 0.803   1.154   -7.586  1.00 12.31 ? 60  ASP A CB  1 
ATOM   442  C  CG  . ASP A 1 64  ? 0.153   0.868   -8.911  1.00 11.74 ? 60  ASP A CG  1 
ATOM   443  O  OD1 . ASP A 1 64  ? -1.092  0.879   -8.956  1.00 14.22 ? 60  ASP A OD1 1 
ATOM   444  O  OD2 . ASP A 1 64  ? 0.880   0.619   -9.890  1.00 12.98 ? 60  ASP A OD2 1 
ATOM   445  N  N   . TRP A 1 65  ? 0.475   -1.986  -7.768  1.00 10.54 ? 61  TRP A N   1 
ATOM   446  C  CA  . TRP A 1 65  ? 1.053   -3.273  -8.125  1.00 11.32 ? 61  TRP A CA  1 
ATOM   447  C  C   . TRP A 1 65  ? 1.989   -3.200  -9.329  1.00 13.02 ? 61  TRP A C   1 
ATOM   448  O  O   . TRP A 1 65  ? 2.831   -4.076  -9.516  1.00 16.51 ? 61  TRP A O   1 
ATOM   449  C  CB  . TRP A 1 65  ? -0.054  -4.291  -8.413  1.00 14.42 ? 61  TRP A CB  1 
ATOM   450  C  CG  . TRP A 1 65  ? 0.193   -5.632  -7.787  1.00 15.80 ? 61  TRP A CG  1 
ATOM   451  C  CD1 . TRP A 1 65  ? 0.072   -6.849  -8.385  1.00 13.96 ? 61  TRP A CD1 1 
ATOM   452  C  CD2 . TRP A 1 65  ? 0.578   -5.886  -6.427  1.00 14.70 ? 61  TRP A CD2 1 
ATOM   453  N  NE1 . TRP A 1 65  ? 0.358   -7.851  -7.486  1.00 14.78 ? 61  TRP A NE1 1 
ATOM   454  C  CE2 . TRP A 1 65  ? 0.673   -7.287  -6.278  1.00 15.16 ? 61  TRP A CE2 1 
ATOM   455  C  CE3 . TRP A 1 65  ? 0.855   -5.065  -5.325  1.00 13.40 ? 61  TRP A CE3 1 
ATOM   456  C  CZ2 . TRP A 1 65  ? 1.029   -7.889  -5.063  1.00 12.84 ? 61  TRP A CZ2 1 
ATOM   457  C  CZ3 . TRP A 1 65  ? 1.209   -5.666  -4.118  1.00 15.20 ? 61  TRP A CZ3 1 
ATOM   458  C  CH2 . TRP A 1 65  ? 1.295   -7.063  -4.000  1.00 15.75 ? 61  TRP A CH2 1 
ATOM   459  N  N   . ASN A 1 66  ? 1.865   -2.142  -10.121 1.00 12.16 ? 62  ASN A N   1 
ATOM   460  C  CA  . ASN A 1 66  ? 2.665   -1.996  -11.333 1.00 12.19 ? 62  ASN A CA  1 
ATOM   461  C  C   . ASN A 1 66  ? 3.686   -0.861  -11.299 1.00 10.93 ? 62  ASN A C   1 
ATOM   462  O  O   . ASN A 1 66  ? 3.336   0.292   -11.509 1.00 10.98 ? 62  ASN A O   1 
ATOM   463  C  CB  . ASN A 1 66  ? 1.708   -1.821  -12.521 1.00 16.78 ? 62  ASN A CB  1 
ATOM   464  C  CG  . ASN A 1 66  ? 2.429   -1.698  -13.849 1.00 20.09 ? 62  ASN A CG  1 
ATOM   465  O  OD1 . ASN A 1 66  ? 3.316   -2.488  -14.165 1.00 21.79 ? 62  ASN A OD1 1 
ATOM   466  N  ND2 . ASN A 1 66  ? 2.035   -0.707  -14.645 1.00 22.72 ? 62  ASN A ND2 1 
ATOM   467  N  N   . MET A 1 67  ? 4.945   -1.208  -11.032 1.00 11.61 ? 63  MET A N   1 
ATOM   468  C  CA  . MET A 1 67  ? 6.036   -0.234  -10.972 1.00 12.01 ? 63  MET A CA  1 
ATOM   469  C  C   . MET A 1 67  ? 7.267   -0.817  -11.673 1.00 12.61 ? 63  MET A C   1 
ATOM   470  O  O   . MET A 1 67  ? 7.576   -2.000  -11.527 1.00 14.13 ? 63  MET A O   1 
ATOM   471  C  CB  . MET A 1 67  ? 6.340   0.125   -9.516  1.00 11.66 ? 63  MET A CB  1 
ATOM   472  C  CG  . MET A 1 67  ? 5.159   0.773   -8.815  1.00 12.16 ? 63  MET A CG  1 
ATOM   473  S  SD  . MET A 1 67  ? 5.485   1.230   -7.099  1.00 11.87 ? 63  MET A SD  1 
ATOM   474  C  CE  . MET A 1 67  ? 5.565   -0.389  -6.348  1.00 10.38 ? 63  MET A CE  1 
ATOM   475  N  N   . PRO A 1 68  ? 7.987   0.018   -12.444 1.00 12.92 ? 64  PRO A N   1 
ATOM   476  C  CA  . PRO A 1 68  ? 9.186   -0.340  -13.217 1.00 14.54 ? 64  PRO A CA  1 
ATOM   477  C  C   . PRO A 1 68  ? 10.480  -0.789  -12.539 1.00 15.04 ? 64  PRO A C   1 
ATOM   478  O  O   . PRO A 1 68  ? 11.173  -1.660  -13.075 1.00 15.04 ? 64  PRO A O   1 
ATOM   479  C  CB  . PRO A 1 68  ? 9.397   0.888   -14.097 1.00 15.83 ? 64  PRO A CB  1 
ATOM   480  C  CG  . PRO A 1 68  ? 8.957   2.001   -13.205 1.00 16.12 ? 64  PRO A CG  1 
ATOM   481  C  CD  . PRO A 1 68  ? 7.672   1.450   -12.618 1.00 15.18 ? 64  PRO A CD  1 
ATOM   482  N  N   . GLY A 1 69  ? 10.815  -0.203  -11.392 1.00 11.93 ? 65  GLY A N   1 
ATOM   483  C  CA  . GLY A 1 69  ? 12.037  -0.581  -10.695 1.00 12.71 ? 65  GLY A CA  1 
ATOM   484  C  C   . GLY A 1 69  ? 11.824  -1.891  -9.966  1.00 12.89 ? 65  GLY A C   1 
ATOM   485  O  O   . GLY A 1 69  ? 12.363  -2.934  -10.346 1.00 12.95 ? 65  GLY A O   1 
ATOM   486  N  N   . MET A 1 70  ? 11.044  -1.824  -8.894  1.00 13.09 ? 66  MET A N   1 
ATOM   487  C  CA  . MET A 1 70  ? 10.692  -3.007  -8.121  1.00 13.19 ? 66  MET A CA  1 
ATOM   488  C  C   . MET A 1 70  ? 9.170   -3.030  -8.110  1.00 13.50 ? 66  MET A C   1 
ATOM   489  O  O   . MET A 1 70  ? 8.540   -2.071  -7.656  1.00 11.97 ? 66  MET A O   1 
ATOM   490  C  CB  . MET A 1 70  ? 11.208  -2.924  -6.686  1.00 11.51 ? 66  MET A CB  1 
ATOM   491  C  CG  . MET A 1 70  ? 10.706  -4.079  -5.824  1.00 13.32 ? 66  MET A CG  1 
ATOM   492  S  SD  . MET A 1 70  ? 11.215  -3.973  -4.107  1.00 14.80 ? 66  MET A SD  1 
ATOM   493  C  CE  . MET A 1 70  ? 12.958  -4.495  -4.252  1.00 16.53 ? 66  MET A CE  1 
ATOM   494  N  N   . GLN A 1 71  ? 8.598   -4.120  -8.623  1.00 12.29 ? 67  GLN A N   1 
ATOM   495  C  CA  . GLN A 1 71  ? 7.151   -4.293  -8.705  1.00 15.90 ? 67  GLN A CA  1 
ATOM   496  C  C   . GLN A 1 71  ? 6.497   -4.359  -7.335  1.00 13.84 ? 67  GLN A C   1 
ATOM   497  O  O   . GLN A 1 71  ? 7.151   -4.644  -6.335  1.00 13.65 ? 67  GLN A O   1 
ATOM   498  C  CB  . GLN A 1 71  ? 6.816   -5.575  -9.472  1.00 32.14 ? 67  GLN A CB  1 
ATOM   499  C  CG  . GLN A 1 71  ? 7.462   -5.677  -10.840 1.00 40.64 ? 67  GLN A CG  1 
ATOM   500  C  CD  . GLN A 1 71  ? 7.035   -6.927  -11.585 1.00 44.06 ? 67  GLN A CD  1 
ATOM   501  O  OE1 . GLN A 1 71  ? 7.115   -8.037  -11.056 1.00 48.74 ? 67  GLN A OE1 1 
ATOM   502  N  NE2 . GLN A 1 71  ? 6.582   -6.753  -12.822 1.00 45.75 ? 67  GLN A NE2 1 
ATOM   503  N  N   . GLY A 1 72  ? 5.194   -4.103  -7.303  1.00 9.42  ? 68  GLY A N   1 
ATOM   504  C  CA  . GLY A 1 72  ? 4.479   -4.143  -6.040  1.00 12.05 ? 68  GLY A CA  1 
ATOM   505  C  C   . GLY A 1 72  ? 4.603   -5.473  -5.319  1.00 10.69 ? 68  GLY A C   1 
ATOM   506  O  O   . GLY A 1 72  ? 4.851   -5.510  -4.114  1.00 10.46 ? 68  GLY A O   1 
ATOM   507  N  N   . ILE A 1 73  ? 4.443   -6.572  -6.048  1.00 13.51 ? 69  ILE A N   1 
ATOM   508  C  CA  . ILE A 1 73  ? 4.527   -7.878  -5.412  1.00 13.94 ? 69  ILE A CA  1 
ATOM   509  C  C   . ILE A 1 73  ? 5.917   -8.143  -4.846  1.00 12.98 ? 69  ILE A C   1 
ATOM   510  O  O   . ILE A 1 73  ? 6.058   -8.827  -3.836  1.00 12.56 ? 69  ILE A O   1 
ATOM   511  C  CB  . ILE A 1 73  ? 4.134   -9.022  -6.381  1.00 15.44 ? 69  ILE A CB  1 
ATOM   512  C  CG1 . ILE A 1 73  ? 3.960   -10.322 -5.589  1.00 18.15 ? 69  ILE A CG1 1 
ATOM   513  C  CG2 . ILE A 1 73  ? 5.191   -9.196  -7.464  1.00 16.00 ? 69  ILE A CG2 1 
ATOM   514  C  CD1 . ILE A 1 73  ? 3.467   -11.490 -6.417  1.00 20.00 ? 69  ILE A CD1 1 
ATOM   515  N  N   . ASP A 1 74  ? 6.946   -7.594  -5.482  1.00 14.60 ? 70  ASP A N   1 
ATOM   516  C  CA  . ASP A 1 74  ? 8.294   -7.793  -4.980  1.00 12.71 ? 70  ASP A CA  1 
ATOM   517  C  C   . ASP A 1 74  ? 8.555   -6.913  -3.754  1.00 12.05 ? 70  ASP A C   1 
ATOM   518  O  O   . ASP A 1 74  ? 9.326   -7.286  -2.873  1.00 13.12 ? 70  ASP A O   1 
ATOM   519  C  CB  . ASP A 1 74  ? 9.318   -7.541  -6.089  1.00 15.06 ? 70  ASP A CB  1 
ATOM   520  C  CG  . ASP A 1 74  ? 9.300   -8.639  -7.147  1.00 16.89 ? 70  ASP A CG  1 
ATOM   521  O  OD1 . ASP A 1 74  ? 9.299   -9.830  -6.763  1.00 18.86 ? 70  ASP A OD1 1 
ATOM   522  O  OD2 . ASP A 1 74  ? 9.289   -8.320  -8.352  1.00 18.74 ? 70  ASP A OD2 1 
ATOM   523  N  N   . LEU A 1 75  ? 7.908   -5.751  -3.687  1.00 12.74 ? 71  LEU A N   1 
ATOM   524  C  CA  . LEU A 1 75  ? 8.066   -4.888  -2.514  1.00 11.89 ? 71  LEU A CA  1 
ATOM   525  C  C   . LEU A 1 75  ? 7.445   -5.660  -1.354  1.00 11.94 ? 71  LEU A C   1 
ATOM   526  O  O   . LEU A 1 75  ? 7.995   -5.707  -0.254  1.00 10.95 ? 71  LEU A O   1 
ATOM   527  C  CB  . LEU A 1 75  ? 7.324   -3.560  -2.701  1.00 10.31 ? 71  LEU A CB  1 
ATOM   528  C  CG  . LEU A 1 75  ? 7.190   -2.662  -1.463  1.00 9.58  ? 71  LEU A CG  1 
ATOM   529  C  CD1 . LEU A 1 75  ? 8.564   -2.315  -0.904  1.00 10.54 ? 71  LEU A CD1 1 
ATOM   530  C  CD2 . LEU A 1 75  ? 6.437   -1.403  -1.841  1.00 9.83  ? 71  LEU A CD2 1 
ATOM   531  N  N   . LEU A 1 76  ? 6.294   -6.273  -1.619  1.00 12.70 ? 72  LEU A N   1 
ATOM   532  C  CA  . LEU A 1 76  ? 5.594   -7.065  -0.614  1.00 12.79 ? 72  LEU A CA  1 
ATOM   533  C  C   . LEU A 1 76  ? 6.462   -8.232  -0.148  1.00 13.19 ? 72  LEU A C   1 
ATOM   534  O  O   . LEU A 1 76  ? 6.589   -8.470  1.051   1.00 12.84 ? 72  LEU A O   1 
ATOM   535  C  CB  . LEU A 1 76  ? 4.273   -7.599  -1.184  1.00 11.40 ? 72  LEU A CB  1 
ATOM   536  C  CG  . LEU A 1 76  ? 3.508   -8.623  -0.333  1.00 12.80 ? 72  LEU A CG  1 
ATOM   537  C  CD1 . LEU A 1 76  ? 3.117   -8.003  1.004   1.00 10.69 ? 72  LEU A CD1 1 
ATOM   538  C  CD2 . LEU A 1 76  ? 2.266   -9.082  -1.090  1.00 12.22 ? 72  LEU A CD2 1 
ATOM   539  N  N   . LYS A 1 77  ? 7.058   -8.959  -1.092  1.00 12.68 ? 73  LYS A N   1 
ATOM   540  C  CA  . LYS A 1 77  ? 7.913   -10.088 -0.737  1.00 13.82 ? 73  LYS A CA  1 
ATOM   541  C  C   . LYS A 1 77  ? 9.119   -9.627  0.081   1.00 14.97 ? 73  LYS A C   1 
ATOM   542  O  O   . LYS A 1 77  ? 9.517   -10.301 1.030   1.00 15.11 ? 73  LYS A O   1 
ATOM   543  C  CB  . LYS A 1 77  ? 8.367   -10.840 -1.992  1.00 12.24 ? 73  LYS A CB  1 
ATOM   544  C  CG  . LYS A 1 77  ? 7.253   -11.670 -2.623  1.00 14.50 ? 73  LYS A CG  1 
ATOM   545  C  CD  . LYS A 1 77  ? 7.739   -12.416 -3.859  1.00 14.72 ? 73  LYS A CD  1 
ATOM   546  C  CE  . LYS A 1 77  ? 6.602   -13.158 -4.533  1.00 17.12 ? 73  LYS A CE  1 
ATOM   547  N  NZ  . LYS A 1 77  ? 7.070   -13.893 -5.740  1.00 17.57 ? 73  LYS A NZ  1 
ATOM   548  N  N   . ASN A 1 78  ? 9.691   -8.477  -0.275  1.00 13.69 ? 74  ASN A N   1 
ATOM   549  C  CA  . ASN A 1 78  ? 10.832  -7.944  0.465   1.00 14.43 ? 74  ASN A CA  1 
ATOM   550  C  C   . ASN A 1 78  ? 10.386  -7.575  1.882   1.00 13.21 ? 74  ASN A C   1 
ATOM   551  O  O   . ASN A 1 78  ? 11.112  -7.804  2.850   1.00 17.12 ? 74  ASN A O   1 
ATOM   552  C  CB  . ASN A 1 78  ? 11.413  -6.715  -0.253  1.00 16.29 ? 74  ASN A CB  1 
ATOM   553  C  CG  . ASN A 1 78  ? 12.467  -7.083  -1.295  1.00 20.38 ? 74  ASN A CG  1 
ATOM   554  O  OD1 . ASN A 1 78  ? 13.662  -7.157  -0.989  1.00 21.83 ? 74  ASN A OD1 1 
ATOM   555  N  ND2 . ASN A 1 78  ? 12.029  -7.326  -2.524  1.00 18.84 ? 74  ASN A ND2 1 
ATOM   556  N  N   . ILE A 1 79  ? 9.190   -7.009  2.007   1.00 12.56 ? 75  ILE A N   1 
ATOM   557  C  CA  . ILE A 1 79  ? 8.670   -6.642  3.317   1.00 12.64 ? 75  ILE A CA  1 
ATOM   558  C  C   . ILE A 1 79  ? 8.475   -7.894  4.173   1.00 14.38 ? 75  ILE A C   1 
ATOM   559  O  O   . ILE A 1 79  ? 8.873   -7.926  5.338   1.00 12.48 ? 75  ILE A O   1 
ATOM   560  C  CB  . ILE A 1 79  ? 7.317   -5.888  3.189   1.00 13.56 ? 75  ILE A CB  1 
ATOM   561  C  CG1 . ILE A 1 79  ? 7.570   -4.483  2.643   1.00 12.94 ? 75  ILE A CG1 1 
ATOM   562  C  CG2 . ILE A 1 79  ? 6.597   -5.829  4.544   1.00 12.80 ? 75  ILE A CG2 1 
ATOM   563  C  CD1 . ILE A 1 79  ? 6.308   -3.724  2.265   1.00 10.56 ? 75  ILE A CD1 1 
ATOM   564  N  N   . ARG A 1 80  ? 7.884   -8.932  3.588   1.00 15.22 ? 76  ARG A N   1 
ATOM   565  C  CA  . ARG A 1 80  ? 7.627   -10.164 4.329   1.00 15.00 ? 76  ARG A CA  1 
ATOM   566  C  C   . ARG A 1 80  ? 8.874   -10.984 4.665   1.00 17.09 ? 76  ARG A C   1 
ATOM   567  O  O   . ARG A 1 80  ? 8.865   -11.758 5.621   1.00 18.04 ? 76  ARG A O   1 
ATOM   568  C  CB  . ARG A 1 80  ? 6.627   -11.036 3.560   1.00 14.67 ? 76  ARG A CB  1 
ATOM   569  C  CG  . ARG A 1 80  ? 5.237   -10.422 3.443   1.00 15.33 ? 76  ARG A CG  1 
ATOM   570  C  CD  . ARG A 1 80  ? 4.470   -10.445 4.767   1.00 14.56 ? 76  ARG A CD  1 
ATOM   571  N  NE  . ARG A 1 80  ? 3.142   -9.855  4.610   1.00 14.99 ? 76  ARG A NE  1 
ATOM   572  C  CZ  . ARG A 1 80  ? 2.823   -8.612  4.961   1.00 17.34 ? 76  ARG A CZ  1 
ATOM   573  N  NH1 . ARG A 1 80  ? 3.733   -7.810  5.504   1.00 18.08 ? 76  ARG A NH1 1 
ATOM   574  N  NH2 . ARG A 1 80  ? 1.594   -8.160  4.750   1.00 15.49 ? 76  ARG A NH2 1 
ATOM   575  N  N   . ALA A 1 81  ? 9.940   -10.813 3.890   1.00 18.87 ? 77  ALA A N   1 
ATOM   576  C  CA  . ALA A 1 81  ? 11.175  -11.561 4.117   1.00 20.35 ? 77  ALA A CA  1 
ATOM   577  C  C   . ALA A 1 81  ? 12.115  -10.864 5.098   1.00 20.20 ? 77  ALA A C   1 
ATOM   578  O  O   . ALA A 1 81  ? 13.152  -11.418 5.468   1.00 21.93 ? 77  ALA A O   1 
ATOM   579  C  CB  . ALA A 1 81  ? 11.890  -11.796 2.793   1.00 16.23 ? 77  ALA A CB  1 
ATOM   580  N  N   . ASP A 1 82  ? 11.753  -9.652  5.505   1.00 18.50 ? 78  ASP A N   1 
ATOM   581  C  CA  . ASP A 1 82  ? 12.553  -8.867  6.443   1.00 18.60 ? 78  ASP A CA  1 
ATOM   582  C  C   . ASP A 1 82  ? 11.926  -8.946  7.834   1.00 18.47 ? 78  ASP A C   1 
ATOM   583  O  O   . ASP A 1 82  ? 10.791  -8.514  8.040   1.00 17.27 ? 78  ASP A O   1 
ATOM   584  C  CB  . ASP A 1 82  ? 12.604  -7.403  5.991   1.00 21.39 ? 78  ASP A CB  1 
ATOM   585  C  CG  . ASP A 1 82  ? 13.619  -6.584  6.766   1.00 25.75 ? 78  ASP A CG  1 
ATOM   586  O  OD1 . ASP A 1 82  ? 13.601  -6.636  8.014   1.00 26.70 ? 78  ASP A OD1 1 
ATOM   587  O  OD2 . ASP A 1 82  ? 14.431  -5.882  6.125   1.00 25.64 ? 78  ASP A OD2 1 
ATOM   588  N  N   . GLU A 1 83  ? 12.675  -9.500  8.783   1.00 21.15 ? 79  GLU A N   1 
ATOM   589  C  CA  . GLU A 1 83  ? 12.207  -9.651  10.158  1.00 23.56 ? 79  GLU A CA  1 
ATOM   590  C  C   . GLU A 1 83  ? 11.644  -8.368  10.766  1.00 22.29 ? 79  GLU A C   1 
ATOM   591  O  O   . GLU A 1 83  ? 10.656  -8.409  11.498  1.00 21.30 ? 79  GLU A O   1 
ATOM   592  C  CB  . GLU A 1 83  ? 13.349  -10.167 11.038  1.00 51.36 ? 79  GLU A CB  1 
ATOM   593  C  CG  . GLU A 1 83  ? 14.571  -9.260  11.050  1.00 59.63 ? 79  GLU A CG  1 
ATOM   594  C  CD  . GLU A 1 83  ? 15.687  -9.783  11.933  1.00 62.75 ? 79  GLU A CD  1 
ATOM   595  O  OE1 . GLU A 1 83  ? 16.748  -9.125  12.002  1.00 64.19 ? 79  GLU A OE1 1 
ATOM   596  O  OE2 . GLU A 1 83  ? 15.506  -10.849 12.558  1.00 65.08 ? 79  GLU A OE2 1 
ATOM   597  N  N   . GLU A 1 84  ? 12.272  -7.234  10.463  1.00 21.46 ? 80  GLU A N   1 
ATOM   598  C  CA  . GLU A 1 84  ? 11.835  -5.944  11.000  1.00 21.86 ? 80  GLU A CA  1 
ATOM   599  C  C   . GLU A 1 84  ? 10.568  -5.385  10.370  1.00 20.72 ? 80  GLU A C   1 
ATOM   600  O  O   . GLU A 1 84  ? 9.840   -4.623  11.008  1.00 20.70 ? 80  GLU A O   1 
ATOM   601  C  CB  . GLU A 1 84  ? 12.904  -4.872  10.801  1.00 30.73 ? 80  GLU A CB  1 
ATOM   602  C  CG  . GLU A 1 84  ? 14.239  -5.091  11.456  1.00 35.19 ? 80  GLU A CG  1 
ATOM   603  C  CD  . GLU A 1 84  ? 15.113  -3.863  11.299  1.00 37.19 ? 80  GLU A CD  1 
ATOM   604  O  OE1 . GLU A 1 84  ? 14.860  -2.858  11.997  1.00 39.63 ? 80  GLU A OE1 1 
ATOM   605  O  OE2 . GLU A 1 84  ? 16.035  -3.892  10.459  1.00 38.05 ? 80  GLU A OE2 1 
ATOM   606  N  N   . LEU A 1 85  ? 10.317  -5.743  9.116   1.00 19.62 ? 81  LEU A N   1 
ATOM   607  C  CA  . LEU A 1 85  ? 9.170   -5.202  8.391   1.00 18.12 ? 81  LEU A CA  1 
ATOM   608  C  C   . LEU A 1 85  ? 7.986   -6.120  8.149   1.00 18.28 ? 81  LEU A C   1 
ATOM   609  O  O   . LEU A 1 85  ? 6.904   -5.639  7.820   1.00 17.53 ? 81  LEU A O   1 
ATOM   610  C  CB  . LEU A 1 85  ? 9.631   -4.682  7.024   1.00 14.17 ? 81  LEU A CB  1 
ATOM   611  C  CG  . LEU A 1 85  ? 10.854  -3.760  6.978   1.00 13.73 ? 81  LEU A CG  1 
ATOM   612  C  CD1 . LEU A 1 85  ? 11.216  -3.466  5.528   1.00 15.79 ? 81  LEU A CD1 1 
ATOM   613  C  CD2 . LEU A 1 85  ? 10.565  -2.481  7.743   1.00 16.89 ? 81  LEU A CD2 1 
ATOM   614  N  N   . LYS A 1 86  ? 8.174   -7.427  8.308   1.00 18.65 ? 82  LYS A N   1 
ATOM   615  C  CA  . LYS A 1 86  ? 7.098   -8.372  8.010   1.00 19.19 ? 82  LYS A CA  1 
ATOM   616  C  C   . LYS A 1 86  ? 5.745   -8.151  8.684   1.00 19.18 ? 82  LYS A C   1 
ATOM   617  O  O   . LYS A 1 86  ? 4.731   -8.665  8.216   1.00 18.96 ? 82  LYS A O   1 
ATOM   618  C  CB  . LYS A 1 86  ? 7.569   -9.813  8.252   1.00 17.30 ? 82  LYS A CB  1 
ATOM   619  C  CG  . LYS A 1 86  ? 7.870   -10.171 9.693   1.00 20.38 ? 82  LYS A CG  1 
ATOM   620  C  CD  . LYS A 1 86  ? 8.408   -11.593 9.777   1.00 24.57 ? 82  LYS A CD  1 
ATOM   621  C  CE  . LYS A 1 86  ? 8.682   -12.009 11.214  1.00 27.78 ? 82  LYS A CE  1 
ATOM   622  N  NZ  . LYS A 1 86  ? 7.435   -12.045 12.024  1.00 30.43 ? 82  LYS A NZ  1 
ATOM   623  N  N   . HIS A 1 87  ? 5.719   -7.382  9.765   1.00 17.55 ? 83  HIS A N   1 
ATOM   624  C  CA  . HIS A 1 87  ? 4.473   -7.112  10.479  1.00 18.17 ? 83  HIS A CA  1 
ATOM   625  C  C   . HIS A 1 87  ? 3.564   -6.130  9.730   1.00 17.09 ? 83  HIS A C   1 
ATOM   626  O  O   . HIS A 1 87  ? 2.353   -6.091  9.954   1.00 17.66 ? 83  HIS A O   1 
ATOM   627  C  CB  . HIS A 1 87  ? 4.786   -6.514  11.851  1.00 20.74 ? 83  HIS A CB  1 
ATOM   628  C  CG  . HIS A 1 87  ? 5.422   -5.160  11.779  1.00 21.44 ? 83  HIS A CG  1 
ATOM   629  N  ND1 . HIS A 1 87  ? 6.739   -4.976  11.413  1.00 23.69 ? 83  HIS A ND1 1 
ATOM   630  C  CD2 . HIS A 1 87  ? 4.907   -3.922  11.958  1.00 21.85 ? 83  HIS A CD2 1 
ATOM   631  C  CE1 . HIS A 1 87  ? 7.006   -3.684  11.371  1.00 22.81 ? 83  HIS A CE1 1 
ATOM   632  N  NE2 . HIS A 1 87  ? 5.911   -3.021  11.696  1.00 22.56 ? 83  HIS A NE2 1 
ATOM   633  N  N   . LEU A 1 88  ? 4.160   -5.338  8.847   1.00 14.33 ? 84  LEU A N   1 
ATOM   634  C  CA  . LEU A 1 88  ? 3.435   -4.316  8.099   1.00 14.52 ? 84  LEU A CA  1 
ATOM   635  C  C   . LEU A 1 88  ? 2.253   -4.719  7.236   1.00 13.45 ? 84  LEU A C   1 
ATOM   636  O  O   . LEU A 1 88  ? 2.388   -5.524  6.312   1.00 13.19 ? 84  LEU A O   1 
ATOM   637  C  CB  . LEU A 1 88  ? 4.406   -3.542  7.212   1.00 14.75 ? 84  LEU A CB  1 
ATOM   638  C  CG  . LEU A 1 88  ? 5.387   -2.605  7.906   1.00 14.64 ? 84  LEU A CG  1 
ATOM   639  C  CD1 . LEU A 1 88  ? 6.472   -2.230  6.920   1.00 12.18 ? 84  LEU A CD1 1 
ATOM   640  C  CD2 . LEU A 1 88  ? 4.660   -1.361  8.424   1.00 14.60 ? 84  LEU A CD2 1 
ATOM   641  N  N   . PRO A 1 89  ? 1.071   -4.151  7.521   1.00 15.10 ? 85  PRO A N   1 
ATOM   642  C  CA  . PRO A 1 89  ? -0.107  -4.476  6.718   1.00 15.14 ? 85  PRO A CA  1 
ATOM   643  C  C   . PRO A 1 89  ? 0.081   -3.772  5.373   1.00 13.59 ? 85  PRO A C   1 
ATOM   644  O  O   . PRO A 1 89  ? 0.540   -2.629  5.325   1.00 12.61 ? 85  PRO A O   1 
ATOM   645  C  CB  . PRO A 1 89  ? -1.261  -3.904  7.539   1.00 18.96 ? 85  PRO A CB  1 
ATOM   646  C  CG  . PRO A 1 89  ? -0.626  -2.783  8.302   1.00 21.04 ? 85  PRO A CG  1 
ATOM   647  C  CD  . PRO A 1 89  ? 0.699   -3.364  8.710   1.00 18.47 ? 85  PRO A CD  1 
ATOM   648  N  N   . VAL A 1 90  ? -0.259  -4.463  4.292   1.00 13.47 ? 86  VAL A N   1 
ATOM   649  C  CA  . VAL A 1 90  ? -0.095  -3.917  2.951   1.00 14.08 ? 86  VAL A CA  1 
ATOM   650  C  C   . VAL A 1 90  ? -1.374  -3.982  2.132   1.00 13.00 ? 86  VAL A C   1 
ATOM   651  O  O   . VAL A 1 90  ? -2.011  -5.035  2.045   1.00 13.37 ? 86  VAL A O   1 
ATOM   652  C  CB  . VAL A 1 90  ? 1.006   -4.690  2.183   1.00 11.81 ? 86  VAL A CB  1 
ATOM   653  C  CG1 . VAL A 1 90  ? 1.151   -4.137  0.765   1.00 12.19 ? 86  VAL A CG1 1 
ATOM   654  C  CG2 . VAL A 1 90  ? 2.329   -4.607  2.943   1.00 11.96 ? 86  VAL A CG2 1 
ATOM   655  N  N   . LEU A 1 91  ? -1.751  -2.848  1.544   1.00 11.62 ? 87  LEU A N   1 
ATOM   656  C  CA  . LEU A 1 91  ? -2.929  -2.775  0.681   1.00 13.10 ? 87  LEU A CA  1 
ATOM   657  C  C   . LEU A 1 91  ? -2.405  -2.572  -0.736  1.00 12.44 ? 87  LEU A C   1 
ATOM   658  O  O   . LEU A 1 91  ? -1.638  -1.645  -0.988  1.00 11.76 ? 87  LEU A O   1 
ATOM   659  C  CB  . LEU A 1 91  ? -3.831  -1.595  1.071   1.00 12.73 ? 87  LEU A CB  1 
ATOM   660  C  CG  . LEU A 1 91  ? -4.987  -1.245  0.119   1.00 12.39 ? 87  LEU A CG  1 
ATOM   661  C  CD1 . LEU A 1 91  ? -5.966  -2.419  -0.013  1.00 10.75 ? 87  LEU A CD1 1 
ATOM   662  C  CD2 . LEU A 1 91  ? -5.700  -0.006  0.637   1.00 11.35 ? 87  LEU A CD2 1 
ATOM   663  N  N   . MET A 1 92  ? -2.803  -3.442  -1.656  1.00 11.93 ? 88  MET A N   1 
ATOM   664  C  CA  . MET A 1 92  ? -2.348  -3.328  -3.036  1.00 12.47 ? 88  MET A CA  1 
ATOM   665  C  C   . MET A 1 92  ? -3.381  -2.633  -3.913  1.00 12.55 ? 88  MET A C   1 
ATOM   666  O  O   . MET A 1 92  ? -4.583  -2.844  -3.756  1.00 12.74 ? 88  MET A O   1 
ATOM   667  C  CB  . MET A 1 92  ? -2.047  -4.711  -3.619  1.00 11.95 ? 88  MET A CB  1 
ATOM   668  C  CG  . MET A 1 92  ? -3.265  -5.608  -3.752  1.00 17.14 ? 88  MET A CG  1 
ATOM   669  S  SD  . MET A 1 92  ? -2.880  -7.195  -4.528  1.00 16.62 ? 88  MET A SD  1 
ATOM   670  C  CE  . MET A 1 92  ? -2.898  -6.751  -6.270  1.00 16.73 ? 88  MET A CE  1 
ATOM   671  N  N   . ILE A 1 93  ? -2.907  -1.787  -4.824  1.00 9.86  ? 89  ILE A N   1 
ATOM   672  C  CA  . ILE A 1 93  ? -3.795  -1.095  -5.751  1.00 8.81  ? 89  ILE A CA  1 
ATOM   673  C  C   . ILE A 1 93  ? -3.647  -1.779  -7.107  1.00 11.21 ? 89  ILE A C   1 
ATOM   674  O  O   . ILE A 1 93  ? -2.533  -2.002  -7.575  1.00 10.59 ? 89  ILE A O   1 
ATOM   675  C  CB  . ILE A 1 93  ? -3.420  0.400   -5.911  1.00 10.08 ? 89  ILE A CB  1 
ATOM   676  C  CG1 . ILE A 1 93  ? -3.558  1.126   -4.568  1.00 9.89  ? 89  ILE A CG1 1 
ATOM   677  C  CG2 . ILE A 1 93  ? -4.319  1.050   -6.974  1.00 10.06 ? 89  ILE A CG2 1 
ATOM   678  C  CD1 . ILE A 1 93  ? -3.058  2.577   -4.600  1.00 8.58  ? 89  ILE A CD1 1 
ATOM   679  N  N   . THR A 1 94  ? -4.769  -2.133  -7.726  1.00 11.86 ? 90  THR A N   1 
ATOM   680  C  CA  . THR A 1 94  ? -4.731  -2.783  -9.026  1.00 14.42 ? 90  THR A CA  1 
ATOM   681  C  C   . THR A 1 94  ? -5.747  -2.164  -9.984  1.00 14.83 ? 90  THR A C   1 
ATOM   682  O  O   . THR A 1 94  ? -6.749  -1.599  -9.552  1.00 14.20 ? 90  THR A O   1 
ATOM   683  C  CB  . THR A 1 94  ? -5.015  -4.292  -8.902  1.00 13.11 ? 90  THR A CB  1 
ATOM   684  O  OG1 . THR A 1 94  ? -5.073  -4.872  -10.211 1.00 16.81 ? 90  THR A OG1 1 
ATOM   685  C  CG2 . THR A 1 94  ? -6.331  -4.537  -8.174  1.00 13.16 ? 90  THR A CG2 1 
ATOM   686  N  N   . ALA A 1 95  ? -5.476  -2.270  -11.284 1.00 16.07 ? 91  ALA A N   1 
ATOM   687  C  CA  . ALA A 1 95  ? -6.380  -1.730  -12.299 1.00 17.71 ? 91  ALA A CA  1 
ATOM   688  C  C   . ALA A 1 95  ? -7.560  -2.677  -12.521 1.00 17.69 ? 91  ALA A C   1 
ATOM   689  O  O   . ALA A 1 95  ? -8.608  -2.282  -13.036 1.00 19.53 ? 91  ALA A O   1 
ATOM   690  C  CB  . ALA A 1 95  ? -5.624  -1.510  -13.608 1.00 15.65 ? 91  ALA A CB  1 
ATOM   691  N  N   . GLU A 1 96  ? -7.375  -3.933  -12.133 1.00 16.53 ? 92  GLU A N   1 
ATOM   692  C  CA  . GLU A 1 96  ? -8.412  -4.956  -12.255 1.00 18.28 ? 92  GLU A CA  1 
ATOM   693  C  C   . GLU A 1 96  ? -8.017  -6.149  -11.392 1.00 18.25 ? 92  GLU A C   1 
ATOM   694  O  O   . GLU A 1 96  ? -6.944  -6.728  -11.575 1.00 18.04 ? 92  GLU A O   1 
ATOM   695  C  CB  . GLU A 1 96  ? -8.585  -5.401  -13.711 1.00 21.54 ? 92  GLU A CB  1 
ATOM   696  C  CG  . GLU A 1 96  ? -9.411  -6.676  -13.842 1.00 25.45 ? 92  GLU A CG  1 
ATOM   697  C  CD  . GLU A 1 96  ? -9.795  -7.006  -15.273 1.00 28.72 ? 92  GLU A CD  1 
ATOM   698  O  OE1 . GLU A 1 96  ? -8.971  -6.790  -16.188 1.00 29.43 ? 92  GLU A OE1 1 
ATOM   699  O  OE2 . GLU A 1 96  ? -10.924 -7.504  -15.477 1.00 29.30 ? 92  GLU A OE2 1 
ATOM   700  N  N   . ALA A 1 97  ? -8.886  -6.508  -10.452 1.00 20.37 ? 93  ALA A N   1 
ATOM   701  C  CA  . ALA A 1 97  ? -8.621  -7.615  -9.540  1.00 20.86 ? 93  ALA A CA  1 
ATOM   702  C  C   . ALA A 1 97  ? -8.799  -8.997  -10.163 1.00 21.56 ? 93  ALA A C   1 
ATOM   703  O  O   . ALA A 1 97  ? -9.647  -9.776  -9.721  1.00 21.87 ? 93  ALA A O   1 
ATOM   704  C  CB  . ALA A 1 97  ? -9.508  -7.487  -8.302  1.00 18.79 ? 93  ALA A CB  1 
ATOM   705  N  N   . LYS A 1 98  ? -8.002  -9.298  -11.183 1.00 21.40 ? 94  LYS A N   1 
ATOM   706  C  CA  . LYS A 1 98  ? -8.067  -10.603 -11.838 1.00 21.62 ? 94  LYS A CA  1 
ATOM   707  C  C   . LYS A 1 98  ? -7.763  -11.677 -10.793 1.00 22.41 ? 94  LYS A C   1 
ATOM   708  O  O   . LYS A 1 98  ? -6.813  -11.548 -10.024 1.00 21.43 ? 94  LYS A O   1 
ATOM   709  C  CB  . LYS A 1 98  ? -7.041  -10.686 -12.973 1.00 30.26 ? 94  LYS A CB  1 
ATOM   710  C  CG  . LYS A 1 98  ? -7.280  -9.708  -14.114 1.00 32.42 ? 94  LYS A CG  1 
ATOM   711  C  CD  . LYS A 1 98  ? -6.211  -9.856  -15.185 1.00 34.07 ? 94  LYS A CD  1 
ATOM   712  C  CE  . LYS A 1 98  ? -6.443  -8.897  -16.341 1.00 37.15 ? 94  LYS A CE  1 
ATOM   713  N  NZ  . LYS A 1 98  ? -5.367  -8.996  -17.368 1.00 37.69 ? 94  LYS A NZ  1 
ATOM   714  N  N   . ARG A 1 99  ? -8.565  -12.736 -10.772 1.00 22.71 ? 95  ARG A N   1 
ATOM   715  C  CA  . ARG A 1 99  ? -8.378  -13.813 -9.804  1.00 22.73 ? 95  ARG A CA  1 
ATOM   716  C  C   . ARG A 1 99  ? -6.926  -14.280 -9.694  1.00 21.98 ? 95  ARG A C   1 
ATOM   717  O  O   . ARG A 1 99  ? -6.408  -14.444 -8.589  1.00 20.23 ? 95  ARG A O   1 
ATOM   718  C  CB  . ARG A 1 99  ? -9.290  -14.998 -10.151 1.00 30.82 ? 95  ARG A CB  1 
ATOM   719  C  CG  . ARG A 1 99  ? -9.216  -16.156 -9.159  1.00 36.43 ? 95  ARG A CG  1 
ATOM   720  C  CD  . ARG A 1 99  ? -10.368 -17.136 -9.361  1.00 40.63 ? 95  ARG A CD  1 
ATOM   721  N  NE  . ARG A 1 99  ? -10.122 -18.430 -8.727  1.00 44.53 ? 95  ARG A NE  1 
ATOM   722  C  CZ  . ARG A 1 99  ? -10.014 -18.628 -7.416  1.00 46.77 ? 95  ARG A CZ  1 
ATOM   723  N  NH1 . ARG A 1 99  ? -10.132 -17.612 -6.571  1.00 47.28 ? 95  ARG A NH1 1 
ATOM   724  N  NH2 . ARG A 1 99  ? -9.779  -19.847 -6.947  1.00 47.88 ? 95  ARG A NH2 1 
ATOM   725  N  N   . GLU A 1 100 ? -6.274  -14.487 -10.837 1.00 18.63 ? 96  GLU A N   1 
ATOM   726  C  CA  . GLU A 1 100 ? -4.880  -14.931 -10.866 1.00 21.27 ? 96  GLU A CA  1 
ATOM   727  C  C   . GLU A 1 100 ? -3.976  -13.980 -10.088 1.00 18.98 ? 96  GLU A C   1 
ATOM   728  O  O   . GLU A 1 100 ? -3.124  -14.411 -9.314  1.00 17.20 ? 96  GLU A O   1 
ATOM   729  C  CB  . GLU A 1 100 ? -4.387  -15.029 -12.315 1.00 43.31 ? 96  GLU A CB  1 
ATOM   730  C  CG  . GLU A 1 100 ? -2.867  -15.123 -12.466 1.00 50.25 ? 96  GLU A CG  1 
ATOM   731  C  CD  . GLU A 1 100 ? -2.392  -16.494 -12.915 1.00 54.07 ? 96  GLU A CD  1 
ATOM   732  O  OE1 . GLU A 1 100 ? -2.818  -16.948 -13.999 1.00 54.34 ? 96  GLU A OE1 1 
ATOM   733  O  OE2 . GLU A 1 100 ? -1.587  -17.116 -12.187 1.00 54.61 ? 96  GLU A OE2 1 
ATOM   734  N  N   . GLN A 1 101 ? -4.168  -12.684 -10.305 1.00 17.42 ? 97  GLN A N   1 
ATOM   735  C  CA  . GLN A 1 101 ? -3.372  -11.663 -9.630  1.00 16.53 ? 97  GLN A CA  1 
ATOM   736  C  C   . GLN A 1 101 ? -3.615  -11.657 -8.125  1.00 15.08 ? 97  GLN A C   1 
ATOM   737  O  O   . GLN A 1 101 ? -2.674  -11.599 -7.327  1.00 15.90 ? 97  GLN A O   1 
ATOM   738  C  CB  . GLN A 1 101 ? -3.709  -10.285 -10.202 1.00 17.79 ? 97  GLN A CB  1 
ATOM   739  C  CG  . GLN A 1 101 ? -2.922  -9.135  -9.591  1.00 19.30 ? 97  GLN A CG  1 
ATOM   740  C  CD  . GLN A 1 101 ? -3.477  -7.774  -9.982  1.00 21.31 ? 97  GLN A CD  1 
ATOM   741  O  OE1 . GLN A 1 101 ? -4.621  -7.445  -9.662  1.00 21.35 ? 97  GLN A OE1 1 
ATOM   742  N  NE2 . GLN A 1 101 ? -2.670  -6.978  -10.675 1.00 22.53 ? 97  GLN A NE2 1 
ATOM   743  N  N   . ILE A 1 102 ? -4.883  -11.712 -7.735  1.00 15.59 ? 98  ILE A N   1 
ATOM   744  C  CA  . ILE A 1 102 ? -5.235  -11.693 -6.324  1.00 15.16 ? 98  ILE A CA  1 
ATOM   745  C  C   . ILE A 1 102 ? -4.742  -12.936 -5.583  1.00 14.56 ? 98  ILE A C   1 
ATOM   746  O  O   . ILE A 1 102 ? -4.275  -12.833 -4.444  1.00 13.71 ? 98  ILE A O   1 
ATOM   747  C  CB  . ILE A 1 102 ? -6.760  -11.546 -6.143  1.00 16.48 ? 98  ILE A CB  1 
ATOM   748  C  CG1 . ILE A 1 102 ? -7.238  -10.272 -6.844  1.00 15.63 ? 98  ILE A CG1 1 
ATOM   749  C  CG2 . ILE A 1 102 ? -7.111  -11.480 -4.665  1.00 16.94 ? 98  ILE A CG2 1 
ATOM   750  C  CD1 . ILE A 1 102 ? -6.540  -9.000  -6.368  1.00 18.44 ? 98  ILE A CD1 1 
ATOM   751  N  N   . ILE A 1 103 ? -4.840  -14.100 -6.222  1.00 14.85 ? 99  ILE A N   1 
ATOM   752  C  CA  . ILE A 1 103 ? -4.378  -15.343 -5.604  1.00 15.99 ? 99  ILE A CA  1 
ATOM   753  C  C   . ILE A 1 103 ? -2.873  -15.285 -5.362  1.00 15.58 ? 99  ILE A C   1 
ATOM   754  O  O   . ILE A 1 103 ? -2.393  -15.675 -4.299  1.00 15.47 ? 99  ILE A O   1 
ATOM   755  C  CB  . ILE A 1 103 ? -4.690  -16.583 -6.493  1.00 19.52 ? 99  ILE A CB  1 
ATOM   756  C  CG1 . ILE A 1 103 ? -6.197  -16.857 -6.508  1.00 21.96 ? 99  ILE A CG1 1 
ATOM   757  C  CG2 . ILE A 1 103 ? -3.917  -17.803 -5.984  1.00 17.77 ? 99  ILE A CG2 1 
ATOM   758  C  CD1 . ILE A 1 103 ? -6.775  -17.219 -5.159  1.00 25.66 ? 99  ILE A CD1 1 
ATOM   759  N  N   . GLU A 1 104 ? -2.132  -14.793 -6.350  1.00 12.88 ? 100 GLU A N   1 
ATOM   760  C  CA  . GLU A 1 104 ? -0.680  -14.695 -6.227  1.00 14.38 ? 100 GLU A CA  1 
ATOM   761  C  C   . GLU A 1 104 ? -0.293  -13.718 -5.112  1.00 13.64 ? 100 GLU A C   1 
ATOM   762  O  O   . GLU A 1 104 ? 0.605   -13.994 -4.308  1.00 11.62 ? 100 GLU A O   1 
ATOM   763  C  CB  . GLU A 1 104 ? -0.066  -14.235 -7.553  1.00 19.32 ? 100 GLU A CB  1 
ATOM   764  C  CG  . GLU A 1 104 ? 1.440   -14.049 -7.488  1.00 23.03 ? 100 GLU A CG  1 
ATOM   765  C  CD  . GLU A 1 104 ? 2.035   -13.539 -8.784  1.00 26.14 ? 100 GLU A CD  1 
ATOM   766  O  OE1 . GLU A 1 104 ? 1.572   -12.496 -9.290  1.00 27.44 ? 100 GLU A OE1 1 
ATOM   767  O  OE2 . GLU A 1 104 ? 2.977   -14.179 -9.295  1.00 30.93 ? 100 GLU A OE2 1 
ATOM   768  N  N   . ALA A 1 105 ? -0.971  -12.577 -5.067  1.00 13.23 ? 101 ALA A N   1 
ATOM   769  C  CA  . ALA A 1 105 ? -0.680  -11.577 -4.047  1.00 12.24 ? 101 ALA A CA  1 
ATOM   770  C  C   . ALA A 1 105 ? -1.019  -12.116 -2.662  1.00 12.42 ? 101 ALA A C   1 
ATOM   771  O  O   . ALA A 1 105 ? -0.327  -11.824 -1.686  1.00 11.18 ? 101 ALA A O   1 
ATOM   772  C  CB  . ALA A 1 105 ? -1.457  -10.296 -4.328  1.00 14.30 ? 101 ALA A CB  1 
ATOM   773  N  N   . ALA A 1 106 ? -2.091  -12.898 -2.574  1.00 10.81 ? 102 ALA A N   1 
ATOM   774  C  CA  . ALA A 1 106 ? -2.488  -13.477 -1.296  1.00 12.25 ? 102 ALA A CA  1 
ATOM   775  C  C   . ALA A 1 106 ? -1.415  -14.461 -0.817  1.00 11.73 ? 102 ALA A C   1 
ATOM   776  O  O   . ALA A 1 106 ? -1.047  -14.464 0.360   1.00 13.78 ? 102 ALA A O   1 
ATOM   777  C  CB  . ALA A 1 106 ? -3.841  -14.183 -1.440  1.00 10.75 ? 102 ALA A CB  1 
ATOM   778  N  N   . GLN A 1 107 ? -0.902  -15.289 -1.725  1.00 14.38 ? 103 GLN A N   1 
ATOM   779  C  CA  . GLN A 1 107 ? 0.133   -16.250 -1.345  1.00 15.22 ? 103 GLN A CA  1 
ATOM   780  C  C   . GLN A 1 107 ? 1.424   -15.530 -0.966  1.00 16.40 ? 103 GLN A C   1 
ATOM   781  O  O   . GLN A 1 107 ? 2.234   -16.048 -0.192  1.00 17.20 ? 103 GLN A O   1 
ATOM   782  C  CB  . GLN A 1 107 ? 0.413   -17.239 -2.484  1.00 14.37 ? 103 GLN A CB  1 
ATOM   783  C  CG  . GLN A 1 107 ? -0.769  -18.140 -2.841  1.00 13.81 ? 103 GLN A CG  1 
ATOM   784  C  CD  . GLN A 1 107 ? -0.342  -19.373 -3.615  1.00 12.47 ? 103 GLN A CD  1 
ATOM   785  O  OE1 . GLN A 1 107 ? -0.983  -19.765 -4.597  1.00 16.22 ? 103 GLN A OE1 1 
ATOM   786  N  NE2 . GLN A 1 107 ? 0.734   -20.002 -3.168  1.00 10.94 ? 103 GLN A NE2 1 
ATOM   787  N  N   . ALA A 1 108 ? 1.611   -14.329 -1.508  1.00 15.75 ? 104 ALA A N   1 
ATOM   788  C  CA  . ALA A 1 108 ? 2.803   -13.544 -1.210  1.00 14.36 ? 104 ALA A CA  1 
ATOM   789  C  C   . ALA A 1 108 ? 2.645   -12.844 0.139   1.00 15.03 ? 104 ALA A C   1 
ATOM   790  O  O   . ALA A 1 108 ? 3.610   -12.298 0.673   1.00 15.83 ? 104 ALA A O   1 
ATOM   791  C  CB  . ALA A 1 108 ? 3.052   -12.517 -2.313  1.00 11.58 ? 104 ALA A CB  1 
ATOM   792  N  N   . GLY A 1 109 ? 1.422   -12.857 0.671   1.00 12.62 ? 105 GLY A N   1 
ATOM   793  C  CA  . GLY A 1 109 ? 1.158   -12.250 1.963   1.00 13.58 ? 105 GLY A CA  1 
ATOM   794  C  C   . GLY A 1 109 ? 0.456   -10.901 2.024   1.00 12.62 ? 105 GLY A C   1 
ATOM   795  O  O   . GLY A 1 109 ? 0.492   -10.249 3.065   1.00 12.60 ? 105 GLY A O   1 
ATOM   796  N  N   . VAL A 1 110 ? -0.192  -10.478 0.943   1.00 13.64 ? 106 VAL A N   1 
ATOM   797  C  CA  . VAL A 1 110 ? -0.872  -9.178  0.940   1.00 13.43 ? 106 VAL A CA  1 
ATOM   798  C  C   . VAL A 1 110 ? -2.104  -9.183  1.863   1.00 14.53 ? 106 VAL A C   1 
ATOM   799  O  O   . VAL A 1 110 ? -2.772  -10.206 1.999   1.00 14.21 ? 106 VAL A O   1 
ATOM   800  C  CB  . VAL A 1 110 ? -1.285  -8.768  -0.511  1.00 13.83 ? 106 VAL A CB  1 
ATOM   801  C  CG1 . VAL A 1 110 ? -2.616  -9.402  -0.897  1.00 14.09 ? 106 VAL A CG1 1 
ATOM   802  C  CG2 . VAL A 1 110 ? -1.352  -7.257  -0.618  1.00 13.84 ? 106 VAL A CG2 1 
ATOM   803  N  N   . ASN A 1 111 ? -2.400  -8.043  2.492   1.00 13.08 ? 107 ASN A N   1 
ATOM   804  C  CA  . ASN A 1 111 ? -3.543  -7.942  3.412   1.00 13.80 ? 107 ASN A CA  1 
ATOM   805  C  C   . ASN A 1 111 ? -4.883  -7.676  2.733   1.00 14.44 ? 107 ASN A C   1 
ATOM   806  O  O   . ASN A 1 111 ? -5.932  -8.108  3.221   1.00 15.30 ? 107 ASN A O   1 
ATOM   807  C  CB  . ASN A 1 111 ? -3.292  -6.852  4.464   1.00 13.49 ? 107 ASN A CB  1 
ATOM   808  C  CG  . ASN A 1 111 ? -2.109  -7.162  5.358   1.00 17.39 ? 107 ASN A CG  1 
ATOM   809  O  OD1 . ASN A 1 111 ? -0.959  -7.172  4.911   1.00 14.88 ? 107 ASN A OD1 1 
ATOM   810  N  ND2 . ASN A 1 111 ? -2.386  -7.424  6.631   1.00 19.10 ? 107 ASN A ND2 1 
ATOM   811  N  N   . GLY A 1 112 ? -4.850  -6.954  1.619   1.00 13.49 ? 108 GLY A N   1 
ATOM   812  C  CA  . GLY A 1 112 ? -6.068  -6.652  0.893   1.00 13.67 ? 108 GLY A CA  1 
ATOM   813  C  C   . GLY A 1 112 ? -5.751  -5.973  -0.423  1.00 14.05 ? 108 GLY A C   1 
ATOM   814  O  O   . GLY A 1 112 ? -4.593  -5.664  -0.698  1.00 13.48 ? 108 GLY A O   1 
ATOM   815  N  N   . TYR A 1 113 ? -6.772  -5.736  -1.240  1.00 15.14 ? 109 TYR A N   1 
ATOM   816  C  CA  . TYR A 1 113 ? -6.571  -5.079  -2.525  1.00 14.21 ? 109 TYR A CA  1 
ATOM   817  C  C   . TYR A 1 113 ? -7.706  -4.103  -2.780  1.00 15.74 ? 109 TYR A C   1 
ATOM   818  O  O   . TYR A 1 113 ? -8.785  -4.232  -2.204  1.00 15.56 ? 109 TYR A O   1 
ATOM   819  C  CB  . TYR A 1 113 ? -6.531  -6.112  -3.652  1.00 13.04 ? 109 TYR A CB  1 
ATOM   820  C  CG  . TYR A 1 113 ? -7.864  -6.778  -3.908  1.00 16.36 ? 109 TYR A CG  1 
ATOM   821  C  CD1 . TYR A 1 113 ? -8.795  -6.204  -4.774  1.00 18.43 ? 109 TYR A CD1 1 
ATOM   822  C  CD2 . TYR A 1 113 ? -8.214  -7.954  -3.251  1.00 16.92 ? 109 TYR A CD2 1 
ATOM   823  C  CE1 . TYR A 1 113 ? -10.042 -6.782  -4.981  1.00 21.73 ? 109 TYR A CE1 1 
ATOM   824  C  CE2 . TYR A 1 113 ? -9.467  -8.541  -3.450  1.00 19.78 ? 109 TYR A CE2 1 
ATOM   825  C  CZ  . TYR A 1 113 ? -10.371 -7.946  -4.315  1.00 20.61 ? 109 TYR A CZ  1 
ATOM   826  O  OH  . TYR A 1 113 ? -11.609 -8.508  -4.514  1.00 24.59 ? 109 TYR A OH  1 
ATOM   827  N  N   . ILE A 1 114 ? -7.454  -3.125  -3.641  1.00 12.29 ? 110 ILE A N   1 
ATOM   828  C  CA  . ILE A 1 114 ? -8.471  -2.151  -3.987  1.00 12.79 ? 110 ILE A CA  1 
ATOM   829  C  C   . ILE A 1 114 ? -8.334  -1.876  -5.482  1.00 14.27 ? 110 ILE A C   1 
ATOM   830  O  O   . ILE A 1 114 ? -7.226  -1.749  -6.003  1.00 13.34 ? 110 ILE A O   1 
ATOM   831  C  CB  . ILE A 1 114 ? -8.323  -0.862  -3.133  1.00 14.12 ? 110 ILE A CB  1 
ATOM   832  C  CG1 . ILE A 1 114 ? -9.516  0.066   -3.378  1.00 15.03 ? 110 ILE A CG1 1 
ATOM   833  C  CG2 . ILE A 1 114 ? -6.995  -0.172  -3.435  1.00 14.43 ? 110 ILE A CG2 1 
ATOM   834  C  CD1 . ILE A 1 114 ? -9.581  1.230   -2.409  1.00 15.17 ? 110 ILE A CD1 1 
ATOM   835  N  N   . VAL A 1 115 ? -9.464  -1.817  -6.176  1.00 14.95 ? 111 VAL A N   1 
ATOM   836  C  CA  . VAL A 1 115 ? -9.456  -1.597  -7.615  1.00 15.94 ? 111 VAL A CA  1 
ATOM   837  C  C   . VAL A 1 115 ? -9.666  -0.142  -8.000  1.00 15.86 ? 111 VAL A C   1 
ATOM   838  O  O   . VAL A 1 115 ? -10.630 0.491   -7.575  1.00 15.50 ? 111 VAL A O   1 
ATOM   839  C  CB  . VAL A 1 115 ? -10.546 -2.446  -8.308  1.00 18.19 ? 111 VAL A CB  1 
ATOM   840  C  CG1 . VAL A 1 115 ? -10.496 -2.231  -9.807  1.00 19.12 ? 111 VAL A CG1 1 
ATOM   841  C  CG2 . VAL A 1 115 ? -10.354 -3.914  -7.966  1.00 19.09 ? 111 VAL A CG2 1 
ATOM   842  N  N   . LYS A 1 116 ? -8.754  0.387   -8.808  1.00 17.87 ? 112 LYS A N   1 
ATOM   843  C  CA  . LYS A 1 116 ? -8.860  1.767   -9.255  1.00 21.46 ? 112 LYS A CA  1 
ATOM   844  C  C   . LYS A 1 116 ? -9.596  1.815   -10.591 1.00 24.35 ? 112 LYS A C   1 
ATOM   845  O  O   . LYS A 1 116 ? -9.476  0.900   -11.411 1.00 25.49 ? 112 LYS A O   1 
ATOM   846  C  CB  . LYS A 1 116 ? -7.469  2.394   -9.399  1.00 20.21 ? 112 LYS A CB  1 
ATOM   847  C  CG  . LYS A 1 116 ? -6.599  1.755   -10.452 1.00 23.69 ? 112 LYS A CG  1 
ATOM   848  C  CD  . LYS A 1 116 ? -5.320  2.541   -10.622 1.00 20.69 ? 112 LYS A CD  1 
ATOM   849  C  CE  . LYS A 1 116 ? -4.492  2.004   -11.768 1.00 21.81 ? 112 LYS A CE  1 
ATOM   850  N  NZ  . LYS A 1 116 ? -3.394  2.934   -12.123 1.00 20.90 ? 112 LYS A NZ  1 
ATOM   851  N  N   . PRO A 1 117 ? -10.368 2.887   -10.831 1.00 27.25 ? 113 PRO A N   1 
ATOM   852  C  CA  . PRO A 1 117 ? -10.578 4.028   -9.930  1.00 26.89 ? 113 PRO A CA  1 
ATOM   853  C  C   . PRO A 1 117 ? -11.391 3.682   -8.683  1.00 26.07 ? 113 PRO A C   1 
ATOM   854  O  O   . PRO A 1 117 ? -12.388 2.963   -8.766  1.00 27.50 ? 113 PRO A O   1 
ATOM   855  C  CB  . PRO A 1 117 ? -11.309 5.037   -10.819 1.00 33.44 ? 113 PRO A CB  1 
ATOM   856  C  CG  . PRO A 1 117 ? -10.837 4.681   -12.207 1.00 36.28 ? 113 PRO A CG  1 
ATOM   857  C  CD  . PRO A 1 117 ? -10.907 3.180   -12.169 1.00 35.02 ? 113 PRO A CD  1 
ATOM   858  N  N   . PHE A 1 118 ? -10.969 4.191   -7.528  1.00 19.69 ? 114 PHE A N   1 
ATOM   859  C  CA  . PHE A 1 118 ? -11.698 3.933   -6.292  1.00 18.73 ? 114 PHE A CA  1 
ATOM   860  C  C   . PHE A 1 118 ? -12.034 5.210   -5.523  1.00 19.36 ? 114 PHE A C   1 
ATOM   861  O  O   . PHE A 1 118 ? -11.445 6.270   -5.753  1.00 17.60 ? 114 PHE A O   1 
ATOM   862  C  CB  . PHE A 1 118 ? -10.930 2.945   -5.401  1.00 18.91 ? 114 PHE A CB  1 
ATOM   863  C  CG  . PHE A 1 118 ? -9.548  3.398   -5.011  1.00 16.63 ? 114 PHE A CG  1 
ATOM   864  C  CD1 . PHE A 1 118 ? -9.359  4.304   -3.973  1.00 14.09 ? 114 PHE A CD1 1 
ATOM   865  C  CD2 . PHE A 1 118 ? -8.432  2.887   -5.663  1.00 14.11 ? 114 PHE A CD2 1 
ATOM   866  C  CE1 . PHE A 1 118 ? -8.076  4.691   -3.587  1.00 14.97 ? 114 PHE A CE1 1 
ATOM   867  C  CE2 . PHE A 1 118 ? -7.138  3.267   -5.285  1.00 13.43 ? 114 PHE A CE2 1 
ATOM   868  C  CZ  . PHE A 1 118 ? -6.963  4.172   -4.245  1.00 13.51 ? 114 PHE A CZ  1 
ATOM   869  N  N   . THR A 1 119 ? -12.995 5.099   -4.612  1.00 22.95 ? 115 THR A N   1 
ATOM   870  C  CA  . THR A 1 119 ? -13.451 6.230   -3.812  1.00 23.77 ? 115 THR A CA  1 
ATOM   871  C  C   . THR A 1 119 ? -12.975 6.161   -2.370  1.00 23.47 ? 115 THR A C   1 
ATOM   872  O  O   . THR A 1 119 ? -12.448 5.142   -1.925  1.00 24.06 ? 115 THR A O   1 
ATOM   873  C  CB  . THR A 1 119 ? -14.982 6.281   -3.776  1.00 22.37 ? 115 THR A CB  1 
ATOM   874  O  OG1 . THR A 1 119 ? -15.471 5.095   -3.135  1.00 22.44 ? 115 THR A OG1 1 
ATOM   875  C  CG2 . THR A 1 119 ? -15.548 6.359   -5.185  1.00 22.29 ? 115 THR A CG2 1 
ATOM   876  N  N   . ALA A 1 120 ? -13.176 7.255   -1.639  1.00 22.79 ? 116 ALA A N   1 
ATOM   877  C  CA  . ALA A 1 120 ? -12.794 7.318   -0.238  1.00 21.99 ? 116 ALA A CA  1 
ATOM   878  C  C   . ALA A 1 120 ? -13.644 6.311   0.528   1.00 22.89 ? 116 ALA A C   1 
ATOM   879  O  O   . ALA A 1 120 ? -13.183 5.695   1.492   1.00 21.86 ? 116 ALA A O   1 
ATOM   880  C  CB  . ALA A 1 120 ? -13.025 8.721   0.308   1.00 24.05 ? 116 ALA A CB  1 
ATOM   881  N  N   . ALA A 1 121 ? -14.887 6.143   0.085   1.00 25.10 ? 117 ALA A N   1 
ATOM   882  C  CA  . ALA A 1 121 ? -15.807 5.206   0.720   1.00 26.46 ? 117 ALA A CA  1 
ATOM   883  C  C   . ALA A 1 121 ? -15.257 3.784   0.660   1.00 25.12 ? 117 ALA A C   1 
ATOM   884  O  O   . ALA A 1 121 ? -15.213 3.083   1.672   1.00 26.74 ? 117 ALA A O   1 
ATOM   885  C  CB  . ALA A 1 121 ? -17.171 5.267   0.038   1.00 31.63 ? 117 ALA A CB  1 
ATOM   886  N  N   . THR A 1 122 ? -14.843 3.363   -0.530  1.00 22.53 ? 118 THR A N   1 
ATOM   887  C  CA  . THR A 1 122 ? -14.295 2.025   -0.718  1.00 22.70 ? 118 THR A CA  1 
ATOM   888  C  C   . THR A 1 122 ? -12.979 1.881   0.043   1.00 21.10 ? 118 THR A C   1 
ATOM   889  O  O   . THR A 1 122 ? -12.713 0.846   0.654   1.00 19.36 ? 118 THR A O   1 
ATOM   890  C  CB  . THR A 1 122 ? -14.048 1.725   -2.212  1.00 26.16 ? 118 THR A CB  1 
ATOM   891  O  OG1 . THR A 1 122 ? -15.281 1.850   -2.933  1.00 26.84 ? 118 THR A OG1 1 
ATOM   892  C  CG2 . THR A 1 122 ? -13.504 0.313   -2.392  1.00 25.87 ? 118 THR A CG2 1 
ATOM   893  N  N   . LEU A 1 123 ? -12.158 2.927   0.005   1.00 21.11 ? 119 LEU A N   1 
ATOM   894  C  CA  . LEU A 1 123 ? -10.878 2.899   0.702   1.00 21.84 ? 119 LEU A CA  1 
ATOM   895  C  C   . LEU A 1 123 ? -11.118 2.689   2.195   1.00 22.87 ? 119 LEU A C   1 
ATOM   896  O  O   . LEU A 1 123 ? -10.420 1.906   2.840   1.00 22.96 ? 119 LEU A O   1 
ATOM   897  C  CB  . LEU A 1 123 ? -10.113 4.205   0.461   1.00 16.51 ? 119 LEU A CB  1 
ATOM   898  C  CG  . LEU A 1 123 ? -8.731  4.331   1.109   1.00 17.28 ? 119 LEU A CG  1 
ATOM   899  C  CD1 . LEU A 1 123 ? -7.823  3.196   0.649   1.00 14.74 ? 119 LEU A CD1 1 
ATOM   900  C  CD2 . LEU A 1 123 ? -8.125  5.668   0.727   1.00 14.34 ? 119 LEU A CD2 1 
ATOM   901  N  N   . LYS A 1 124 ? -12.114 3.385   2.738   1.00 24.31 ? 120 LYS A N   1 
ATOM   902  C  CA  . LYS A 1 124 ? -12.450 3.257   4.152   1.00 23.71 ? 120 LYS A CA  1 
ATOM   903  C  C   . LYS A 1 124 ? -12.831 1.811   4.462   1.00 23.01 ? 120 LYS A C   1 
ATOM   904  O  O   . LYS A 1 124 ? -12.393 1.247   5.469   1.00 22.08 ? 120 LYS A O   1 
ATOM   905  C  CB  . LYS A 1 124 ? -13.616 4.183   4.505   1.00 38.65 ? 120 LYS A CB  1 
ATOM   906  C  CG  . LYS A 1 124 ? -14.061 4.104   5.960   1.00 42.79 ? 120 LYS A CG  1 
ATOM   907  C  CD  . LYS A 1 124 ? -12.951 4.533   6.905   1.00 46.41 ? 120 LYS A CD  1 
ATOM   908  C  CE  . LYS A 1 124 ? -13.396 4.457   8.358   1.00 48.96 ? 120 LYS A CE  1 
ATOM   909  N  NZ  . LYS A 1 124 ? -12.309 4.875   9.292   1.00 50.80 ? 120 LYS A NZ  1 
ATOM   910  N  N   . GLU A 1 125 ? -13.647 1.220   3.593   1.00 23.06 ? 121 GLU A N   1 
ATOM   911  C  CA  . GLU A 1 125 ? -14.084 -0.162  3.767   1.00 22.73 ? 121 GLU A CA  1 
ATOM   912  C  C   . GLU A 1 125 ? -12.910 -1.136  3.745   1.00 22.10 ? 121 GLU A C   1 
ATOM   913  O  O   . GLU A 1 125 ? -12.836 -2.049  4.568   1.00 22.06 ? 121 GLU A O   1 
ATOM   914  C  CB  . GLU A 1 125 ? -15.085 -0.543  2.673   1.00 26.46 ? 121 GLU A CB  1 
ATOM   915  C  CG  . GLU A 1 125 ? -16.459 0.083   2.849   1.00 29.86 ? 121 GLU A CG  1 
ATOM   916  C  CD  . GLU A 1 125 ? -17.387 -0.194  1.680   1.00 32.20 ? 121 GLU A CD  1 
ATOM   917  O  OE1 . GLU A 1 125 ? -18.594 0.106   1.799   1.00 32.62 ? 121 GLU A OE1 1 
ATOM   918  O  OE2 . GLU A 1 125 ? -16.910 -0.702  0.642   1.00 31.62 ? 121 GLU A OE2 1 
ATOM   919  N  N   . LYS A 1 126 ? -11.991 -0.939  2.805   1.00 18.27 ? 122 LYS A N   1 
ATOM   920  C  CA  . LYS A 1 126 ? -10.832 -1.816  2.694   1.00 18.56 ? 122 LYS A CA  1 
ATOM   921  C  C   . LYS A 1 126 ? -9.906  -1.707  3.904   1.00 18.95 ? 122 LYS A C   1 
ATOM   922  O  O   . LYS A 1 126 ? -9.304  -2.699  4.325   1.00 19.51 ? 122 LYS A O   1 
ATOM   923  C  CB  . LYS A 1 126 ? -10.059 -1.503  1.408   1.00 19.13 ? 122 LYS A CB  1 
ATOM   924  C  CG  . LYS A 1 126 ? -10.817 -1.841  0.127   1.00 18.36 ? 122 LYS A CG  1 
ATOM   925  C  CD  . LYS A 1 126 ? -10.987 -3.347  -0.045  1.00 17.69 ? 122 LYS A CD  1 
ATOM   926  C  CE  . LYS A 1 126 ? -11.661 -3.678  -1.369  1.00 16.77 ? 122 LYS A CE  1 
ATOM   927  N  NZ  . LYS A 1 126 ? -11.560 -5.129  -1.703  1.00 16.97 ? 122 LYS A NZ  1 
ATOM   928  N  N   . LEU A 1 127 ? -9.786  -0.503  4.460   1.00 19.20 ? 123 LEU A N   1 
ATOM   929  C  CA  . LEU A 1 127 ? -8.936  -0.291  5.626   1.00 21.30 ? 123 LEU A CA  1 
ATOM   930  C  C   . LEU A 1 127 ? -9.499  -1.025  6.843   1.00 21.55 ? 123 LEU A C   1 
ATOM   931  O  O   . LEU A 1 127 ? -8.761  -1.693  7.569   1.00 23.15 ? 123 LEU A O   1 
ATOM   932  C  CB  . LEU A 1 127 ? -8.804  1.204   5.937   1.00 27.68 ? 123 LEU A CB  1 
ATOM   933  C  CG  . LEU A 1 127 ? -8.167  2.104   4.876   1.00 29.24 ? 123 LEU A CG  1 
ATOM   934  C  CD1 . LEU A 1 127 ? -7.907  3.482   5.475   1.00 28.20 ? 123 LEU A CD1 1 
ATOM   935  C  CD2 . LEU A 1 127 ? -6.864  1.493   4.385   1.00 28.68 ? 123 LEU A CD2 1 
ATOM   936  N  N   . ASP A 1 128 ? -10.804 -0.903  7.068   1.00 28.51 ? 124 ASP A N   1 
ATOM   937  C  CA  . ASP A 1 128 ? -11.437 -1.576  8.199   1.00 30.67 ? 124 ASP A CA  1 
ATOM   938  C  C   . ASP A 1 128 ? -11.226 -3.079  8.084   1.00 30.85 ? 124 ASP A C   1 
ATOM   939  O  O   . ASP A 1 128 ? -10.879 -3.751  9.059   1.00 32.18 ? 124 ASP A O   1 
ATOM   940  C  CB  . ASP A 1 128 ? -12.940 -1.285  8.237   1.00 37.00 ? 124 ASP A CB  1 
ATOM   941  C  CG  . ASP A 1 128 ? -13.247 0.170   8.511   1.00 38.66 ? 124 ASP A CG  1 
ATOM   942  O  OD1 . ASP A 1 128 ? -12.658 0.734   9.455   1.00 41.12 ? 124 ASP A OD1 1 
ATOM   943  O  OD2 . ASP A 1 128 ? -14.086 0.746   7.788   1.00 41.61 ? 124 ASP A OD2 1 
ATOM   944  N  N   . LYS A 1 129 ? -11.440 -3.595  6.880   1.00 22.80 ? 125 LYS A N   1 
ATOM   945  C  CA  . LYS A 1 129 ? -11.288 -5.012  6.602   1.00 23.50 ? 125 LYS A CA  1 
ATOM   946  C  C   . LYS A 1 129 ? -9.873  -5.472  6.951   1.00 23.19 ? 125 LYS A C   1 
ATOM   947  O  O   . LYS A 1 129 ? -9.693  -6.471  7.635   1.00 22.55 ? 125 LYS A O   1 
ATOM   948  C  CB  . LYS A 1 129 ? -11.582 -5.270  5.123   1.00 31.23 ? 125 LYS A CB  1 
ATOM   949  C  CG  . LYS A 1 129 ? -11.929 -6.705  4.773   1.00 33.96 ? 125 LYS A CG  1 
ATOM   950  C  CD  . LYS A 1 129 ? -12.329 -6.803  3.305   1.00 36.29 ? 125 LYS A CD  1 
ATOM   951  C  CE  . LYS A 1 129 ? -12.828 -8.192  2.944   1.00 36.83 ? 125 LYS A CE  1 
ATOM   952  N  NZ  . LYS A 1 129 ? -14.063 -8.551  3.698   1.00 39.65 ? 125 LYS A NZ  1 
ATOM   953  N  N   . ILE A 1 130 ? -8.871  -4.732  6.491   1.00 20.06 ? 126 ILE A N   1 
ATOM   954  C  CA  . ILE A 1 130 ? -7.484  -5.082  6.767   1.00 21.61 ? 126 ILE A CA  1 
ATOM   955  C  C   . ILE A 1 130 ? -7.143  -4.968  8.241   1.00 24.56 ? 126 ILE A C   1 
ATOM   956  O  O   . ILE A 1 130 ? -6.529  -5.878  8.815   1.00 23.15 ? 126 ILE A O   1 
ATOM   957  C  CB  . ILE A 1 130 ? -6.509  -4.172  6.005   1.00 22.52 ? 126 ILE A CB  1 
ATOM   958  C  CG1 . ILE A 1 130 ? -6.599  -4.456  4.509   1.00 21.04 ? 126 ILE A CG1 1 
ATOM   959  C  CG2 . ILE A 1 130 ? -5.088  -4.379  6.526   1.00 22.36 ? 126 ILE A CG2 1 
ATOM   960  C  CD1 . ILE A 1 130 ? -5.815  -3.480  3.655   1.00 18.34 ? 126 ILE A CD1 1 
ATOM   961  N  N   . PHE A 1 131 ? -7.523  -3.849  8.853   1.00 33.77 ? 127 PHE A N   1 
ATOM   962  C  CA  . PHE A 1 131 ? -7.216  -3.658  10.251  1.00 38.96 ? 127 PHE A CA  1 
ATOM   963  C  C   . PHE A 1 131 ? -8.038  -4.567  11.125  1.00 43.03 ? 127 PHE A C   1 
ATOM   964  O  O   . PHE A 1 131 ? -8.767  -4.148  12.057  1.00 45.08 ? 127 PHE A O   1 
ATOM   965  C  CB  . PHE A 1 131 ? -7.280  -2.172  10.601  1.00 30.18 ? 127 PHE A CB  1 
ATOM   966  C  CG  . PHE A 1 131 ? -6.037  -1.454  10.173  1.00 29.06 ? 127 PHE A CG  1 
ATOM   967  C  CD1 . PHE A 1 131 ? -4.875  -1.559  10.935  1.00 28.54 ? 127 PHE A CD1 1 
ATOM   968  C  CD2 . PHE A 1 131 ? -5.969  -0.825  8.935   1.00 28.99 ? 127 PHE A CD2 1 
ATOM   969  C  CE1 . PHE A 1 131 ? -3.662  -1.058  10.466  1.00 28.87 ? 127 PHE A CE1 1 
ATOM   970  C  CE2 . PHE A 1 131 ? -4.759  -0.320  8.456   1.00 29.23 ? 127 PHE A CE2 1 
ATOM   971  C  CZ  . PHE A 1 131 ? -3.604  -0.440  9.224   1.00 29.37 ? 127 PHE A CZ  1 
ATOM   972  N  N   . GLU A 1 132 ? -7.855  -5.836  10.751  1.00 67.51 ? 128 GLU A N   1 
ATOM   973  C  CA  . GLU A 1 132 ? -8.415  -7.031  11.341  1.00 71.09 ? 128 GLU A CA  1 
ATOM   974  C  C   . GLU A 1 132 ? -8.678  -8.072  10.268  1.00 71.44 ? 128 GLU A C   1 
ATOM   975  O  O   . GLU A 1 132 ? -9.428  -7.855  9.324   1.00 71.37 ? 128 GLU A O   1 
ATOM   976  C  CB  . GLU A 1 132 ? -9.697  -6.791  12.140  1.00 73.46 ? 128 GLU A CB  1 
ATOM   977  C  CG  . GLU A 1 132 ? -9.772  -7.790  13.280  1.00 79.02 ? 128 GLU A CG  1 
ATOM   978  C  CD  . GLU A 1 132 ? -9.156  -9.147  12.926  1.00 82.35 ? 128 GLU A CD  1 
ATOM   979  O  OE1 . GLU A 1 132 ? -7.957  -9.205  12.576  1.00 84.61 ? 128 GLU A OE1 1 
ATOM   980  O  OE2 . GLU A 1 132 ? -9.868  -10.166 13.013  1.00 84.68 ? 128 GLU A OE2 1 
HETATM 981  CA CA  . CA  B 2 .   ? 1.900   2.182   -11.381 1.00 12.34 ? 131 CA  A CA  1 
HETATM 982  O  O   . HOH C 3 .   ? 3.425   -6.594  -8.741  1.00 14.03 ? 132 HOH A O   1 
HETATM 983  O  O   . HOH C 3 .   ? 8.556   0.727   8.513   1.00 15.62 ? 133 HOH A O   1 
HETATM 984  O  O   . HOH C 3 .   ? 16.629  4.017   -2.944  1.00 14.78 ? 134 HOH A O   1 
HETATM 985  O  O   . HOH C 3 .   ? 9.153   4.111   -10.388 1.00 18.61 ? 135 HOH A O   1 
HETATM 986  O  O   . HOH C 3 .   ? 13.753  6.594   -0.757  1.00 16.86 ? 136 HOH A O   1 
HETATM 987  O  O   . HOH C 3 .   ? 6.984   11.909  1.292   1.00 16.31 ? 137 HOH A O   1 
HETATM 988  O  O   . HOH C 3 .   ? 10.485  8.420   -4.061  1.00 12.35 ? 138 HOH A O   1 
HETATM 989  O  O   . HOH C 3 .   ? 16.591  0.215   -2.275  1.00 15.22 ? 139 HOH A O   1 
HETATM 990  O  O   . HOH C 3 .   ? -12.961 0.232   -6.355  1.00 20.15 ? 140 HOH A O   1 
HETATM 991  O  O   . HOH C 3 .   ? 0.013   -10.644 -7.853  1.00 19.97 ? 141 HOH A O   1 
HETATM 992  O  O   . HOH C 3 .   ? 0.551   4.097   -11.628 1.00 13.94 ? 142 HOH A O   1 
HETATM 993  O  O   . HOH C 3 .   ? 8.672   -12.902 1.096   1.00 18.97 ? 143 HOH A O   1 
HETATM 994  O  O   . HOH C 3 .   ? 12.311  8.647   -1.892  1.00 30.03 ? 144 HOH A O   1 
HETATM 995  O  O   . HOH C 3 .   ? 10.309  -6.171  -9.445  1.00 18.55 ? 145 HOH A O   1 
HETATM 996  O  O   . HOH C 3 .   ? 12.954  4.788   -8.186  1.00 19.62 ? 146 HOH A O   1 
HETATM 997  O  O   . HOH C 3 .   ? -3.178  12.076  3.701   1.00 16.21 ? 147 HOH A O   1 
HETATM 998  O  O   . HOH C 3 .   ? 6.894   -13.276 6.703   1.00 23.75 ? 148 HOH A O   1 
HETATM 999  O  O   . HOH C 3 .   ? -9.407  -6.595  -0.032  1.00 19.61 ? 149 HOH A O   1 
HETATM 1000 O  O   . HOH C 3 .   ? -3.385  1.683   -14.699 1.00 19.02 ? 150 HOH A O   1 
HETATM 1001 O  O   . HOH C 3 .   ? 5.895   -13.638 0.733   1.00 18.72 ? 151 HOH A O   1 
HETATM 1002 O  O   . HOH C 3 .   ? -4.875  -5.878  -13.332 1.00 19.22 ? 152 HOH A O   1 
HETATM 1003 O  O   . HOH C 3 .   ? 13.791  -8.584  2.592   1.00 23.02 ? 153 HOH A O   1 
HETATM 1004 O  O   . HOH C 3 .   ? 21.982  3.479   7.338   1.00 26.71 ? 154 HOH A O   1 
HETATM 1005 O  O   . HOH C 3 .   ? 5.043   -14.656 -7.268  1.00 23.46 ? 155 HOH A O   1 
HETATM 1006 O  O   . HOH C 3 .   ? -5.274  -11.192 1.089   1.00 22.13 ? 156 HOH A O   1 
HETATM 1007 O  O   . HOH C 3 .   ? 7.012   10.327  -9.330  1.00 21.35 ? 157 HOH A O   1 
HETATM 1008 O  O   . HOH C 3 .   ? -9.228  -5.060  2.671   1.00 22.70 ? 158 HOH A O   1 
HETATM 1009 O  O   . HOH C 3 .   ? 4.807   12.629  10.132  1.00 25.97 ? 159 HOH A O   1 
HETATM 1010 O  O   . HOH C 3 .   ? 2.673   2.620   -13.660 1.00 14.09 ? 160 HOH A O   1 
HETATM 1011 O  O   . HOH C 3 .   ? -17.455 0.642   -2.051  1.00 37.05 ? 161 HOH A O   1 
HETATM 1012 O  O   . HOH C 3 .   ? -16.468 8.272   -1.181  1.00 27.55 ? 162 HOH A O   1 
HETATM 1013 O  O   . HOH C 3 .   ? 3.394   13.150  0.959   1.00 24.31 ? 163 HOH A O   1 
HETATM 1014 O  O   . HOH C 3 .   ? -2.456  -17.108 -9.373  1.00 32.97 ? 164 HOH A O   1 
HETATM 1015 O  O   . HOH C 3 .   ? 8.171   -7.327  12.034  1.00 25.02 ? 165 HOH A O   1 
HETATM 1016 O  O   . HOH C 3 .   ? 0.133   11.466  13.519  1.00 40.07 ? 166 HOH A O   1 
HETATM 1017 O  O   . HOH C 3 .   ? 8.247   -12.109 -7.688  1.00 25.18 ? 167 HOH A O   1 
HETATM 1018 O  O   . HOH C 3 .   ? -3.230  14.414  -8.213  1.00 24.86 ? 168 HOH A O   1 
HETATM 1019 O  O   . HOH C 3 .   ? -9.579  0.130   -13.953 1.00 35.64 ? 169 HOH A O   1 
HETATM 1020 O  O   . HOH C 3 .   ? -7.452  14.722  -5.480  1.00 24.44 ? 170 HOH A O   1 
HETATM 1021 O  O   . HOH C 3 .   ? -8.235  15.173  7.424   1.00 33.45 ? 171 HOH A O   1 
HETATM 1022 O  O   . HOH C 3 .   ? -11.702 -6.067  -10.759 1.00 24.46 ? 172 HOH A O   1 
HETATM 1023 O  O   . HOH C 3 .   ? -14.501 2.495   -5.546  1.00 25.34 ? 173 HOH A O   1 
HETATM 1024 O  O   . HOH C 3 .   ? -7.436  -4.969  -17.107 1.00 24.92 ? 174 HOH A O   1 
HETATM 1025 O  O   . HOH C 3 .   ? -12.087 8.919   -6.432  1.00 23.02 ? 175 HOH A O   1 
HETATM 1026 O  O   . HOH C 3 .   ? 18.996  -0.603  8.850   1.00 31.63 ? 176 HOH A O   1 
HETATM 1027 O  O   . HOH C 3 .   ? -3.482  -6.577  -17.884 1.00 25.53 ? 177 HOH A O   1 
HETATM 1028 O  O   . HOH C 3 .   ? 5.198   2.850   13.996  1.00 33.04 ? 178 HOH A O   1 
HETATM 1029 O  O   . HOH C 3 .   ? -6.180  -9.623  5.752   1.00 28.36 ? 179 HOH A O   1 
HETATM 1030 O  O   . HOH C 3 .   ? 3.675   0.331   -16.852 1.00 27.07 ? 180 HOH A O   1 
HETATM 1031 O  O   . HOH C 3 .   ? -14.987 -2.427  -0.296  1.00 31.74 ? 181 HOH A O   1 
HETATM 1032 O  O   . HOH C 3 .   ? 15.076  -10.683 8.399   1.00 40.07 ? 182 HOH A O   1 
HETATM 1033 O  O   . HOH C 3 .   ? -7.374  8.284   16.052  1.00 27.49 ? 183 HOH A O   1 
HETATM 1034 O  O   . HOH C 3 .   ? 10.443  8.116   11.182  1.00 37.89 ? 184 HOH A O   1 
HETATM 1035 O  O   . HOH C 3 .   ? 14.353  -4.917  3.623   1.00 25.67 ? 185 HOH A O   1 
HETATM 1036 O  O   . HOH C 3 .   ? -8.575  -7.747  3.662   1.00 28.24 ? 186 HOH A O   1 
HETATM 1037 O  O   . HOH C 3 .   ? 11.784  1.015   10.479  1.00 22.27 ? 187 HOH A O   1 
HETATM 1038 O  O   . HOH C 3 .   ? 2.831   13.658  6.404   1.00 27.17 ? 188 HOH A O   1 
HETATM 1039 O  O   . HOH C 3 .   ? -13.724 11.929  -1.218  1.00 22.93 ? 189 HOH A O   1 
HETATM 1040 O  O   . HOH C 3 .   ? -3.947  12.221  10.832  1.00 20.63 ? 190 HOH A O   1 
HETATM 1041 O  O   . HOH C 3 .   ? 0.203   1.277   -12.857 1.00 13.62 ? 191 HOH A O   1 
HETATM 1042 O  O   . HOH C 3 .   ? 9.512   9.424   -9.944  1.00 46.24 ? 192 HOH A O   1 
HETATM 1043 O  O   . HOH C 3 .   ? 0.209   -7.704  8.316   1.00 27.35 ? 193 HOH A O   1 
HETATM 1044 O  O   . HOH C 3 .   ? -7.516  13.342  11.564  1.00 34.95 ? 194 HOH A O   1 
HETATM 1045 O  O   . HOH C 3 .   ? 22.713  2.815   3.017   1.00 19.64 ? 195 HOH A O   1 
HETATM 1046 O  O   . HOH C 3 .   ? -2.551  9.049   9.240   1.00 15.25 ? 196 HOH A O   1 
HETATM 1047 O  O   . HOH C 3 .   ? -1.935  0.124   -11.446 1.00 18.45 ? 197 HOH A O   1 
HETATM 1048 O  O   . HOH C 3 .   ? -1.017  5.011   -13.702 1.00 25.67 ? 198 HOH A O   1 
HETATM 1049 O  O   . HOH C 3 .   ? -5.041  -4.940  -16.006 1.00 21.90 ? 199 HOH A O   1 
HETATM 1050 O  O   . HOH C 3 .   ? 9.454   -14.423 3.357   1.00 18.37 ? 200 HOH A O   1 
HETATM 1051 O  O   . HOH C 3 .   ? 5.007   10.792  -12.034 1.00 28.37 ? 201 HOH A O   1 
HETATM 1052 O  O   . HOH C 3 .   ? -1.969  3.305   -9.829  1.00 19.81 ? 202 HOH A O   1 
HETATM 1053 O  O   . HOH C 3 .   ? -2.209  -0.920  -14.938 1.00 20.23 ? 203 HOH A O   1 
HETATM 1054 O  O   . HOH C 3 .   ? 16.979  1.182   11.830  1.00 44.17 ? 204 HOH A O   1 
HETATM 1055 O  O   . HOH C 3 .   ? 15.816  -6.863  -2.868  1.00 26.60 ? 205 HOH A O   1 
HETATM 1056 O  O   . HOH C 3 .   ? 8.667   -1.099  10.647  1.00 30.09 ? 206 HOH A O   1 
HETATM 1057 O  O   . HOH C 3 .   ? -2.922  14.752  3.928   1.00 24.91 ? 207 HOH A O   1 
HETATM 1058 O  O   . HOH C 3 .   ? 9.333   11.653  3.066   1.00 24.97 ? 208 HOH A O   1 
HETATM 1059 O  O   . HOH C 3 .   ? 9.170   5.532   -12.842 1.00 28.91 ? 209 HOH A O   1 
HETATM 1060 O  O   . HOH C 3 .   ? -8.452  -2.480  -17.344 1.00 29.50 ? 211 HOH A O   1 
HETATM 1061 O  O   . HOH C 3 .   ? -0.749  -18.284 -7.660  1.00 27.26 ? 212 HOH A O   1 
HETATM 1062 O  O   . HOH C 3 .   ? -17.388 3.507   3.481   1.00 30.80 ? 213 HOH A O   1 
HETATM 1063 O  O   . HOH C 3 .   ? -2.958  5.845   -12.095 1.00 25.93 ? 214 HOH A O   1 
HETATM 1064 O  O   . HOH C 3 .   ? -11.964 -0.273  -13.383 1.00 36.54 ? 215 HOH A O   1 
HETATM 1065 O  O   . HOH C 3 .   ? 3.316   -10.774 8.719   1.00 28.79 ? 216 HOH A O   1 
HETATM 1066 O  O   . HOH C 3 .   ? -12.275 -2.445  -4.774  1.00 16.29 ? 217 HOH A O   1 
HETATM 1067 O  O   . HOH C 3 .   ? 19.083  -5.390  8.221   1.00 36.44 ? 218 HOH A O   1 
HETATM 1068 O  O   . HOH C 3 .   ? 6.631   2.311   -16.375 1.00 32.75 ? 219 HOH A O   1 
HETATM 1069 O  O   . HOH C 3 .   ? 2.677   -0.618  13.533  1.00 33.32 ? 220 HOH A O   1 
HETATM 1070 O  O   . HOH C 3 .   ? -14.339 9.905   -4.409  1.00 40.54 ? 221 HOH A O   1 
HETATM 1071 O  O   . HOH C 3 .   ? -13.087 -4.340  -11.998 1.00 29.16 ? 222 HOH A O   1 
HETATM 1072 O  O   . HOH C 3 .   ? 14.861  6.621   -8.940  1.00 29.64 ? 223 HOH A O   1 
HETATM 1073 O  O   . HOH C 3 .   ? -1.390  12.704  11.567  1.00 34.29 ? 224 HOH A O   1 
HETATM 1074 O  O   . HOH C 3 .   ? 11.500  -13.147 7.102   1.00 43.57 ? 225 HOH A O   1 
HETATM 1075 O  O   . HOH C 3 .   ? 13.247  -8.748  -5.121  1.00 29.52 ? 226 HOH A O   1 
HETATM 1076 O  O   . HOH C 3 .   ? 11.234  -12.962 9.503   1.00 36.18 ? 227 HOH A O   1 
HETATM 1077 O  O   . HOH C 3 .   ? 5.611   14.005  2.241   1.00 30.53 ? 228 HOH A O   1 
HETATM 1078 O  O   . HOH C 3 .   ? -18.039 4.437   -3.417  1.00 33.93 ? 229 HOH A O   1 
HETATM 1079 O  O   . HOH C 3 .   ? 7.514   13.669  -0.875  1.00 34.61 ? 231 HOH A O   1 
HETATM 1080 O  O   . HOH C 3 .   ? 8.455   10.089  -4.589  1.00 38.61 ? 232 HOH A O   1 
HETATM 1081 O  O   . HOH C 3 .   ? 11.274  -10.533 -4.793  1.00 30.98 ? 233 HOH A O   1 
HETATM 1082 O  O   . HOH C 3 .   ? -0.976  13.970  -14.402 1.00 42.42 ? 234 HOH A O   1 
HETATM 1083 O  O   . HOH C 3 .   ? -12.513 7.596   8.187   1.00 42.62 ? 235 HOH A O   1 
HETATM 1084 O  O   . HOH C 3 .   ? 4.956   -4.175  -11.203 1.00 34.71 ? 236 HOH A O   1 
HETATM 1085 O  O   . HOH C 3 .   ? -13.277 -5.945  -8.247  1.00 36.41 ? 237 HOH A O   1 
HETATM 1086 O  O   . HOH C 3 .   ? -8.212  12.408  -4.218  1.00 36.05 ? 238 HOH A O   1 
HETATM 1087 O  O   . HOH C 3 .   ? -6.575  -10.327 -0.915  1.00 38.55 ? 239 HOH A O   1 
HETATM 1088 O  O   . HOH C 3 .   ? -16.039 3.332   -7.642  1.00 39.09 ? 240 HOH A O   1 
HETATM 1089 O  O   . HOH C 3 .   ? -12.725 -6.793  0.174   1.00 42.29 ? 241 HOH A O   1 
HETATM 1090 O  O   . HOH C 3 .   ? 5.162   9.927   12.153  1.00 32.84 ? 242 HOH A O   1 
HETATM 1091 O  O   . HOH C 3 .   ? 2.700   4.871   17.149  1.00 43.46 ? 244 HOH A O   1 
HETATM 1092 O  O   . HOH C 3 .   ? 19.745  -0.663  5.873   1.00 33.92 ? 245 HOH A O   1 
HETATM 1093 O  O   . HOH C 3 .   ? -8.536  -12.722 10.818  1.00 49.14 ? 246 HOH A O   1 
HETATM 1094 O  O   . HOH C 3 .   ? -5.084  -7.789  7.612   1.00 29.85 ? 247 HOH A O   1 
HETATM 1095 O  O   . HOH C 3 .   ? -10.030 13.897  -2.422  1.00 30.52 ? 249 HOH A O   1 
HETATM 1096 O  O   . HOH C 3 .   ? -4.115  17.545  6.313   1.00 43.66 ? 251 HOH A O   1 
HETATM 1097 O  O   . HOH C 3 .   ? 4.987   1.024   -14.687 1.00 33.55 ? 252 HOH A O   1 
HETATM 1098 O  O   . HOH C 3 .   ? 6.088   -1.333  -14.431 1.00 33.02 ? 255 HOH A O   1 
HETATM 1099 O  O   . HOH C 3 .   ? -11.571 -1.034  11.276  1.00 62.75 ? 256 HOH A O   1 
HETATM 1100 O  O   . HOH C 3 .   ? -8.916  17.507  5.937   1.00 43.03 ? 257 HOH A O   1 
HETATM 1101 O  O   . HOH C 3 .   ? -12.449 -5.889  10.846  1.00 73.89 ? 258 HOH A O   1 
HETATM 1102 O  O   . HOH C 3 .   ? 8.089   6.449   12.855  1.00 44.94 ? 259 HOH A O   1 
HETATM 1103 O  O   . HOH C 3 .   ? 8.061   8.020   -11.606 1.00 40.86 ? 260 HOH A O   1 
HETATM 1104 O  O   . HOH C 3 .   ? 9.231   -8.433  -13.156 1.00 41.07 ? 263 HOH A O   1 
HETATM 1105 O  O   . HOH C 3 .   ? -1.995  -3.542  -12.686 1.00 14.62 ? 265 HOH A O   1 
HETATM 1106 O  O   . HOH C 3 .   ? 21.040  4.147   4.929   1.00 14.54 ? 266 HOH A O   1 
HETATM 1107 O  O   . HOH C 3 .   ? 17.965  0.609   0.137   1.00 16.08 ? 267 HOH A O   1 
HETATM 1108 O  O   . HOH C 3 .   ? 16.619  -0.837  10.242  1.00 29.21 ? 268 HOH A O   1 
HETATM 1109 O  O   . HOH C 3 .   ? 0.540   5.935   -15.527 1.00 34.93 ? 269 HOH A O   1 
HETATM 1110 O  O   . HOH C 3 .   ? 22.213  0.127   6.253   1.00 31.76 ? 270 HOH A O   1 
HETATM 1111 O  O   . HOH C 3 .   ? -7.697  1.650   -14.318 1.00 41.83 ? 271 HOH A O   1 
HETATM 1112 O  O   . HOH C 3 .   ? 16.064  -7.081  9.259   1.00 36.34 ? 272 HOH A O   1 
HETATM 1113 O  O   . HOH C 3 .   ? -14.293 -0.287  -8.763  1.00 36.12 ? 273 HOH A O   1 
HETATM 1114 O  O   . HOH C 3 .   ? 6.837   5.108   -14.570 1.00 29.80 ? 274 HOH A O   1 
HETATM 1115 O  O   . HOH C 3 .   ? -18.155 4.228   -6.044  1.00 42.12 ? 277 HOH A O   1 
HETATM 1116 O  O   . HOH C 3 .   ? 3.561   6.041   14.431  1.00 44.08 ? 278 HOH A O   1 
HETATM 1117 O  O   . HOH C 3 .   ? 0.275   -1.382  11.896  1.00 28.78 ? 279 HOH A O   1 
HETATM 1118 O  O   . HOH C 3 .   ? 6.671   -9.512  12.876  1.00 35.18 ? 280 HOH A O   1 
HETATM 1119 O  O   . HOH C 3 .   ? 14.983  -6.480  1.297   1.00 28.86 ? 281 HOH A O   1 
HETATM 1120 O  O   . HOH C 3 .   ? -19.960 2.477   1.151   1.00 43.47 ? 282 HOH A O   1 
HETATM 1121 O  O   . HOH C 3 .   ? 3.016   15.648  -7.183  1.00 37.82 ? 284 HOH A O   1 
HETATM 1122 O  O   . HOH C 3 .   ? -0.719  12.274  -16.285 1.00 49.37 ? 285 HOH A O   1 
HETATM 1123 O  O   . HOH C 3 .   ? 7.722   12.106  -3.140  1.00 41.90 ? 287 HOH A O   1 
HETATM 1124 O  O   . HOH C 3 .   ? -3.281  14.910  13.942  1.00 41.96 ? 288 HOH A O   1 
HETATM 1125 O  O   . HOH C 3 .   ? -6.546  17.791  6.853   1.00 41.16 ? 289 HOH A O   1 
HETATM 1126 O  O   . HOH C 3 .   ? 10.897  -6.812  -11.994 1.00 43.50 ? 291 HOH A O   1 
HETATM 1127 O  O   . HOH C 3 .   ? 17.527  -7.077  5.109   1.00 35.34 ? 292 HOH A O   1 
HETATM 1128 O  O   . HOH C 3 .   ? 2.155   -3.195  12.850  1.00 42.61 ? 293 HOH A O   1 
HETATM 1129 O  O   . HOH C 3 .   ? 1.801   13.076  12.180  1.00 34.80 ? 294 HOH A O   1 
HETATM 1130 O  O   . HOH C 3 .   ? 12.587  9.369   -5.899  1.00 37.41 ? 295 HOH A O   1 
HETATM 1131 O  O   . HOH C 3 .   ? 13.938  1.789   11.999  1.00 37.01 ? 296 HOH A O   1 
HETATM 1132 O  O   . HOH C 3 .   ? 5.096   13.781  -12.088 1.00 46.03 ? 297 HOH A O   1 
HETATM 1133 O  O   . HOH C 3 .   ? 12.145  8.196   13.171  1.00 37.29 ? 298 HOH A O   1 
HETATM 1134 O  O   . HOH C 3 .   ? 3.560   6.747   -14.053 1.00 30.53 ? 299 HOH A O   1 
HETATM 1135 O  O   . HOH C 3 .   ? 7.240   13.197  -10.674 1.00 46.24 ? 300 HOH A O   1 
HETATM 1136 O  O   . HOH C 3 .   ? 0.014   -8.417  -11.594 1.00 35.72 ? 301 HOH A O   1 
HETATM 1137 O  O   . HOH C 3 .   ? -11.337 -2.812  -13.045 1.00 36.90 ? 302 HOH A O   1 
HETATM 1138 O  O   . HOH C 3 .   ? 0.453   14.299  10.185  1.00 38.59 ? 303 HOH A O   1 
HETATM 1139 O  O   . HOH C 3 .   ? 2.443   -8.871  -9.975  1.00 45.97 ? 304 HOH A O   1 
HETATM 1140 O  O   . HOH C 3 .   ? -4.544  17.887  -5.288  1.00 53.36 ? 305 HOH A O   1 
HETATM 1141 O  O   . HOH C 3 .   ? 4.032   12.690  -14.239 1.00 40.33 ? 306 HOH A O   1 
HETATM 1142 O  O   . HOH C 3 .   ? -6.207  -5.372  14.982  1.00 51.01 ? 307 HOH A O   1 
HETATM 1143 O  O   . HOH C 3 .   ? -18.489 7.554   1.449   1.00 44.03 ? 308 HOH A O   1 
HETATM 1144 O  O   . HOH C 3 .   ? 6.525   -13.769 -11.498 1.00 46.10 ? 309 HOH A O   1 
HETATM 1145 O  O   . HOH C 3 .   ? 4.353   -12.967 7.923   1.00 47.10 ? 310 HOH A O   1 
HETATM 1146 O  O   . HOH C 3 .   ? -14.606 9.030   7.172   1.00 38.01 ? 312 HOH A O   1 
HETATM 1147 O  O   . HOH C 3 .   ? 2.519   15.522  -2.300  1.00 43.11 ? 313 HOH A O   1 
HETATM 1148 O  O   . HOH C 3 .   ? -9.110  17.996  -2.591  1.00 51.74 ? 314 HOH A O   1 
HETATM 1149 O  O   . HOH C 3 .   ? 20.660  -4.913  6.152   1.00 43.10 ? 315 HOH A O   1 
HETATM 1150 O  O   . HOH C 3 .   ? 13.925  -10.570 0.184   1.00 44.50 ? 316 HOH A O   1 
HETATM 1151 O  O   . HOH C 3 .   ? -4.518  2.100   12.781  1.00 36.96 ? 317 HOH A O   1 
HETATM 1152 O  O   . HOH C 3 .   ? 5.326   9.003   -14.157 1.00 37.62 ? 319 HOH A O   1 
HETATM 1153 O  O   . HOH C 3 .   ? -14.421 -8.316  -3.813  1.00 44.75 ? 320 HOH A O   1 
HETATM 1154 O  O   . HOH C 3 .   ? 1.141   -5.536  12.229  1.00 34.05 ? 321 HOH A O   1 
HETATM 1155 O  O   . HOH C 3 .   ? -13.066 -5.100  -4.106  1.00 41.58 ? 322 HOH A O   1 
HETATM 1156 O  O   . HOH C 3 .   ? 14.894  -7.350  -6.842  1.00 40.18 ? 323 HOH A O   1 
# 
loop_
_pdbx_poly_seq_scheme.asym_id 
_pdbx_poly_seq_scheme.entity_id 
_pdbx_poly_seq_scheme.seq_id 
_pdbx_poly_seq_scheme.mon_id 
_pdbx_poly_seq_scheme.ndb_seq_num 
_pdbx_poly_seq_scheme.pdb_seq_num 
_pdbx_poly_seq_scheme.auth_seq_num 
_pdbx_poly_seq_scheme.pdb_mon_id 
_pdbx_poly_seq_scheme.auth_mon_id 
_pdbx_poly_seq_scheme.pdb_strand_id 
_pdbx_poly_seq_scheme.pdb_ins_code 
_pdbx_poly_seq_scheme.hetero 
A 1 1   GLY 1   -3  ?   ?   ?   A . n 
A 1 2   SER 2   -2  ?   ?   ?   A . n 
A 1 3   HIS 3   -1  ?   ?   ?   A . n 
A 1 4   MET 4   0   ?   ?   ?   A . n 
A 1 5   MET 5   1   ?   ?   ?   A . n 
A 1 6   GLU 6   2   ?   ?   ?   A . n 
A 1 7   ALA 7   3   ?   ?   ?   A . n 
A 1 8   ILE 8   4   ?   ?   ?   A . n 
A 1 9   LEU 9   5   5   LEU ALA A . n 
A 1 10  ASN 10  6   6   ASN ASN A . n 
A 1 11  LYS 11  7   7   LYS LYS A . n 
A 1 12  ASN 12  8   8   ASN ASN A . n 
A 1 13  MET 13  9   9   MET MET A . n 
A 1 14  LYS 14  10  10  LYS LYS A . n 
A 1 15  ILE 15  11  11  ILE ILE A . n 
A 1 16  LEU 16  12  12  LEU LEU A . n 
A 1 17  ILE 17  13  13  ILE ILE A . n 
A 1 18  VAL 18  14  14  VAL VAL A . n 
A 1 19  ASP 19  15  15  ASP ASP A . n 
A 1 20  ASP 20  16  16  ASP ASP A . n 
A 1 21  PHE 21  17  17  PHE PHE A . n 
A 1 22  SER 22  18  18  SER SER A . n 
A 1 23  THR 23  19  19  THR THR A . n 
A 1 24  MET 24  20  20  MET MET A . n 
A 1 25  ARG 25  21  21  ARG ARG A . n 
A 1 26  ARG 26  22  22  ARG ARG A . n 
A 1 27  ILE 27  23  23  ILE ILE A . n 
A 1 28  VAL 28  24  24  VAL VAL A . n 
A 1 29  LYS 29  25  25  LYS LYS A . n 
A 1 30  ASN 30  26  26  ASN ASN A . n 
A 1 31  LEU 31  27  27  LEU LEU A . n 
A 1 32  LEU 32  28  28  LEU LEU A . n 
A 1 33  ARG 33  29  29  ARG ARG A . n 
A 1 34  ASP 34  30  30  ASP ASP A . n 
A 1 35  LEU 35  31  31  LEU LEU A . n 
A 1 36  GLY 36  32  32  GLY GLY A . n 
A 1 37  PHE 37  33  33  PHE PHE A . n 
A 1 38  ASN 38  34  34  ASN ASN A . n 
A 1 39  ASN 39  35  35  ASN ASN A . n 
A 1 40  THR 40  36  36  THR THR A . n 
A 1 41  GLN 41  37  37  GLN GLN A . n 
A 1 42  GLU 42  38  38  GLU GLU A . n 
A 1 43  ALA 43  39  39  ALA ALA A . n 
A 1 44  ASP 44  40  40  ASP ASP A . n 
A 1 45  ASP 45  41  41  ASP ASP A . n 
A 1 46  GLY 46  42  42  GLY GLY A . n 
A 1 47  LEU 47  43  43  LEU LEU A . n 
A 1 48  THR 48  44  44  THR THR A . n 
A 1 49  ALA 49  45  45  ALA ALA A . n 
A 1 50  LEU 50  46  46  LEU LEU A . n 
A 1 51  PRO 51  47  47  PRO PRO A . n 
A 1 52  MET 52  48  48  MET MET A . n 
A 1 53  LEU 53  49  49  LEU LEU A . n 
A 1 54  LYS 54  50  50  LYS LYS A . n 
A 1 55  LYS 55  51  51  LYS LYS A . n 
A 1 56  GLY 56  52  52  GLY GLY A . n 
A 1 57  ASP 57  53  53  ASP ASP A . n 
A 1 58  PHE 58  54  54  PHE PHE A . n 
A 1 59  ASP 59  55  55  ASP ASP A . n 
A 1 60  PHE 60  56  56  PHE PHE A . n 
A 1 61  VAL 61  57  57  VAL VAL A . n 
A 1 62  VAL 62  58  58  VAL VAL A . n 
A 1 63  THR 63  59  59  THR THR A . n 
A 1 64  ASP 64  60  60  ASP ASP A . n 
A 1 65  TRP 65  61  61  TRP TRP A . n 
A 1 66  ASN 66  62  62  ASN ASN A . n 
A 1 67  MET 67  63  63  MET MET A . n 
A 1 68  PRO 68  64  64  PRO PRO A . n 
A 1 69  GLY 69  65  65  GLY GLY A . n 
A 1 70  MET 70  66  66  MET MET A . n 
A 1 71  GLN 71  67  67  GLN GLN A . n 
A 1 72  GLY 72  68  68  GLY GLY A . n 
A 1 73  ILE 73  69  69  ILE ILE A . n 
A 1 74  ASP 74  70  70  ASP ASP A . n 
A 1 75  LEU 75  71  71  LEU LEU A . n 
A 1 76  LEU 76  72  72  LEU LEU A . n 
A 1 77  LYS 77  73  73  LYS LYS A . n 
A 1 78  ASN 78  74  74  ASN ASN A . n 
A 1 79  ILE 79  75  75  ILE ILE A . n 
A 1 80  ARG 80  76  76  ARG ARG A . n 
A 1 81  ALA 81  77  77  ALA ALA A . n 
A 1 82  ASP 82  78  78  ASP ASP A . n 
A 1 83  GLU 83  79  79  GLU GLU A . n 
A 1 84  GLU 84  80  80  GLU GLU A . n 
A 1 85  LEU 85  81  81  LEU LEU A . n 
A 1 86  LYS 86  82  82  LYS LYS A . n 
A 1 87  HIS 87  83  83  HIS HIS A . n 
A 1 88  LEU 88  84  84  LEU LEU A . n 
A 1 89  PRO 89  85  85  PRO PRO A . n 
A 1 90  VAL 90  86  86  VAL VAL A . n 
A 1 91  LEU 91  87  87  LEU LEU A . n 
A 1 92  MET 92  88  88  MET MET A . n 
A 1 93  ILE 93  89  89  ILE ILE A . n 
A 1 94  THR 94  90  90  THR THR A . n 
A 1 95  ALA 95  91  91  ALA ALA A . n 
A 1 96  GLU 96  92  92  GLU GLU A . n 
A 1 97  ALA 97  93  93  ALA ALA A . n 
A 1 98  LYS 98  94  94  LYS LYS A . n 
A 1 99  ARG 99  95  95  ARG ARG A . n 
A 1 100 GLU 100 96  96  GLU GLU A . n 
A 1 101 GLN 101 97  97  GLN GLN A . n 
A 1 102 ILE 102 98  98  ILE ILE A . n 
A 1 103 ILE 103 99  99  ILE ILE A . n 
A 1 104 GLU 104 100 100 GLU GLU A . n 
A 1 105 ALA 105 101 101 ALA ALA A . n 
A 1 106 ALA 106 102 102 ALA ALA A . n 
A 1 107 GLN 107 103 103 GLN GLN A . n 
A 1 108 ALA 108 104 104 ALA ALA A . n 
A 1 109 GLY 109 105 105 GLY GLY A . n 
A 1 110 VAL 110 106 106 VAL VAL A . n 
A 1 111 ASN 111 107 107 ASN ASN A . n 
A 1 112 GLY 112 108 108 GLY GLY A . n 
A 1 113 TYR 113 109 109 TYR TYR A . n 
A 1 114 ILE 114 110 110 ILE ILE A . n 
A 1 115 VAL 115 111 111 VAL VAL A . n 
A 1 116 LYS 116 112 112 LYS LYS A . n 
A 1 117 PRO 117 113 113 PRO PRO A . n 
A 1 118 PHE 118 114 114 PHE PHE A . n 
A 1 119 THR 119 115 115 THR THR A . n 
A 1 120 ALA 120 116 116 ALA ALA A . n 
A 1 121 ALA 121 117 117 ALA ALA A . n 
A 1 122 THR 122 118 118 THR THR A . n 
A 1 123 LEU 123 119 119 LEU LEU A . n 
A 1 124 LYS 124 120 120 LYS LYS A . n 
A 1 125 GLU 125 121 121 GLU GLU A . n 
A 1 126 LYS 126 122 122 LYS LYS A . n 
A 1 127 LEU 127 123 123 LEU LEU A . n 
A 1 128 ASP 128 124 124 ASP ASP A . n 
A 1 129 LYS 129 125 125 LYS LYS A . n 
A 1 130 ILE 130 126 126 ILE ILE A . n 
A 1 131 PHE 131 127 127 PHE PHE A . n 
A 1 132 GLU 132 128 128 GLU GLU A . n 
A 1 133 ARG 133 129 ?   ?   ?   A . n 
A 1 134 LEU 134 130 ?   ?   ?   A . n 
# 
loop_
_pdbx_nonpoly_scheme.asym_id 
_pdbx_nonpoly_scheme.entity_id 
_pdbx_nonpoly_scheme.mon_id 
_pdbx_nonpoly_scheme.ndb_seq_num 
_pdbx_nonpoly_scheme.pdb_seq_num 
_pdbx_nonpoly_scheme.auth_seq_num 
_pdbx_nonpoly_scheme.pdb_mon_id 
_pdbx_nonpoly_scheme.auth_mon_id 
_pdbx_nonpoly_scheme.pdb_strand_id 
_pdbx_nonpoly_scheme.pdb_ins_code 
B 2 CA  1   131 129 CA  CA  A . 
C 3 HOH 1   132 132 HOH HOH A . 
C 3 HOH 2   133 133 HOH HOH A . 
C 3 HOH 3   134 134 HOH HOH A . 
C 3 HOH 4   135 135 HOH HOH A . 
C 3 HOH 5   136 136 HOH HOH A . 
C 3 HOH 6   137 137 HOH HOH A . 
C 3 HOH 7   138 138 HOH HOH A . 
C 3 HOH 8   139 139 HOH HOH A . 
C 3 HOH 9   140 140 HOH HOH A . 
C 3 HOH 10  141 141 HOH HOH A . 
C 3 HOH 11  142 142 HOH HOH A . 
C 3 HOH 12  143 143 HOH HOH A . 
C 3 HOH 13  144 144 HOH HOH A . 
C 3 HOH 14  145 145 HOH HOH A . 
C 3 HOH 15  146 146 HOH HOH A . 
C 3 HOH 16  147 130 HOH HOH A . 
C 3 HOH 17  148 148 HOH HOH A . 
C 3 HOH 18  149 149 HOH HOH A . 
C 3 HOH 19  150 150 HOH HOH A . 
C 3 HOH 20  151 151 HOH HOH A . 
C 3 HOH 21  152 152 HOH HOH A . 
C 3 HOH 22  153 153 HOH HOH A . 
C 3 HOH 23  154 154 HOH HOH A . 
C 3 HOH 24  155 155 HOH HOH A . 
C 3 HOH 25  156 156 HOH HOH A . 
C 3 HOH 26  157 157 HOH HOH A . 
C 3 HOH 27  158 158 HOH HOH A . 
C 3 HOH 28  159 159 HOH HOH A . 
C 3 HOH 29  160 160 HOH HOH A . 
C 3 HOH 30  161 161 HOH HOH A . 
C 3 HOH 31  162 162 HOH HOH A . 
C 3 HOH 32  163 163 HOH HOH A . 
C 3 HOH 33  164 164 HOH HOH A . 
C 3 HOH 34  165 165 HOH HOH A . 
C 3 HOH 35  166 166 HOH HOH A . 
C 3 HOH 36  167 167 HOH HOH A . 
C 3 HOH 37  168 168 HOH HOH A . 
C 3 HOH 38  169 169 HOH HOH A . 
C 3 HOH 39  170 170 HOH HOH A . 
C 3 HOH 40  171 171 HOH HOH A . 
C 3 HOH 41  172 172 HOH HOH A . 
C 3 HOH 42  173 173 HOH HOH A . 
C 3 HOH 43  174 174 HOH HOH A . 
C 3 HOH 44  175 175 HOH HOH A . 
C 3 HOH 45  176 176 HOH HOH A . 
C 3 HOH 46  177 177 HOH HOH A . 
C 3 HOH 47  178 178 HOH HOH A . 
C 3 HOH 48  179 179 HOH HOH A . 
C 3 HOH 49  180 180 HOH HOH A . 
C 3 HOH 50  181 181 HOH HOH A . 
C 3 HOH 51  182 182 HOH HOH A . 
C 3 HOH 52  183 183 HOH HOH A . 
C 3 HOH 53  184 184 HOH HOH A . 
C 3 HOH 54  185 185 HOH HOH A . 
C 3 HOH 55  186 186 HOH HOH A . 
C 3 HOH 56  187 187 HOH HOH A . 
C 3 HOH 57  188 188 HOH HOH A . 
C 3 HOH 58  189 189 HOH HOH A . 
C 3 HOH 59  190 190 HOH HOH A . 
C 3 HOH 60  191 191 HOH HOH A . 
C 3 HOH 61  192 192 HOH HOH A . 
C 3 HOH 62  193 193 HOH HOH A . 
C 3 HOH 63  194 194 HOH HOH A . 
C 3 HOH 64  195 195 HOH HOH A . 
C 3 HOH 65  196 131 HOH HOH A . 
C 3 HOH 66  197 197 HOH HOH A . 
C 3 HOH 67  198 198 HOH HOH A . 
C 3 HOH 68  199 199 HOH HOH A . 
C 3 HOH 69  200 200 HOH HOH A . 
C 3 HOH 70  201 201 HOH HOH A . 
C 3 HOH 71  202 202 HOH HOH A . 
C 3 HOH 72  203 203 HOH HOH A . 
C 3 HOH 73  204 204 HOH HOH A . 
C 3 HOH 74  205 205 HOH HOH A . 
C 3 HOH 75  206 206 HOH HOH A . 
C 3 HOH 76  207 207 HOH HOH A . 
C 3 HOH 77  208 208 HOH HOH A . 
C 3 HOH 78  209 209 HOH HOH A . 
C 3 HOH 79  211 211 HOH HOH A . 
C 3 HOH 80  212 212 HOH HOH A . 
C 3 HOH 81  213 213 HOH HOH A . 
C 3 HOH 82  214 214 HOH HOH A . 
C 3 HOH 83  215 215 HOH HOH A . 
C 3 HOH 84  216 216 HOH HOH A . 
C 3 HOH 85  217 217 HOH HOH A . 
C 3 HOH 86  218 218 HOH HOH A . 
C 3 HOH 87  219 219 HOH HOH A . 
C 3 HOH 88  220 220 HOH HOH A . 
C 3 HOH 89  221 221 HOH HOH A . 
C 3 HOH 90  222 222 HOH HOH A . 
C 3 HOH 91  223 223 HOH HOH A . 
C 3 HOH 92  224 224 HOH HOH A . 
C 3 HOH 93  225 225 HOH HOH A . 
C 3 HOH 94  226 226 HOH HOH A . 
C 3 HOH 95  227 227 HOH HOH A . 
C 3 HOH 96  228 228 HOH HOH A . 
C 3 HOH 97  229 229 HOH HOH A . 
C 3 HOH 98  231 231 HOH HOH A . 
C 3 HOH 99  232 232 HOH HOH A . 
C 3 HOH 100 233 233 HOH HOH A . 
C 3 HOH 101 234 234 HOH HOH A . 
C 3 HOH 102 235 235 HOH HOH A . 
C 3 HOH 103 236 236 HOH HOH A . 
C 3 HOH 104 237 237 HOH HOH A . 
C 3 HOH 105 238 238 HOH HOH A . 
C 3 HOH 106 239 239 HOH HOH A . 
C 3 HOH 107 240 240 HOH HOH A . 
C 3 HOH 108 241 241 HOH HOH A . 
C 3 HOH 109 242 242 HOH HOH A . 
C 3 HOH 110 244 244 HOH HOH A . 
C 3 HOH 111 245 245 HOH HOH A . 
C 3 HOH 112 246 246 HOH HOH A . 
C 3 HOH 113 247 247 HOH HOH A . 
C 3 HOH 114 249 249 HOH HOH A . 
C 3 HOH 115 251 251 HOH HOH A . 
C 3 HOH 116 252 252 HOH HOH A . 
C 3 HOH 117 255 255 HOH HOH A . 
C 3 HOH 118 256 256 HOH HOH A . 
C 3 HOH 119 257 257 HOH HOH A . 
C 3 HOH 120 258 258 HOH HOH A . 
C 3 HOH 121 259 259 HOH HOH A . 
C 3 HOH 122 260 260 HOH HOH A . 
C 3 HOH 123 263 263 HOH HOH A . 
C 3 HOH 124 265 265 HOH HOH A . 
C 3 HOH 125 266 266 HOH HOH A . 
C 3 HOH 126 267 267 HOH HOH A . 
C 3 HOH 127 268 268 HOH HOH A . 
C 3 HOH 128 269 269 HOH HOH A . 
C 3 HOH 129 270 270 HOH HOH A . 
C 3 HOH 130 271 271 HOH HOH A . 
C 3 HOH 131 272 272 HOH HOH A . 
C 3 HOH 132 273 273 HOH HOH A . 
C 3 HOH 133 274 274 HOH HOH A . 
C 3 HOH 134 277 277 HOH HOH A . 
C 3 HOH 135 278 278 HOH HOH A . 
C 3 HOH 136 279 279 HOH HOH A . 
C 3 HOH 137 280 280 HOH HOH A . 
C 3 HOH 138 281 281 HOH HOH A . 
C 3 HOH 139 282 282 HOH HOH A . 
C 3 HOH 140 284 284 HOH HOH A . 
C 3 HOH 141 285 285 HOH HOH A . 
C 3 HOH 142 287 287 HOH HOH A . 
C 3 HOH 143 288 288 HOH HOH A . 
C 3 HOH 144 289 289 HOH HOH A . 
C 3 HOH 145 291 291 HOH HOH A . 
C 3 HOH 146 292 292 HOH HOH A . 
C 3 HOH 147 293 293 HOH HOH A . 
C 3 HOH 148 294 294 HOH HOH A . 
C 3 HOH 149 295 295 HOH HOH A . 
C 3 HOH 150 296 296 HOH HOH A . 
C 3 HOH 151 297 297 HOH HOH A . 
C 3 HOH 152 298 298 HOH HOH A . 
C 3 HOH 153 299 299 HOH HOH A . 
C 3 HOH 154 300 300 HOH HOH A . 
C 3 HOH 155 301 301 HOH HOH A . 
C 3 HOH 156 302 302 HOH HOH A . 
C 3 HOH 157 303 303 HOH HOH A . 
C 3 HOH 158 304 304 HOH HOH A . 
C 3 HOH 159 305 305 HOH HOH A . 
C 3 HOH 160 306 306 HOH HOH A . 
C 3 HOH 161 307 307 HOH HOH A . 
C 3 HOH 162 308 308 HOH HOH A . 
C 3 HOH 163 309 309 HOH HOH A . 
C 3 HOH 164 310 310 HOH HOH A . 
C 3 HOH 165 312 312 HOH HOH A . 
C 3 HOH 166 313 313 HOH HOH A . 
C 3 HOH 167 314 314 HOH HOH A . 
C 3 HOH 168 315 315 HOH HOH A . 
C 3 HOH 169 316 316 HOH HOH A . 
C 3 HOH 170 317 317 HOH HOH A . 
C 3 HOH 171 319 319 HOH HOH A . 
C 3 HOH 172 320 320 HOH HOH A . 
C 3 HOH 173 321 321 HOH HOH A . 
C 3 HOH 174 322 322 HOH HOH A . 
C 3 HOH 175 323 323 HOH HOH A . 
# 
_pdbx_struct_assembly.id                   1 
_pdbx_struct_assembly.details              author_and_software_defined_assembly 
_pdbx_struct_assembly.method_details       PISA 
_pdbx_struct_assembly.oligomeric_details   monomeric 
_pdbx_struct_assembly.oligomeric_count     1 
# 
_pdbx_struct_assembly_gen.assembly_id       1 
_pdbx_struct_assembly_gen.oper_expression   1 
_pdbx_struct_assembly_gen.asym_id_list      A,B,C 
# 
_pdbx_struct_oper_list.id                   1 
_pdbx_struct_oper_list.type                 'identity operation' 
_pdbx_struct_oper_list.name                 1_555 
_pdbx_struct_oper_list.symmetry_operation   x,y,z 
_pdbx_struct_oper_list.matrix[1][1]         1.0000000000 
_pdbx_struct_oper_list.matrix[1][2]         0.0000000000 
_pdbx_struct_oper_list.matrix[1][3]         0.0000000000 
_pdbx_struct_oper_list.vector[1]            0.0000000000 
_pdbx_struct_oper_list.matrix[2][1]         0.0000000000 
_pdbx_struct_oper_list.matrix[2][2]         1.0000000000 
_pdbx_struct_oper_list.matrix[2][3]         0.0000000000 
_pdbx_struct_oper_list.vector[2]            0.0000000000 
_pdbx_struct_oper_list.matrix[3][1]         0.0000000000 
_pdbx_struct_oper_list.matrix[3][2]         0.0000000000 
_pdbx_struct_oper_list.matrix[3][3]         1.0000000000 
_pdbx_struct_oper_list.vector[3]            0.0000000000 
# 
loop_
_pdbx_struct_conn_angle.id 
_pdbx_struct_conn_angle.ptnr1_label_atom_id 
_pdbx_struct_conn_angle.ptnr1_label_alt_id 
_pdbx_struct_conn_angle.ptnr1_label_asym_id 
_pdbx_struct_conn_angle.ptnr1_label_comp_id 
_pdbx_struct_conn_angle.ptnr1_label_seq_id 
_pdbx_struct_conn_angle.ptnr1_auth_atom_id 
_pdbx_struct_conn_angle.ptnr1_auth_asym_id 
_pdbx_struct_conn_angle.ptnr1_auth_comp_id 
_pdbx_struct_conn_angle.ptnr1_auth_seq_id 
_pdbx_struct_conn_angle.ptnr1_PDB_ins_code 
_pdbx_struct_conn_angle.ptnr1_symmetry 
_pdbx_struct_conn_angle.ptnr2_label_atom_id 
_pdbx_struct_conn_angle.ptnr2_label_alt_id 
_pdbx_struct_conn_angle.ptnr2_label_asym_id 
_pdbx_struct_conn_angle.ptnr2_label_comp_id 
_pdbx_struct_conn_angle.ptnr2_label_seq_id 
_pdbx_struct_conn_angle.ptnr2_auth_atom_id 
_pdbx_struct_conn_angle.ptnr2_auth_asym_id 
_pdbx_struct_conn_angle.ptnr2_auth_comp_id 
_pdbx_struct_conn_angle.ptnr2_auth_seq_id 
_pdbx_struct_conn_angle.ptnr2_PDB_ins_code 
_pdbx_struct_conn_angle.ptnr2_symmetry 
_pdbx_struct_conn_angle.ptnr3_label_atom_id 
_pdbx_struct_conn_angle.ptnr3_label_alt_id 
_pdbx_struct_conn_angle.ptnr3_label_asym_id 
_pdbx_struct_conn_angle.ptnr3_label_comp_id 
_pdbx_struct_conn_angle.ptnr3_label_seq_id 
_pdbx_struct_conn_angle.ptnr3_auth_atom_id 
_pdbx_struct_conn_angle.ptnr3_auth_asym_id 
_pdbx_struct_conn_angle.ptnr3_auth_comp_id 
_pdbx_struct_conn_angle.ptnr3_auth_seq_id 
_pdbx_struct_conn_angle.ptnr3_PDB_ins_code 
_pdbx_struct_conn_angle.ptnr3_symmetry 
_pdbx_struct_conn_angle.value 
_pdbx_struct_conn_angle.value_esd 
1  OD2 ? A ASP 19 ? A ASP 15  ? 1_555 CA ? B CA . ? A CA 131 ? 1_555 OD1 ? A ASP 20 ? A ASP 16  ? 1_555 72.5  ? 
2  OD2 ? A ASP 19 ? A ASP 15  ? 1_555 CA ? B CA . ? A CA 131 ? 1_555 OD2 ? A ASP 64 ? A ASP 60  ? 1_555 77.6  ? 
3  OD1 ? A ASP 20 ? A ASP 16  ? 1_555 CA ? B CA . ? A CA 131 ? 1_555 OD2 ? A ASP 64 ? A ASP 60  ? 1_555 131.8 ? 
4  OD2 ? A ASP 19 ? A ASP 15  ? 1_555 CA ? B CA . ? A CA 131 ? 1_555 O   ? A ASN 66 ? A ASN 62  ? 1_555 114.7 ? 
5  OD1 ? A ASP 20 ? A ASP 16  ? 1_555 CA ? B CA . ? A CA 131 ? 1_555 O   ? A ASN 66 ? A ASN 62  ? 1_555 82.4  ? 
6  OD2 ? A ASP 64 ? A ASP 60  ? 1_555 CA ? B CA . ? A CA 131 ? 1_555 O   ? A ASN 66 ? A ASN 62  ? 1_555 76.8  ? 
7  OD2 ? A ASP 19 ? A ASP 15  ? 1_555 CA ? B CA . ? A CA 131 ? 1_555 O   ? C HOH .  ? A HOH 142 ? 1_555 73.2  ? 
8  OD1 ? A ASP 20 ? A ASP 16  ? 1_555 CA ? B CA . ? A CA 131 ? 1_555 O   ? C HOH .  ? A HOH 142 ? 1_555 95.9  ? 
9  OD2 ? A ASP 64 ? A ASP 60  ? 1_555 CA ? B CA . ? A CA 131 ? 1_555 O   ? C HOH .  ? A HOH 142 ? 1_555 110.7 ? 
10 O   ? A ASN 66 ? A ASN 62  ? 1_555 CA ? B CA . ? A CA 131 ? 1_555 O   ? C HOH .  ? A HOH 142 ? 1_555 170.7 ? 
11 OD2 ? A ASP 19 ? A ASP 15  ? 1_555 CA ? B CA . ? A CA 131 ? 1_555 O   ? C HOH .  ? A HOH 160 ? 1_555 135.8 ? 
12 OD1 ? A ASP 20 ? A ASP 16  ? 1_555 CA ? B CA . ? A CA 131 ? 1_555 O   ? C HOH .  ? A HOH 160 ? 1_555 71.2  ? 
13 OD2 ? A ASP 64 ? A ASP 60  ? 1_555 CA ? B CA . ? A CA 131 ? 1_555 O   ? C HOH .  ? A HOH 160 ? 1_555 146.5 ? 
14 O   ? A ASN 66 ? A ASN 62  ? 1_555 CA ? B CA . ? A CA 131 ? 1_555 O   ? C HOH .  ? A HOH 160 ? 1_555 84.3  ? 
15 O   ? C HOH .  ? A HOH 142 ? 1_555 CA ? B CA . ? A CA 131 ? 1_555 O   ? C HOH .  ? A HOH 160 ? 1_555 86.4  ? 
16 OD2 ? A ASP 19 ? A ASP 15  ? 1_555 CA ? B CA . ? A CA 131 ? 1_555 O   ? C HOH .  ? A HOH 191 ? 1_555 137.1 ? 
17 OD1 ? A ASP 20 ? A ASP 16  ? 1_555 CA ? B CA . ? A CA 131 ? 1_555 O   ? C HOH .  ? A HOH 191 ? 1_555 144.9 ? 
18 OD2 ? A ASP 64 ? A ASP 60  ? 1_555 CA ? B CA . ? A CA 131 ? 1_555 O   ? C HOH .  ? A HOH 191 ? 1_555 80.6  ? 
19 O   ? A ASN 66 ? A ASN 62  ? 1_555 CA ? B CA . ? A CA 131 ? 1_555 O   ? C HOH .  ? A HOH 191 ? 1_555 95.4  ? 
20 O   ? C HOH .  ? A HOH 142 ? 1_555 CA ? B CA . ? A CA 131 ? 1_555 O   ? C HOH .  ? A HOH 191 ? 1_555 80.7  ? 
21 O   ? C HOH .  ? A HOH 160 ? 1_555 CA ? B CA . ? A CA 131 ? 1_555 O   ? C HOH .  ? A HOH 191 ? 1_555 73.8  ? 
# 
loop_
_pdbx_audit_revision_history.ordinal 
_pdbx_audit_revision_history.data_content_type 
_pdbx_audit_revision_history.major_revision 
_pdbx_audit_revision_history.minor_revision 
_pdbx_audit_revision_history.revision_date 
1 'Structure model' 1 0 2012-09-12 
2 'Structure model' 1 1 2013-10-09 
3 'Structure model' 1 2 2023-11-01 
# 
_pdbx_audit_revision_details.ordinal             1 
_pdbx_audit_revision_details.revision_ordinal    1 
_pdbx_audit_revision_details.data_content_type   'Structure model' 
_pdbx_audit_revision_details.provider            repository 
_pdbx_audit_revision_details.type                'Initial release' 
_pdbx_audit_revision_details.description         ? 
_pdbx_audit_revision_details.details             ? 
# 
loop_
_pdbx_audit_revision_group.ordinal 
_pdbx_audit_revision_group.revision_ordinal 
_pdbx_audit_revision_group.data_content_type 
_pdbx_audit_revision_group.group 
1 2 'Structure model' 'Database references'    
2 2 'Structure model' Other                    
3 3 'Structure model' 'Data collection'        
4 3 'Structure model' 'Database references'    
5 3 'Structure model' 'Derived calculations'   
6 3 'Structure model' 'Refinement description' 
# 
loop_
_pdbx_audit_revision_category.ordinal 
_pdbx_audit_revision_category.revision_ordinal 
_pdbx_audit_revision_category.data_content_type 
_pdbx_audit_revision_category.category 
1 3 'Structure model' chem_comp_atom                
2 3 'Structure model' chem_comp_bond                
3 3 'Structure model' database_2                    
4 3 'Structure model' pdbx_initial_refinement_model 
5 3 'Structure model' pdbx_struct_conn_angle        
6 3 'Structure model' struct_conn                   
7 3 'Structure model' struct_ref_seq_dif            
8 3 'Structure model' struct_site                   
# 
loop_
_pdbx_audit_revision_item.ordinal 
_pdbx_audit_revision_item.revision_ordinal 
_pdbx_audit_revision_item.data_content_type 
_pdbx_audit_revision_item.item 
1  3 'Structure model' '_database_2.pdbx_DOI'                        
2  3 'Structure model' '_database_2.pdbx_database_accession'         
3  3 'Structure model' '_pdbx_struct_conn_angle.ptnr1_auth_comp_id'  
4  3 'Structure model' '_pdbx_struct_conn_angle.ptnr1_auth_seq_id'   
5  3 'Structure model' '_pdbx_struct_conn_angle.ptnr1_label_asym_id' 
6  3 'Structure model' '_pdbx_struct_conn_angle.ptnr1_label_atom_id' 
7  3 'Structure model' '_pdbx_struct_conn_angle.ptnr1_label_comp_id' 
8  3 'Structure model' '_pdbx_struct_conn_angle.ptnr1_label_seq_id'  
9  3 'Structure model' '_pdbx_struct_conn_angle.ptnr3_auth_comp_id'  
10 3 'Structure model' '_pdbx_struct_conn_angle.ptnr3_auth_seq_id'   
11 3 'Structure model' '_pdbx_struct_conn_angle.ptnr3_label_asym_id' 
12 3 'Structure model' '_pdbx_struct_conn_angle.ptnr3_label_atom_id' 
13 3 'Structure model' '_pdbx_struct_conn_angle.ptnr3_label_comp_id' 
14 3 'Structure model' '_pdbx_struct_conn_angle.ptnr3_label_seq_id'  
15 3 'Structure model' '_pdbx_struct_conn_angle.value'               
16 3 'Structure model' '_struct_conn.pdbx_dist_value'                
17 3 'Structure model' '_struct_conn.ptnr1_auth_comp_id'             
18 3 'Structure model' '_struct_conn.ptnr1_auth_seq_id'              
19 3 'Structure model' '_struct_conn.ptnr1_label_asym_id'            
20 3 'Structure model' '_struct_conn.ptnr1_label_atom_id'            
21 3 'Structure model' '_struct_conn.ptnr1_label_comp_id'            
22 3 'Structure model' '_struct_conn.ptnr1_label_seq_id'             
23 3 'Structure model' '_struct_conn.ptnr2_auth_comp_id'             
24 3 'Structure model' '_struct_conn.ptnr2_auth_seq_id'              
25 3 'Structure model' '_struct_conn.ptnr2_label_asym_id'            
26 3 'Structure model' '_struct_conn.ptnr2_label_atom_id'            
27 3 'Structure model' '_struct_conn.ptnr2_label_comp_id'            
28 3 'Structure model' '_struct_ref_seq_dif.details'                 
29 3 'Structure model' '_struct_site.pdbx_auth_asym_id'              
30 3 'Structure model' '_struct_site.pdbx_auth_comp_id'              
31 3 'Structure model' '_struct_site.pdbx_auth_seq_id'               
# 
loop_
_software.name 
_software.classification 
_software.version 
_software.citation_id 
_software.pdbx_ordinal 
MAR345dtb 'data collection' .   ? 1 
AMoRE     phasing           .   ? 2 
CNS       refinement        1.2 ? 3 
AUTOMAR   'data reduction'  .   ? 4 
# 
loop_
_pdbx_unobs_or_zero_occ_atoms.id 
_pdbx_unobs_or_zero_occ_atoms.PDB_model_num 
_pdbx_unobs_or_zero_occ_atoms.polymer_flag 
_pdbx_unobs_or_zero_occ_atoms.occupancy_flag 
_pdbx_unobs_or_zero_occ_atoms.auth_asym_id 
_pdbx_unobs_or_zero_occ_atoms.auth_comp_id 
_pdbx_unobs_or_zero_occ_atoms.auth_seq_id 
_pdbx_unobs_or_zero_occ_atoms.PDB_ins_code 
_pdbx_unobs_or_zero_occ_atoms.auth_atom_id 
_pdbx_unobs_or_zero_occ_atoms.label_alt_id 
_pdbx_unobs_or_zero_occ_atoms.label_asym_id 
_pdbx_unobs_or_zero_occ_atoms.label_comp_id 
_pdbx_unobs_or_zero_occ_atoms.label_seq_id 
_pdbx_unobs_or_zero_occ_atoms.label_atom_id 
1 1 Y 1 A LEU 5 ? CG  ? A LEU 9 CG  
2 1 Y 1 A LEU 5 ? CD1 ? A LEU 9 CD1 
3 1 Y 1 A LEU 5 ? CD2 ? A LEU 9 CD2 
# 
loop_
_pdbx_unobs_or_zero_occ_residues.id 
_pdbx_unobs_or_zero_occ_residues.PDB_model_num 
_pdbx_unobs_or_zero_occ_residues.polymer_flag 
_pdbx_unobs_or_zero_occ_residues.occupancy_flag 
_pdbx_unobs_or_zero_occ_residues.auth_asym_id 
_pdbx_unobs_or_zero_occ_residues.auth_comp_id 
_pdbx_unobs_or_zero_occ_residues.auth_seq_id 
_pdbx_unobs_or_zero_occ_residues.PDB_ins_code 
_pdbx_unobs_or_zero_occ_residues.label_asym_id 
_pdbx_unobs_or_zero_occ_residues.label_comp_id 
_pdbx_unobs_or_zero_occ_residues.label_seq_id 
1  1 Y 1 A GLY -3  ? A GLY 1   
2  1 Y 1 A SER -2  ? A SER 2   
3  1 Y 1 A HIS -1  ? A HIS 3   
4  1 Y 1 A MET 0   ? A MET 4   
5  1 Y 1 A MET 1   ? A MET 5   
6  1 Y 1 A GLU 2   ? A GLU 6   
7  1 Y 1 A ALA 3   ? A ALA 7   
8  1 Y 1 A ILE 4   ? A ILE 8   
9  1 Y 1 A ARG 129 ? A ARG 133 
10 1 Y 1 A LEU 130 ? A LEU 134 
# 
loop_
_chem_comp_atom.comp_id 
_chem_comp_atom.atom_id 
_chem_comp_atom.type_symbol 
_chem_comp_atom.pdbx_aromatic_flag 
_chem_comp_atom.pdbx_stereo_config 
_chem_comp_atom.pdbx_ordinal 
ALA N    N  N N 1   
ALA CA   C  N S 2   
ALA C    C  N N 3   
ALA O    O  N N 4   
ALA CB   C  N N 5   
ALA OXT  O  N N 6   
ALA H    H  N N 7   
ALA H2   H  N N 8   
ALA HA   H  N N 9   
ALA HB1  H  N N 10  
ALA HB2  H  N N 11  
ALA HB3  H  N N 12  
ALA HXT  H  N N 13  
ARG N    N  N N 14  
ARG CA   C  N S 15  
ARG C    C  N N 16  
ARG O    O  N N 17  
ARG CB   C  N N 18  
ARG CG   C  N N 19  
ARG CD   C  N N 20  
ARG NE   N  N N 21  
ARG CZ   C  N N 22  
ARG NH1  N  N N 23  
ARG NH2  N  N N 24  
ARG OXT  O  N N 25  
ARG H    H  N N 26  
ARG H2   H  N N 27  
ARG HA   H  N N 28  
ARG HB2  H  N N 29  
ARG HB3  H  N N 30  
ARG HG2  H  N N 31  
ARG HG3  H  N N 32  
ARG HD2  H  N N 33  
ARG HD3  H  N N 34  
ARG HE   H  N N 35  
ARG HH11 H  N N 36  
ARG HH12 H  N N 37  
ARG HH21 H  N N 38  
ARG HH22 H  N N 39  
ARG HXT  H  N N 40  
ASN N    N  N N 41  
ASN CA   C  N S 42  
ASN C    C  N N 43  
ASN O    O  N N 44  
ASN CB   C  N N 45  
ASN CG   C  N N 46  
ASN OD1  O  N N 47  
ASN ND2  N  N N 48  
ASN OXT  O  N N 49  
ASN H    H  N N 50  
ASN H2   H  N N 51  
ASN HA   H  N N 52  
ASN HB2  H  N N 53  
ASN HB3  H  N N 54  
ASN HD21 H  N N 55  
ASN HD22 H  N N 56  
ASN HXT  H  N N 57  
ASP N    N  N N 58  
ASP CA   C  N S 59  
ASP C    C  N N 60  
ASP O    O  N N 61  
ASP CB   C  N N 62  
ASP CG   C  N N 63  
ASP OD1  O  N N 64  
ASP OD2  O  N N 65  
ASP OXT  O  N N 66  
ASP H    H  N N 67  
ASP H2   H  N N 68  
ASP HA   H  N N 69  
ASP HB2  H  N N 70  
ASP HB3  H  N N 71  
ASP HD2  H  N N 72  
ASP HXT  H  N N 73  
CA  CA   CA N N 74  
GLN N    N  N N 75  
GLN CA   C  N S 76  
GLN C    C  N N 77  
GLN O    O  N N 78  
GLN CB   C  N N 79  
GLN CG   C  N N 80  
GLN CD   C  N N 81  
GLN OE1  O  N N 82  
GLN NE2  N  N N 83  
GLN OXT  O  N N 84  
GLN H    H  N N 85  
GLN H2   H  N N 86  
GLN HA   H  N N 87  
GLN HB2  H  N N 88  
GLN HB3  H  N N 89  
GLN HG2  H  N N 90  
GLN HG3  H  N N 91  
GLN HE21 H  N N 92  
GLN HE22 H  N N 93  
GLN HXT  H  N N 94  
GLU N    N  N N 95  
GLU CA   C  N S 96  
GLU C    C  N N 97  
GLU O    O  N N 98  
GLU CB   C  N N 99  
GLU CG   C  N N 100 
GLU CD   C  N N 101 
GLU OE1  O  N N 102 
GLU OE2  O  N N 103 
GLU OXT  O  N N 104 
GLU H    H  N N 105 
GLU H2   H  N N 106 
GLU HA   H  N N 107 
GLU HB2  H  N N 108 
GLU HB3  H  N N 109 
GLU HG2  H  N N 110 
GLU HG3  H  N N 111 
GLU HE2  H  N N 112 
GLU HXT  H  N N 113 
GLY N    N  N N 114 
GLY CA   C  N N 115 
GLY C    C  N N 116 
GLY O    O  N N 117 
GLY OXT  O  N N 118 
GLY H    H  N N 119 
GLY H2   H  N N 120 
GLY HA2  H  N N 121 
GLY HA3  H  N N 122 
GLY HXT  H  N N 123 
HIS N    N  N N 124 
HIS CA   C  N S 125 
HIS C    C  N N 126 
HIS O    O  N N 127 
HIS CB   C  N N 128 
HIS CG   C  Y N 129 
HIS ND1  N  Y N 130 
HIS CD2  C  Y N 131 
HIS CE1  C  Y N 132 
HIS NE2  N  Y N 133 
HIS OXT  O  N N 134 
HIS H    H  N N 135 
HIS H2   H  N N 136 
HIS HA   H  N N 137 
HIS HB2  H  N N 138 
HIS HB3  H  N N 139 
HIS HD1  H  N N 140 
HIS HD2  H  N N 141 
HIS HE1  H  N N 142 
HIS HE2  H  N N 143 
HIS HXT  H  N N 144 
HOH O    O  N N 145 
HOH H1   H  N N 146 
HOH H2   H  N N 147 
ILE N    N  N N 148 
ILE CA   C  N S 149 
ILE C    C  N N 150 
ILE O    O  N N 151 
ILE CB   C  N S 152 
ILE CG1  C  N N 153 
ILE CG2  C  N N 154 
ILE CD1  C  N N 155 
ILE OXT  O  N N 156 
ILE H    H  N N 157 
ILE H2   H  N N 158 
ILE HA   H  N N 159 
ILE HB   H  N N 160 
ILE HG12 H  N N 161 
ILE HG13 H  N N 162 
ILE HG21 H  N N 163 
ILE HG22 H  N N 164 
ILE HG23 H  N N 165 
ILE HD11 H  N N 166 
ILE HD12 H  N N 167 
ILE HD13 H  N N 168 
ILE HXT  H  N N 169 
LEU N    N  N N 170 
LEU CA   C  N S 171 
LEU C    C  N N 172 
LEU O    O  N N 173 
LEU CB   C  N N 174 
LEU CG   C  N N 175 
LEU CD1  C  N N 176 
LEU CD2  C  N N 177 
LEU OXT  O  N N 178 
LEU H    H  N N 179 
LEU H2   H  N N 180 
LEU HA   H  N N 181 
LEU HB2  H  N N 182 
LEU HB3  H  N N 183 
LEU HG   H  N N 184 
LEU HD11 H  N N 185 
LEU HD12 H  N N 186 
LEU HD13 H  N N 187 
LEU HD21 H  N N 188 
LEU HD22 H  N N 189 
LEU HD23 H  N N 190 
LEU HXT  H  N N 191 
LYS N    N  N N 192 
LYS CA   C  N S 193 
LYS C    C  N N 194 
LYS O    O  N N 195 
LYS CB   C  N N 196 
LYS CG   C  N N 197 
LYS CD   C  N N 198 
LYS CE   C  N N 199 
LYS NZ   N  N N 200 
LYS OXT  O  N N 201 
LYS H    H  N N 202 
LYS H2   H  N N 203 
LYS HA   H  N N 204 
LYS HB2  H  N N 205 
LYS HB3  H  N N 206 
LYS HG2  H  N N 207 
LYS HG3  H  N N 208 
LYS HD2  H  N N 209 
LYS HD3  H  N N 210 
LYS HE2  H  N N 211 
LYS HE3  H  N N 212 
LYS HZ1  H  N N 213 
LYS HZ2  H  N N 214 
LYS HZ3  H  N N 215 
LYS HXT  H  N N 216 
MET N    N  N N 217 
MET CA   C  N S 218 
MET C    C  N N 219 
MET O    O  N N 220 
MET CB   C  N N 221 
MET CG   C  N N 222 
MET SD   S  N N 223 
MET CE   C  N N 224 
MET OXT  O  N N 225 
MET H    H  N N 226 
MET H2   H  N N 227 
MET HA   H  N N 228 
MET HB2  H  N N 229 
MET HB3  H  N N 230 
MET HG2  H  N N 231 
MET HG3  H  N N 232 
MET HE1  H  N N 233 
MET HE2  H  N N 234 
MET HE3  H  N N 235 
MET HXT  H  N N 236 
PHE N    N  N N 237 
PHE CA   C  N S 238 
PHE C    C  N N 239 
PHE O    O  N N 240 
PHE CB   C  N N 241 
PHE CG   C  Y N 242 
PHE CD1  C  Y N 243 
PHE CD2  C  Y N 244 
PHE CE1  C  Y N 245 
PHE CE2  C  Y N 246 
PHE CZ   C  Y N 247 
PHE OXT  O  N N 248 
PHE H    H  N N 249 
PHE H2   H  N N 250 
PHE HA   H  N N 251 
PHE HB2  H  N N 252 
PHE HB3  H  N N 253 
PHE HD1  H  N N 254 
PHE HD2  H  N N 255 
PHE HE1  H  N N 256 
PHE HE2  H  N N 257 
PHE HZ   H  N N 258 
PHE HXT  H  N N 259 
PRO N    N  N N 260 
PRO CA   C  N S 261 
PRO C    C  N N 262 
PRO O    O  N N 263 
PRO CB   C  N N 264 
PRO CG   C  N N 265 
PRO CD   C  N N 266 
PRO OXT  O  N N 267 
PRO H    H  N N 268 
PRO HA   H  N N 269 
PRO HB2  H  N N 270 
PRO HB3  H  N N 271 
PRO HG2  H  N N 272 
PRO HG3  H  N N 273 
PRO HD2  H  N N 274 
PRO HD3  H  N N 275 
PRO HXT  H  N N 276 
SER N    N  N N 277 
SER CA   C  N S 278 
SER C    C  N N 279 
SER O    O  N N 280 
SER CB   C  N N 281 
SER OG   O  N N 282 
SER OXT  O  N N 283 
SER H    H  N N 284 
SER H2   H  N N 285 
SER HA   H  N N 286 
SER HB2  H  N N 287 
SER HB3  H  N N 288 
SER HG   H  N N 289 
SER HXT  H  N N 290 
THR N    N  N N 291 
THR CA   C  N S 292 
THR C    C  N N 293 
THR O    O  N N 294 
THR CB   C  N R 295 
THR OG1  O  N N 296 
THR CG2  C  N N 297 
THR OXT  O  N N 298 
THR H    H  N N 299 
THR H2   H  N N 300 
THR HA   H  N N 301 
THR HB   H  N N 302 
THR HG1  H  N N 303 
THR HG21 H  N N 304 
THR HG22 H  N N 305 
THR HG23 H  N N 306 
THR HXT  H  N N 307 
TRP N    N  N N 308 
TRP CA   C  N S 309 
TRP C    C  N N 310 
TRP O    O  N N 311 
TRP CB   C  N N 312 
TRP CG   C  Y N 313 
TRP CD1  C  Y N 314 
TRP CD2  C  Y N 315 
TRP NE1  N  Y N 316 
TRP CE2  C  Y N 317 
TRP CE3  C  Y N 318 
TRP CZ2  C  Y N 319 
TRP CZ3  C  Y N 320 
TRP CH2  C  Y N 321 
TRP OXT  O  N N 322 
TRP H    H  N N 323 
TRP H2   H  N N 324 
TRP HA   H  N N 325 
TRP HB2  H  N N 326 
TRP HB3  H  N N 327 
TRP HD1  H  N N 328 
TRP HE1  H  N N 329 
TRP HE3  H  N N 330 
TRP HZ2  H  N N 331 
TRP HZ3  H  N N 332 
TRP HH2  H  N N 333 
TRP HXT  H  N N 334 
TYR N    N  N N 335 
TYR CA   C  N S 336 
TYR C    C  N N 337 
TYR O    O  N N 338 
TYR CB   C  N N 339 
TYR CG   C  Y N 340 
TYR CD1  C  Y N 341 
TYR CD2  C  Y N 342 
TYR CE1  C  Y N 343 
TYR CE2  C  Y N 344 
TYR CZ   C  Y N 345 
TYR OH   O  N N 346 
TYR OXT  O  N N 347 
TYR H    H  N N 348 
TYR H2   H  N N 349 
TYR HA   H  N N 350 
TYR HB2  H  N N 351 
TYR HB3  H  N N 352 
TYR HD1  H  N N 353 
TYR HD2  H  N N 354 
TYR HE1  H  N N 355 
TYR HE2  H  N N 356 
TYR HH   H  N N 357 
TYR HXT  H  N N 358 
VAL N    N  N N 359 
VAL CA   C  N S 360 
VAL C    C  N N 361 
VAL O    O  N N 362 
VAL CB   C  N N 363 
VAL CG1  C  N N 364 
VAL CG2  C  N N 365 
VAL OXT  O  N N 366 
VAL H    H  N N 367 
VAL H2   H  N N 368 
VAL HA   H  N N 369 
VAL HB   H  N N 370 
VAL HG11 H  N N 371 
VAL HG12 H  N N 372 
VAL HG13 H  N N 373 
VAL HG21 H  N N 374 
VAL HG22 H  N N 375 
VAL HG23 H  N N 376 
VAL HXT  H  N N 377 
# 
loop_
_chem_comp_bond.comp_id 
_chem_comp_bond.atom_id_1 
_chem_comp_bond.atom_id_2 
_chem_comp_bond.value_order 
_chem_comp_bond.pdbx_aromatic_flag 
_chem_comp_bond.pdbx_stereo_config 
_chem_comp_bond.pdbx_ordinal 
ALA N   CA   sing N N 1   
ALA N   H    sing N N 2   
ALA N   H2   sing N N 3   
ALA CA  C    sing N N 4   
ALA CA  CB   sing N N 5   
ALA CA  HA   sing N N 6   
ALA C   O    doub N N 7   
ALA C   OXT  sing N N 8   
ALA CB  HB1  sing N N 9   
ALA CB  HB2  sing N N 10  
ALA CB  HB3  sing N N 11  
ALA OXT HXT  sing N N 12  
ARG N   CA   sing N N 13  
ARG N   H    sing N N 14  
ARG N   H2   sing N N 15  
ARG CA  C    sing N N 16  
ARG CA  CB   sing N N 17  
ARG CA  HA   sing N N 18  
ARG C   O    doub N N 19  
ARG C   OXT  sing N N 20  
ARG CB  CG   sing N N 21  
ARG CB  HB2  sing N N 22  
ARG CB  HB3  sing N N 23  
ARG CG  CD   sing N N 24  
ARG CG  HG2  sing N N 25  
ARG CG  HG3  sing N N 26  
ARG CD  NE   sing N N 27  
ARG CD  HD2  sing N N 28  
ARG CD  HD3  sing N N 29  
ARG NE  CZ   sing N N 30  
ARG NE  HE   sing N N 31  
ARG CZ  NH1  sing N N 32  
ARG CZ  NH2  doub N N 33  
ARG NH1 HH11 sing N N 34  
ARG NH1 HH12 sing N N 35  
ARG NH2 HH21 sing N N 36  
ARG NH2 HH22 sing N N 37  
ARG OXT HXT  sing N N 38  
ASN N   CA   sing N N 39  
ASN N   H    sing N N 40  
ASN N   H2   sing N N 41  
ASN CA  C    sing N N 42  
ASN CA  CB   sing N N 43  
ASN CA  HA   sing N N 44  
ASN C   O    doub N N 45  
ASN C   OXT  sing N N 46  
ASN CB  CG   sing N N 47  
ASN CB  HB2  sing N N 48  
ASN CB  HB3  sing N N 49  
ASN CG  OD1  doub N N 50  
ASN CG  ND2  sing N N 51  
ASN ND2 HD21 sing N N 52  
ASN ND2 HD22 sing N N 53  
ASN OXT HXT  sing N N 54  
ASP N   CA   sing N N 55  
ASP N   H    sing N N 56  
ASP N   H2   sing N N 57  
ASP CA  C    sing N N 58  
ASP CA  CB   sing N N 59  
ASP CA  HA   sing N N 60  
ASP C   O    doub N N 61  
ASP C   OXT  sing N N 62  
ASP CB  CG   sing N N 63  
ASP CB  HB2  sing N N 64  
ASP CB  HB3  sing N N 65  
ASP CG  OD1  doub N N 66  
ASP CG  OD2  sing N N 67  
ASP OD2 HD2  sing N N 68  
ASP OXT HXT  sing N N 69  
GLN N   CA   sing N N 70  
GLN N   H    sing N N 71  
GLN N   H2   sing N N 72  
GLN CA  C    sing N N 73  
GLN CA  CB   sing N N 74  
GLN CA  HA   sing N N 75  
GLN C   O    doub N N 76  
GLN C   OXT  sing N N 77  
GLN CB  CG   sing N N 78  
GLN CB  HB2  sing N N 79  
GLN CB  HB3  sing N N 80  
GLN CG  CD   sing N N 81  
GLN CG  HG2  sing N N 82  
GLN CG  HG3  sing N N 83  
GLN CD  OE1  doub N N 84  
GLN CD  NE2  sing N N 85  
GLN NE2 HE21 sing N N 86  
GLN NE2 HE22 sing N N 87  
GLN OXT HXT  sing N N 88  
GLU N   CA   sing N N 89  
GLU N   H    sing N N 90  
GLU N   H2   sing N N 91  
GLU CA  C    sing N N 92  
GLU CA  CB   sing N N 93  
GLU CA  HA   sing N N 94  
GLU C   O    doub N N 95  
GLU C   OXT  sing N N 96  
GLU CB  CG   sing N N 97  
GLU CB  HB2  sing N N 98  
GLU CB  HB3  sing N N 99  
GLU CG  CD   sing N N 100 
GLU CG  HG2  sing N N 101 
GLU CG  HG3  sing N N 102 
GLU CD  OE1  doub N N 103 
GLU CD  OE2  sing N N 104 
GLU OE2 HE2  sing N N 105 
GLU OXT HXT  sing N N 106 
GLY N   CA   sing N N 107 
GLY N   H    sing N N 108 
GLY N   H2   sing N N 109 
GLY CA  C    sing N N 110 
GLY CA  HA2  sing N N 111 
GLY CA  HA3  sing N N 112 
GLY C   O    doub N N 113 
GLY C   OXT  sing N N 114 
GLY OXT HXT  sing N N 115 
HIS N   CA   sing N N 116 
HIS N   H    sing N N 117 
HIS N   H2   sing N N 118 
HIS CA  C    sing N N 119 
HIS CA  CB   sing N N 120 
HIS CA  HA   sing N N 121 
HIS C   O    doub N N 122 
HIS C   OXT  sing N N 123 
HIS CB  CG   sing N N 124 
HIS CB  HB2  sing N N 125 
HIS CB  HB3  sing N N 126 
HIS CG  ND1  sing Y N 127 
HIS CG  CD2  doub Y N 128 
HIS ND1 CE1  doub Y N 129 
HIS ND1 HD1  sing N N 130 
HIS CD2 NE2  sing Y N 131 
HIS CD2 HD2  sing N N 132 
HIS CE1 NE2  sing Y N 133 
HIS CE1 HE1  sing N N 134 
HIS NE2 HE2  sing N N 135 
HIS OXT HXT  sing N N 136 
HOH O   H1   sing N N 137 
HOH O   H2   sing N N 138 
ILE N   CA   sing N N 139 
ILE N   H    sing N N 140 
ILE N   H2   sing N N 141 
ILE CA  C    sing N N 142 
ILE CA  CB   sing N N 143 
ILE CA  HA   sing N N 144 
ILE C   O    doub N N 145 
ILE C   OXT  sing N N 146 
ILE CB  CG1  sing N N 147 
ILE CB  CG2  sing N N 148 
ILE CB  HB   sing N N 149 
ILE CG1 CD1  sing N N 150 
ILE CG1 HG12 sing N N 151 
ILE CG1 HG13 sing N N 152 
ILE CG2 HG21 sing N N 153 
ILE CG2 HG22 sing N N 154 
ILE CG2 HG23 sing N N 155 
ILE CD1 HD11 sing N N 156 
ILE CD1 HD12 sing N N 157 
ILE CD1 HD13 sing N N 158 
ILE OXT HXT  sing N N 159 
LEU N   CA   sing N N 160 
LEU N   H    sing N N 161 
LEU N   H2   sing N N 162 
LEU CA  C    sing N N 163 
LEU CA  CB   sing N N 164 
LEU CA  HA   sing N N 165 
LEU C   O    doub N N 166 
LEU C   OXT  sing N N 167 
LEU CB  CG   sing N N 168 
LEU CB  HB2  sing N N 169 
LEU CB  HB3  sing N N 170 
LEU CG  CD1  sing N N 171 
LEU CG  CD2  sing N N 172 
LEU CG  HG   sing N N 173 
LEU CD1 HD11 sing N N 174 
LEU CD1 HD12 sing N N 175 
LEU CD1 HD13 sing N N 176 
LEU CD2 HD21 sing N N 177 
LEU CD2 HD22 sing N N 178 
LEU CD2 HD23 sing N N 179 
LEU OXT HXT  sing N N 180 
LYS N   CA   sing N N 181 
LYS N   H    sing N N 182 
LYS N   H2   sing N N 183 
LYS CA  C    sing N N 184 
LYS CA  CB   sing N N 185 
LYS CA  HA   sing N N 186 
LYS C   O    doub N N 187 
LYS C   OXT  sing N N 188 
LYS CB  CG   sing N N 189 
LYS CB  HB2  sing N N 190 
LYS CB  HB3  sing N N 191 
LYS CG  CD   sing N N 192 
LYS CG  HG2  sing N N 193 
LYS CG  HG3  sing N N 194 
LYS CD  CE   sing N N 195 
LYS CD  HD2  sing N N 196 
LYS CD  HD3  sing N N 197 
LYS CE  NZ   sing N N 198 
LYS CE  HE2  sing N N 199 
LYS CE  HE3  sing N N 200 
LYS NZ  HZ1  sing N N 201 
LYS NZ  HZ2  sing N N 202 
LYS NZ  HZ3  sing N N 203 
LYS OXT HXT  sing N N 204 
MET N   CA   sing N N 205 
MET N   H    sing N N 206 
MET N   H2   sing N N 207 
MET CA  C    sing N N 208 
MET CA  CB   sing N N 209 
MET CA  HA   sing N N 210 
MET C   O    doub N N 211 
MET C   OXT  sing N N 212 
MET CB  CG   sing N N 213 
MET CB  HB2  sing N N 214 
MET CB  HB3  sing N N 215 
MET CG  SD   sing N N 216 
MET CG  HG2  sing N N 217 
MET CG  HG3  sing N N 218 
MET SD  CE   sing N N 219 
MET CE  HE1  sing N N 220 
MET CE  HE2  sing N N 221 
MET CE  HE3  sing N N 222 
MET OXT HXT  sing N N 223 
PHE N   CA   sing N N 224 
PHE N   H    sing N N 225 
PHE N   H2   sing N N 226 
PHE CA  C    sing N N 227 
PHE CA  CB   sing N N 228 
PHE CA  HA   sing N N 229 
PHE C   O    doub N N 230 
PHE C   OXT  sing N N 231 
PHE CB  CG   sing N N 232 
PHE CB  HB2  sing N N 233 
PHE CB  HB3  sing N N 234 
PHE CG  CD1  doub Y N 235 
PHE CG  CD2  sing Y N 236 
PHE CD1 CE1  sing Y N 237 
PHE CD1 HD1  sing N N 238 
PHE CD2 CE2  doub Y N 239 
PHE CD2 HD2  sing N N 240 
PHE CE1 CZ   doub Y N 241 
PHE CE1 HE1  sing N N 242 
PHE CE2 CZ   sing Y N 243 
PHE CE2 HE2  sing N N 244 
PHE CZ  HZ   sing N N 245 
PHE OXT HXT  sing N N 246 
PRO N   CA   sing N N 247 
PRO N   CD   sing N N 248 
PRO N   H    sing N N 249 
PRO CA  C    sing N N 250 
PRO CA  CB   sing N N 251 
PRO CA  HA   sing N N 252 
PRO C   O    doub N N 253 
PRO C   OXT  sing N N 254 
PRO CB  CG   sing N N 255 
PRO CB  HB2  sing N N 256 
PRO CB  HB3  sing N N 257 
PRO CG  CD   sing N N 258 
PRO CG  HG2  sing N N 259 
PRO CG  HG3  sing N N 260 
PRO CD  HD2  sing N N 261 
PRO CD  HD3  sing N N 262 
PRO OXT HXT  sing N N 263 
SER N   CA   sing N N 264 
SER N   H    sing N N 265 
SER N   H2   sing N N 266 
SER CA  C    sing N N 267 
SER CA  CB   sing N N 268 
SER CA  HA   sing N N 269 
SER C   O    doub N N 270 
SER C   OXT  sing N N 271 
SER CB  OG   sing N N 272 
SER CB  HB2  sing N N 273 
SER CB  HB3  sing N N 274 
SER OG  HG   sing N N 275 
SER OXT HXT  sing N N 276 
THR N   CA   sing N N 277 
THR N   H    sing N N 278 
THR N   H2   sing N N 279 
THR CA  C    sing N N 280 
THR CA  CB   sing N N 281 
THR CA  HA   sing N N 282 
THR C   O    doub N N 283 
THR C   OXT  sing N N 284 
THR CB  OG1  sing N N 285 
THR CB  CG2  sing N N 286 
THR CB  HB   sing N N 287 
THR OG1 HG1  sing N N 288 
THR CG2 HG21 sing N N 289 
THR CG2 HG22 sing N N 290 
THR CG2 HG23 sing N N 291 
THR OXT HXT  sing N N 292 
TRP N   CA   sing N N 293 
TRP N   H    sing N N 294 
TRP N   H2   sing N N 295 
TRP CA  C    sing N N 296 
TRP CA  CB   sing N N 297 
TRP CA  HA   sing N N 298 
TRP C   O    doub N N 299 
TRP C   OXT  sing N N 300 
TRP CB  CG   sing N N 301 
TRP CB  HB2  sing N N 302 
TRP CB  HB3  sing N N 303 
TRP CG  CD1  doub Y N 304 
TRP CG  CD2  sing Y N 305 
TRP CD1 NE1  sing Y N 306 
TRP CD1 HD1  sing N N 307 
TRP CD2 CE2  doub Y N 308 
TRP CD2 CE3  sing Y N 309 
TRP NE1 CE2  sing Y N 310 
TRP NE1 HE1  sing N N 311 
TRP CE2 CZ2  sing Y N 312 
TRP CE3 CZ3  doub Y N 313 
TRP CE3 HE3  sing N N 314 
TRP CZ2 CH2  doub Y N 315 
TRP CZ2 HZ2  sing N N 316 
TRP CZ3 CH2  sing Y N 317 
TRP CZ3 HZ3  sing N N 318 
TRP CH2 HH2  sing N N 319 
TRP OXT HXT  sing N N 320 
TYR N   CA   sing N N 321 
TYR N   H    sing N N 322 
TYR N   H2   sing N N 323 
TYR CA  C    sing N N 324 
TYR CA  CB   sing N N 325 
TYR CA  HA   sing N N 326 
TYR C   O    doub N N 327 
TYR C   OXT  sing N N 328 
TYR CB  CG   sing N N 329 
TYR CB  HB2  sing N N 330 
TYR CB  HB3  sing N N 331 
TYR CG  CD1  doub Y N 332 
TYR CG  CD2  sing Y N 333 
TYR CD1 CE1  sing Y N 334 
TYR CD1 HD1  sing N N 335 
TYR CD2 CE2  doub Y N 336 
TYR CD2 HD2  sing N N 337 
TYR CE1 CZ   doub Y N 338 
TYR CE1 HE1  sing N N 339 
TYR CE2 CZ   sing Y N 340 
TYR CE2 HE2  sing N N 341 
TYR CZ  OH   sing N N 342 
TYR OH  HH   sing N N 343 
TYR OXT HXT  sing N N 344 
VAL N   CA   sing N N 345 
VAL N   H    sing N N 346 
VAL N   H2   sing N N 347 
VAL CA  C    sing N N 348 
VAL CA  CB   sing N N 349 
VAL CA  HA   sing N N 350 
VAL C   O    doub N N 351 
VAL C   OXT  sing N N 352 
VAL CB  CG1  sing N N 353 
VAL CB  CG2  sing N N 354 
VAL CB  HB   sing N N 355 
VAL CG1 HG11 sing N N 356 
VAL CG1 HG12 sing N N 357 
VAL CG1 HG13 sing N N 358 
VAL CG2 HG21 sing N N 359 
VAL CG2 HG22 sing N N 360 
VAL CG2 HG23 sing N N 361 
VAL OXT HXT  sing N N 362 
# 
loop_
_pdbx_entity_nonpoly.entity_id 
_pdbx_entity_nonpoly.name 
_pdbx_entity_nonpoly.comp_id 
2 'CALCIUM ION' CA  
3 water         HOH 
# 
_pdbx_initial_refinement_model.id               1 
_pdbx_initial_refinement_model.entity_id_list   ? 
_pdbx_initial_refinement_model.type             'experimental model' 
_pdbx_initial_refinement_model.source_name      PDB 
_pdbx_initial_refinement_model.accession_code   2CHE 
_pdbx_initial_refinement_model.details          'PDB ENTRY 2CHE' 
# 
